data_5YZX
#
_entry.id   5YZX
#
_cell.length_a   144.544
_cell.length_b   249.855
_cell.length_c   179.652
_cell.angle_alpha   90.000
_cell.angle_beta   90.000
_cell.angle_gamma   90.000
#
_symmetry.space_group_name_H-M   'C 2 2 21'
#
loop_
_entity.id
_entity.type
_entity.pdbx_description
1 polymer 'Lysine--tRNA ligase, heat inducible'
2 non-polymer "BIS(ADENOSINE)-5'-TETRAPHOSPHATE"
3 non-polymer 'CALCIUM ION'
#
_entity_poly.entity_id   1
_entity_poly.type   'polypeptide(L)'
_entity_poly.pdbx_seq_one_letter_code
;MGSSHHHHHHSSGLVPRGSHMSEQETRGANEAIDFNDELRNRREKLAALRQQGVAFPNDFRRDHTSDQLHEEFDAKDNQE
LESLNIEVSVAGRMMTRRIMGKASFVTLQDVGGRIQLYVARDSLPEGVYNDQFKKWDLGDIIGARGTLFKTQTGELSIHC
TELRLLDKALRPLPDKFHGLQDQEVRYRQRYLDLIANDKSRQTFVVRSKILAAIRQFMVARGFMEVETPMMQVIPGGASA
RPFITHHNALDLDMYLRIAPELYLKRLVVGGFERVFEINRNFRNEGISVRHNPEFTMMELYMAYADYHDLIELTESLFRT
LAQEVLGTTKVTYGEHVFDFGKPFEKLTMREAIKKYRPETDMADLDNFDAAKALAESIGITVEKSWGLGRIVTEIFDEVA
EAHLIQPTFITEYPAEVSPLARRNDVNPEITDRFEFFIGGREIGNGFSELNDAEDQAERFQEQVNAKAAGDDEAMFYDED
YVTALEYGLPPTAGLGIGIDRMIMLFTNSHTIRDVILFPAMRPQK
;
_entity_poly.pdbx_strand_id   A,B,C
#
# COMPACT_ATOMS: atom_id res chain seq x y z
N ILE A 33 -16.57 38.14 21.78
CA ILE A 33 -17.05 38.92 22.94
C ILE A 33 -15.96 39.86 23.42
N ASP A 34 -15.09 39.35 24.29
CA ASP A 34 -13.97 40.16 24.78
C ASP A 34 -12.97 40.48 23.68
N PHE A 35 -12.92 39.66 22.62
CA PHE A 35 -12.01 39.94 21.51
C PHE A 35 -12.47 41.15 20.70
N ASN A 36 -13.77 41.24 20.43
CA ASN A 36 -14.29 42.39 19.69
C ASN A 36 -14.22 43.67 20.51
N ASP A 37 -14.22 43.58 21.85
CA ASP A 37 -14.00 44.77 22.67
C ASP A 37 -12.59 45.30 22.49
N GLU A 38 -11.60 44.40 22.39
CA GLU A 38 -10.24 44.80 22.07
C GLU A 38 -10.16 45.41 20.68
N LEU A 39 -10.86 44.82 19.71
CA LEU A 39 -10.83 45.33 18.34
C LEU A 39 -11.40 46.74 18.28
N ARG A 40 -12.56 46.97 18.90
CA ARG A 40 -13.15 48.29 18.92
C ARG A 40 -12.25 49.28 19.66
N ASN A 41 -11.72 48.88 20.83
CA ASN A 41 -10.89 49.77 21.61
C ASN A 41 -9.65 50.20 20.83
N ARG A 42 -8.91 49.23 20.30
CA ARG A 42 -7.70 49.55 19.55
C ARG A 42 -8.01 50.34 18.28
N ARG A 43 -9.09 49.97 17.58
CA ARG A 43 -9.45 50.69 16.36
C ARG A 43 -9.74 52.16 16.66
N GLU A 44 -10.49 52.43 17.74
CA GLU A 44 -10.74 53.81 18.16
C GLU A 44 -9.46 54.52 18.59
N LYS A 45 -8.50 53.78 19.15
CA LYS A 45 -7.22 54.40 19.49
C LYS A 45 -6.45 54.81 18.23
N LEU A 46 -6.40 53.93 17.22
CA LEU A 46 -5.78 54.29 15.96
C LEU A 46 -6.46 55.51 15.35
N ALA A 47 -7.80 55.52 15.36
CA ALA A 47 -8.52 56.68 14.83
C ALA A 47 -8.15 57.96 15.59
N ALA A 48 -8.01 57.86 16.91
CA ALA A 48 -7.59 59.01 17.68
C ALA A 48 -6.17 59.46 17.28
N LEU A 49 -5.31 58.51 16.91
CA LEU A 49 -3.98 58.89 16.43
C LEU A 49 -4.04 59.56 15.06
N ARG A 50 -4.98 59.14 14.20
CA ARG A 50 -5.21 59.87 12.96
C ARG A 50 -5.63 61.30 13.25
N GLN A 51 -6.53 61.48 14.23
CA GLN A 51 -7.08 62.79 14.52
C GLN A 51 -5.98 63.82 14.76
N GLN A 52 -4.99 63.48 15.58
CA GLN A 52 -4.00 64.44 16.05
C GLN A 52 -2.76 64.50 15.18
N GLY A 53 -2.68 63.77 14.09
CA GLY A 53 -1.48 63.91 13.32
C GLY A 53 -1.15 62.61 12.60
N VAL A 54 0.14 62.43 12.36
CA VAL A 54 0.64 61.22 11.72
C VAL A 54 0.48 60.04 12.68
N ALA A 55 -0.23 59.01 12.22
CA ALA A 55 -0.36 57.75 12.94
C ALA A 55 0.53 56.64 12.38
N PHE A 56 1.29 56.90 11.31
CA PHE A 56 2.16 55.89 10.70
C PHE A 56 3.51 56.49 10.35
N PRO A 57 4.28 56.92 11.35
CA PRO A 57 5.61 57.48 11.05
C PRO A 57 6.56 56.37 10.60
N ASN A 58 7.21 56.59 9.45
CA ASN A 58 8.23 55.67 8.94
C ASN A 58 9.65 56.18 9.17
N ASP A 59 9.81 57.32 9.84
CA ASP A 59 11.10 58.00 9.95
C ASP A 59 12.00 57.47 11.06
N PHE A 60 11.51 56.61 11.93
CA PHE A 60 12.32 56.12 13.04
C PHE A 60 13.39 55.16 12.54
N ARG A 61 14.61 55.35 13.05
CA ARG A 61 15.74 54.50 12.69
C ARG A 61 16.39 53.91 13.94
N ARG A 62 16.78 52.65 13.84
CA ARG A 62 17.44 51.92 14.92
C ARG A 62 18.86 51.56 14.50
N ASP A 63 19.80 51.65 15.45
CA ASP A 63 21.18 51.26 15.19
C ASP A 63 21.55 49.88 15.73
N HIS A 64 20.63 49.18 16.40
CA HIS A 64 20.97 47.91 17.03
C HIS A 64 19.75 47.00 17.07
N THR A 65 20.02 45.70 17.10
CA THR A 65 19.01 44.67 17.36
C THR A 65 19.37 43.94 18.64
N SER A 66 18.37 43.27 19.22
CA SER A 66 18.55 42.67 20.54
C SER A 66 19.67 41.64 20.56
N ASP A 67 19.76 40.82 19.51
CA ASP A 67 20.77 39.76 19.49
C ASP A 67 22.18 40.34 19.46
N GLN A 68 22.35 41.54 18.90
CA GLN A 68 23.67 42.17 18.88
C GLN A 68 24.04 42.71 20.25
N LEU A 69 23.12 43.45 20.88
CA LEU A 69 23.36 43.94 22.22
C LEU A 69 23.64 42.81 23.19
N HIS A 70 22.96 41.66 23.00
CA HIS A 70 23.25 40.50 23.83
C HIS A 70 24.60 39.89 23.48
N GLU A 71 24.87 39.69 22.19
CA GLU A 71 26.13 39.07 21.78
C GLU A 71 27.34 39.92 22.19
N GLU A 72 27.13 41.19 22.54
CA GLU A 72 28.23 42.08 22.93
C GLU A 72 28.28 42.32 24.44
N PHE A 73 27.22 42.88 25.01
CA PHE A 73 27.22 43.39 26.37
C PHE A 73 26.68 42.40 27.41
N ASP A 74 26.41 41.16 27.03
CA ASP A 74 25.82 40.22 27.98
C ASP A 74 26.71 40.01 29.20
N ALA A 75 27.99 39.71 29.00
CA ALA A 75 28.87 39.59 30.15
C ALA A 75 29.70 40.87 30.23
N LYS A 76 29.17 41.82 30.99
CA LYS A 76 29.85 43.04 31.40
C LYS A 76 29.19 43.50 32.68
N ASP A 77 29.98 43.95 33.65
CA ASP A 77 29.40 44.37 34.91
C ASP A 77 28.68 45.70 34.75
N ASN A 78 27.75 45.97 35.68
CA ASN A 78 27.09 47.27 35.66
C ASN A 78 28.08 48.39 35.95
N GLN A 79 29.26 48.07 36.46
CA GLN A 79 30.28 49.10 36.64
C GLN A 79 30.87 49.54 35.32
N GLU A 80 31.13 48.59 34.42
CA GLU A 80 31.67 48.94 33.10
C GLU A 80 30.60 49.61 32.23
N LEU A 81 29.33 49.22 32.38
CA LEU A 81 28.26 49.86 31.63
C LEU A 81 27.91 51.24 32.17
N GLU A 82 28.21 51.52 33.44
CA GLU A 82 27.97 52.85 33.98
C GLU A 82 29.08 53.81 33.57
N SER A 83 30.33 53.34 33.55
CA SER A 83 31.45 54.22 33.19
C SER A 83 31.42 54.55 31.71
N LEU A 84 31.11 53.57 30.86
CA LEU A 84 30.97 53.80 29.43
C LEU A 84 29.52 54.14 29.15
N ASN A 85 29.27 55.35 28.69
CA ASN A 85 27.90 55.80 28.42
C ASN A 85 27.58 55.35 27.01
N ILE A 86 26.70 54.36 26.89
CA ILE A 86 26.42 53.72 25.62
C ILE A 86 24.93 53.92 25.35
N GLU A 87 24.63 54.75 24.36
CA GLU A 87 23.26 55.04 23.96
C GLU A 87 22.96 54.26 22.69
N VAL A 88 21.84 53.53 22.72
CA VAL A 88 21.40 52.75 21.57
C VAL A 88 19.93 53.05 21.32
N SER A 89 19.51 52.77 20.10
CA SER A 89 18.10 52.86 19.71
C SER A 89 17.70 51.53 19.09
N VAL A 90 16.52 51.06 19.47
CA VAL A 90 15.98 49.79 18.99
C VAL A 90 14.52 50.00 18.60
N ALA A 91 13.98 49.04 17.87
CA ALA A 91 12.58 49.11 17.48
C ALA A 91 12.05 47.69 17.38
N GLY A 92 10.80 47.51 17.77
CA GLY A 92 10.23 46.18 17.74
C GLY A 92 8.81 46.19 18.29
N ARG A 93 8.30 44.98 18.51
CA ARG A 93 6.97 44.78 19.03
C ARG A 93 7.01 44.77 20.55
N MET A 94 5.98 45.33 21.18
CA MET A 94 5.91 45.38 22.64
C MET A 94 5.14 44.15 23.12
N MET A 95 5.88 43.18 23.67
CA MET A 95 5.32 41.89 24.05
C MET A 95 4.70 41.87 25.44
N THR A 96 5.38 42.46 26.44
CA THR A 96 4.87 42.48 27.81
C THR A 96 5.12 43.85 28.41
N ARG A 97 4.23 44.26 29.32
CA ARG A 97 4.36 45.53 30.00
C ARG A 97 3.88 45.39 31.44
N ARG A 98 4.64 45.97 32.37
CA ARG A 98 4.24 46.06 33.78
C ARG A 98 4.38 47.51 34.22
N ILE A 99 3.26 48.13 34.58
CA ILE A 99 3.23 49.54 34.95
C ILE A 99 3.22 49.62 36.47
N MET A 100 4.33 50.09 37.03
CA MET A 100 4.49 50.25 38.48
C MET A 100 4.30 51.69 38.95
N GLY A 101 3.71 52.57 38.13
CA GLY A 101 3.42 53.90 38.65
C GLY A 101 4.55 54.88 38.74
N LYS A 102 5.01 55.36 37.59
CA LYS A 102 6.17 56.23 37.31
C LYS A 102 7.42 55.41 37.02
N ALA A 103 7.37 54.10 37.15
CA ALA A 103 8.41 53.23 36.62
C ALA A 103 7.73 51.99 36.05
N SER A 104 8.04 51.66 34.81
CA SER A 104 7.42 50.54 34.12
C SER A 104 8.49 49.74 33.39
N PHE A 105 8.19 48.46 33.17
CA PHE A 105 9.14 47.53 32.56
C PHE A 105 8.50 46.88 31.36
N VAL A 106 9.19 46.95 30.22
CA VAL A 106 8.64 46.52 28.94
C VAL A 106 9.56 45.46 28.33
N THR A 107 8.97 44.45 27.69
CA THR A 107 9.70 43.47 26.91
C THR A 107 9.54 43.79 25.43
N LEU A 108 10.64 44.14 24.78
CA LEU A 108 10.67 44.47 23.36
C LEU A 108 11.22 43.29 22.56
N GLN A 109 10.70 43.11 21.35
CA GLN A 109 11.02 41.93 20.55
C GLN A 109 11.28 42.32 19.11
N ASP A 110 12.40 41.87 18.57
CA ASP A 110 12.77 42.09 17.16
C ASP A 110 13.39 40.81 16.61
N VAL A 111 13.94 40.91 15.40
CA VAL A 111 14.47 39.74 14.68
C VAL A 111 15.37 38.90 15.57
N GLY A 112 16.23 39.55 16.36
CA GLY A 112 17.23 38.83 17.10
C GLY A 112 16.75 38.24 18.41
N GLY A 113 15.62 38.71 18.91
CA GLY A 113 15.23 38.20 20.22
C GLY A 113 14.45 39.27 20.98
N ARG A 114 14.54 39.17 22.30
CA ARG A 114 13.93 40.13 23.19
C ARG A 114 14.99 40.92 23.94
N ILE A 115 14.75 42.21 24.09
CA ILE A 115 15.56 43.10 24.91
C ILE A 115 14.60 43.86 25.81
N GLN A 116 15.06 44.19 27.01
CA GLN A 116 14.19 44.78 28.02
C GLN A 116 14.37 46.29 28.08
N LEU A 117 13.26 47.00 28.27
CA LEU A 117 13.23 48.45 28.33
C LEU A 117 12.74 48.91 29.70
N TYR A 118 13.41 49.94 30.24
CA TYR A 118 13.03 50.57 31.49
C TYR A 118 12.42 51.93 31.14
N VAL A 119 11.10 52.06 31.34
CA VAL A 119 10.36 53.25 30.98
C VAL A 119 10.12 54.04 32.26
N ALA A 120 10.79 55.18 32.40
CA ALA A 120 10.64 56.02 33.58
C ALA A 120 9.86 57.27 33.21
N ARG A 121 8.98 57.71 34.11
CA ARG A 121 8.16 58.88 33.84
C ARG A 121 9.02 60.13 33.69
N ASP A 122 9.92 60.37 34.64
CA ASP A 122 10.71 61.59 34.67
C ASP A 122 11.99 61.49 33.83
N SER A 123 12.28 60.33 33.25
CA SER A 123 13.42 60.21 32.36
C SER A 123 13.07 60.43 30.89
N LEU A 124 11.78 60.53 30.57
CA LEU A 124 11.31 60.82 29.23
C LEU A 124 10.92 62.29 29.11
N PRO A 125 10.57 62.76 27.92
CA PRO A 125 10.01 64.10 27.78
C PRO A 125 8.68 64.22 28.51
N GLU A 126 8.27 65.47 28.76
CA GLU A 126 7.08 65.73 29.56
C GLU A 126 5.83 65.20 28.84
N GLY A 127 5.02 64.43 29.57
CA GLY A 127 3.77 63.92 29.07
C GLY A 127 3.86 62.62 28.30
N VAL A 128 5.06 62.26 27.83
CA VAL A 128 5.22 61.02 27.05
C VAL A 128 4.82 59.81 27.87
N TYR A 129 5.17 59.80 29.16
CA TYR A 129 4.84 58.66 30.00
C TYR A 129 3.35 58.55 30.23
N ASN A 130 2.70 59.64 30.66
CA ASN A 130 1.30 59.55 31.06
C ASN A 130 0.34 59.61 29.88
N ASP A 131 0.58 60.50 28.91
CA ASP A 131 -0.36 60.72 27.82
C ASP A 131 -0.14 59.81 26.61
N GLN A 132 0.95 59.06 26.58
CA GLN A 132 1.22 58.21 25.42
C GLN A 132 1.52 56.78 25.84
N PHE A 133 2.63 56.58 26.56
CA PHE A 133 3.07 55.22 26.87
C PHE A 133 1.99 54.43 27.60
N LYS A 134 1.41 55.01 28.66
CA LYS A 134 0.41 54.30 29.43
C LYS A 134 -0.86 54.00 28.62
N LYS A 135 -1.07 54.69 27.50
CA LYS A 135 -2.24 54.45 26.66
C LYS A 135 -1.99 53.41 25.56
N TRP A 136 -0.75 52.98 25.36
CA TRP A 136 -0.44 51.98 24.35
C TRP A 136 -0.87 50.59 24.81
N ASP A 137 -0.99 49.67 23.86
CA ASP A 137 -1.39 48.29 24.12
C ASP A 137 -0.31 47.33 23.66
N LEU A 138 -0.34 46.13 24.24
CA LEU A 138 0.59 45.08 23.85
C LEU A 138 0.41 44.75 22.38
N GLY A 139 1.52 44.48 21.70
CA GLY A 139 1.52 44.19 20.28
C GLY A 139 1.82 45.38 19.39
N ASP A 140 1.69 46.60 19.91
CA ASP A 140 2.01 47.78 19.14
C ASP A 140 3.51 47.85 18.84
N ILE A 141 3.84 48.30 17.64
CA ILE A 141 5.23 48.44 17.24
C ILE A 141 5.73 49.80 17.73
N ILE A 142 6.79 49.79 18.54
CA ILE A 142 7.35 50.97 19.16
C ILE A 142 8.86 50.98 18.93
N GLY A 143 9.48 52.09 19.28
CA GLY A 143 10.93 52.16 19.26
C GLY A 143 11.42 53.06 20.37
N ALA A 144 12.64 52.80 20.83
CA ALA A 144 13.15 53.35 22.07
C ALA A 144 14.61 53.72 21.91
N ARG A 145 15.04 54.71 22.67
CA ARG A 145 16.40 55.21 22.64
C ARG A 145 16.84 55.49 24.06
N GLY A 146 17.94 54.88 24.49
CA GLY A 146 18.36 55.06 25.86
C GLY A 146 19.77 54.55 26.09
N THR A 147 20.17 54.54 27.36
CA THR A 147 21.51 54.13 27.76
C THR A 147 21.48 52.73 28.36
N LEU A 148 22.53 51.96 28.11
CA LEU A 148 22.57 50.56 28.55
C LEU A 148 22.92 50.47 30.03
N PHE A 149 22.21 49.58 30.73
CA PHE A 149 22.53 49.24 32.11
C PHE A 149 22.11 47.79 32.36
N LYS A 150 22.23 47.36 33.60
CA LYS A 150 21.83 46.01 33.98
C LYS A 150 21.02 46.06 35.27
N THR A 151 19.92 45.30 35.29
CA THR A 151 19.05 45.29 36.46
C THR A 151 19.69 44.52 37.59
N GLN A 152 18.96 44.42 38.71
CA GLN A 152 19.47 43.73 39.88
C GLN A 152 19.69 42.24 39.64
N THR A 153 19.08 41.67 38.60
CA THR A 153 19.28 40.28 38.24
C THR A 153 20.38 40.07 37.22
N GLY A 154 21.05 41.15 36.80
CA GLY A 154 22.09 41.06 35.80
C GLY A 154 21.61 41.13 34.37
N GLU A 155 20.32 41.40 34.15
CA GLU A 155 19.77 41.48 32.81
C GLU A 155 20.16 42.80 32.15
N LEU A 156 20.43 42.73 30.84
CA LEU A 156 20.74 43.92 30.07
C LEU A 156 19.45 44.67 29.74
N SER A 157 19.39 45.95 30.08
CA SER A 157 18.21 46.77 29.83
C SER A 157 18.63 48.13 29.29
N ILE A 158 17.67 48.80 28.66
CA ILE A 158 17.88 50.10 28.05
C ILE A 158 17.05 51.13 28.82
N HIS A 159 17.71 52.00 29.56
CA HIS A 159 17.04 53.11 30.20
C HIS A 159 16.61 54.09 29.12
N CYS A 160 15.31 54.34 29.03
CA CYS A 160 14.76 55.03 27.87
C CYS A 160 14.77 56.54 28.12
N THR A 161 15.53 57.25 27.29
CA THR A 161 15.41 58.71 27.21
C THR A 161 14.43 59.14 26.13
N GLU A 162 13.99 58.23 25.27
CA GLU A 162 13.01 58.55 24.23
C GLU A 162 12.20 57.29 23.93
N LEU A 163 10.90 57.47 23.72
CA LEU A 163 10.02 56.37 23.40
C LEU A 163 8.89 56.88 22.53
N ARG A 164 8.52 56.14 21.48
CA ARG A 164 7.44 56.59 20.62
C ARG A 164 6.83 55.40 19.88
N LEU A 165 5.62 55.63 19.35
CA LEU A 165 4.78 54.58 18.77
C LEU A 165 4.91 54.61 17.25
N LEU A 166 5.48 53.55 16.69
CA LEU A 166 5.67 53.47 15.23
C LEU A 166 4.43 52.94 14.52
N ASP A 167 3.75 51.96 15.10
CA ASP A 167 2.54 51.41 14.48
C ASP A 167 1.61 50.89 15.57
N LYS A 168 0.31 51.07 15.35
CA LYS A 168 -0.70 50.65 16.32
C LYS A 168 -1.31 49.33 15.87
N ALA A 169 -1.14 48.28 16.67
CA ALA A 169 -1.69 46.97 16.36
C ALA A 169 -3.16 46.94 16.74
N LEU A 170 -4.02 46.58 15.77
CA LEU A 170 -5.45 46.57 15.99
C LEU A 170 -5.96 45.28 16.63
N ARG A 171 -5.12 44.25 16.72
CA ARG A 171 -5.53 43.00 17.32
C ARG A 171 -4.52 42.59 18.38
N PRO A 172 -4.97 41.98 19.46
CA PRO A 172 -4.08 41.62 20.56
C PRO A 172 -3.21 40.41 20.22
N LEU A 173 -2.14 40.26 21.00
CA LEU A 173 -1.21 39.17 20.76
C LEU A 173 -1.92 37.83 20.89
N PRO A 174 -1.57 36.85 20.05
CA PRO A 174 -2.14 35.48 20.11
C PRO A 174 -1.54 34.65 21.24
N ASP A 182 -7.33 25.06 15.14
CA ASP A 182 -6.52 25.18 16.35
C ASP A 182 -5.06 24.88 16.07
N GLN A 183 -4.74 23.58 15.94
CA GLN A 183 -3.38 23.18 15.61
C GLN A 183 -3.02 23.50 14.16
N GLU A 184 -4.01 23.61 13.28
CA GLU A 184 -3.78 23.99 11.90
C GLU A 184 -3.81 25.50 11.69
N VAL A 185 -4.22 26.28 12.69
CA VAL A 185 -4.22 27.73 12.56
C VAL A 185 -2.80 28.26 12.43
N ARG A 186 -1.82 27.56 13.00
CA ARG A 186 -0.42 27.93 12.82
C ARG A 186 -0.05 28.01 11.34
N TYR A 187 -0.59 27.10 10.53
CA TYR A 187 -0.28 27.07 9.11
C TYR A 187 -1.11 28.06 8.28
N ARG A 188 -2.32 28.40 8.75
CA ARG A 188 -3.13 29.36 8.01
C ARG A 188 -2.56 30.77 8.14
N GLN A 189 -2.32 31.21 9.37
CA GLN A 189 -1.68 32.50 9.62
C GLN A 189 -0.32 32.22 10.25
N ARG A 190 0.73 32.29 9.44
CA ARG A 190 2.05 31.98 9.95
C ARG A 190 2.66 33.14 10.70
N TYR A 191 2.14 34.36 10.50
CA TYR A 191 2.69 35.51 11.20
C TYR A 191 2.44 35.41 12.70
N LEU A 192 1.28 34.88 13.09
CA LEU A 192 1.01 34.68 14.51
C LEU A 192 1.90 33.59 15.09
N ASP A 193 2.09 32.50 14.35
CA ASP A 193 2.99 31.44 14.80
C ASP A 193 4.41 31.97 14.99
N LEU A 194 4.87 32.79 14.06
CA LEU A 194 6.20 33.38 14.19
C LEU A 194 6.26 34.36 15.37
N ILE A 195 5.17 35.08 15.62
CA ILE A 195 5.17 36.05 16.72
C ILE A 195 5.21 35.33 18.06
N ALA A 196 4.48 34.22 18.19
CA ALA A 196 4.36 33.54 19.48
C ALA A 196 5.53 32.59 19.73
N ASN A 197 5.58 31.48 19.00
CA ASN A 197 6.49 30.38 19.30
C ASN A 197 7.85 30.59 18.66
N ASP A 198 8.91 30.51 19.47
CA ASP A 198 10.26 30.62 18.94
C ASP A 198 10.75 29.34 18.28
N LYS A 199 10.08 28.21 18.52
CA LYS A 199 10.51 26.97 17.88
C LYS A 199 10.33 27.04 16.37
N SER A 200 9.22 27.63 15.91
CA SER A 200 9.02 27.77 14.47
C SER A 200 9.98 28.79 13.87
N ARG A 201 10.21 29.90 14.59
CA ARG A 201 11.23 30.87 14.18
C ARG A 201 12.57 30.19 13.95
N GLN A 202 13.06 29.48 14.96
CA GLN A 202 14.33 28.78 14.82
C GLN A 202 14.28 27.77 13.68
N THR A 203 13.14 27.11 13.49
CA THR A 203 13.01 26.17 12.39
C THR A 203 13.28 26.85 11.05
N PHE A 204 12.67 28.01 10.80
CA PHE A 204 12.83 28.63 9.49
C PHE A 204 14.18 29.33 9.34
N VAL A 205 14.70 29.92 10.42
CA VAL A 205 16.07 30.42 10.37
C VAL A 205 17.04 29.31 10.01
N VAL A 206 16.88 28.15 10.65
CA VAL A 206 17.70 27.00 10.32
C VAL A 206 17.52 26.59 8.88
N ARG A 207 16.29 26.70 8.35
CA ARG A 207 16.08 26.38 6.94
C ARG A 207 16.91 27.29 6.04
N SER A 208 16.89 28.59 6.31
CA SER A 208 17.70 29.51 5.52
C SER A 208 19.19 29.16 5.61
N LYS A 209 19.67 28.92 6.83
CA LYS A 209 21.09 28.59 7.00
C LYS A 209 21.46 27.32 6.26
N ILE A 210 20.56 26.34 6.24
CA ILE A 210 20.85 25.09 5.54
C ILE A 210 20.92 25.32 4.05
N LEU A 211 19.94 26.03 3.48
CA LEU A 211 19.99 26.32 2.05
C LEU A 211 21.28 27.03 1.67
N ALA A 212 21.66 28.06 2.44
CA ALA A 212 22.90 28.77 2.15
C ALA A 212 24.11 27.85 2.23
N ALA A 213 24.15 27.00 3.26
CA ALA A 213 25.27 26.06 3.39
C ALA A 213 25.30 25.05 2.25
N ILE A 214 24.15 24.71 1.69
CA ILE A 214 24.11 23.79 0.55
C ILE A 214 24.66 24.48 -0.69
N ARG A 215 24.24 25.72 -0.93
CA ARG A 215 24.81 26.46 -2.07
C ARG A 215 26.31 26.59 -1.93
N GLN A 216 26.82 26.86 -0.73
CA GLN A 216 28.26 26.98 -0.56
C GLN A 216 28.95 25.64 -0.77
N PHE A 217 28.37 24.56 -0.25
CA PHE A 217 28.97 23.23 -0.40
C PHE A 217 29.01 22.80 -1.86
N MET A 218 28.01 23.19 -2.65
CA MET A 218 28.00 22.87 -4.07
C MET A 218 28.97 23.75 -4.85
N VAL A 219 29.05 25.04 -4.52
CA VAL A 219 29.94 25.93 -5.24
C VAL A 219 31.40 25.56 -4.98
N ALA A 220 31.73 25.21 -3.74
CA ALA A 220 33.10 24.85 -3.41
C ALA A 220 33.62 23.69 -4.25
N ARG A 221 32.71 22.85 -4.76
CA ARG A 221 33.06 21.68 -5.56
C ARG A 221 33.02 21.93 -7.05
N GLY A 222 32.76 23.17 -7.47
CA GLY A 222 32.81 23.51 -8.88
C GLY A 222 31.50 23.42 -9.63
N PHE A 223 30.37 23.36 -8.93
CA PHE A 223 29.07 23.30 -9.56
C PHE A 223 28.52 24.71 -9.79
N MET A 224 27.80 24.88 -10.89
CA MET A 224 27.22 26.15 -11.27
C MET A 224 25.70 26.10 -11.14
N GLU A 225 25.12 27.02 -10.38
CA GLU A 225 23.69 27.07 -10.18
C GLU A 225 23.01 27.81 -11.33
N VAL A 226 21.99 27.19 -11.92
CA VAL A 226 21.30 27.73 -13.09
C VAL A 226 19.82 27.81 -12.81
N GLU A 227 19.08 28.37 -13.78
CA GLU A 227 17.62 28.44 -13.72
C GLU A 227 17.05 27.90 -15.02
N THR A 228 16.44 26.71 -14.95
CA THR A 228 15.73 26.06 -16.05
C THR A 228 14.24 26.38 -15.99
N PRO A 229 13.51 26.24 -17.10
CA PRO A 229 12.11 26.70 -17.14
C PRO A 229 11.27 26.10 -16.01
N MET A 230 10.41 26.94 -15.46
CA MET A 230 9.38 26.50 -14.53
C MET A 230 8.06 26.19 -15.21
N MET A 231 7.92 26.55 -16.49
CA MET A 231 6.72 26.25 -17.26
C MET A 231 7.14 25.61 -18.57
N GLN A 232 6.72 24.36 -18.79
CA GLN A 232 7.17 23.56 -19.91
C GLN A 232 5.99 23.12 -20.75
N VAL A 233 6.24 22.93 -22.05
CA VAL A 233 5.22 22.36 -22.92
C VAL A 233 5.05 20.87 -22.64
N ILE A 234 6.16 20.16 -22.44
CA ILE A 234 6.14 18.75 -22.10
C ILE A 234 6.77 18.53 -20.73
N PRO A 235 6.00 18.12 -19.73
CA PRO A 235 6.59 17.81 -18.43
C PRO A 235 7.29 16.46 -18.43
N GLY A 236 8.36 16.38 -17.65
CA GLY A 236 9.12 15.16 -17.57
C GLY A 236 10.04 15.15 -16.37
N GLY A 237 10.89 14.12 -16.31
CA GLY A 237 11.87 13.97 -15.26
C GLY A 237 11.41 13.23 -14.03
N ALA A 238 10.12 12.89 -13.93
CA ALA A 238 9.58 12.20 -12.79
C ALA A 238 8.25 11.57 -13.20
N SER A 239 7.53 11.01 -12.23
CA SER A 239 6.21 10.43 -12.47
C SER A 239 5.23 11.02 -11.47
N ALA A 240 4.28 11.82 -11.96
CA ALA A 240 3.25 12.45 -11.12
C ALA A 240 2.31 13.21 -12.04
N ARG A 241 1.17 13.61 -11.48
CA ARG A 241 0.19 14.42 -12.19
C ARG A 241 0.69 15.86 -12.31
N PRO A 242 0.94 16.36 -13.52
CA PRO A 242 1.32 17.77 -13.67
C PRO A 242 0.13 18.70 -13.58
N PHE A 243 0.40 19.93 -13.17
CA PHE A 243 -0.57 21.01 -13.26
C PHE A 243 -0.62 21.56 -14.68
N ILE A 244 -1.82 21.88 -15.15
CA ILE A 244 -2.00 22.40 -16.50
C ILE A 244 -2.51 23.82 -16.40
N THR A 245 -1.96 24.72 -17.22
CA THR A 245 -2.47 26.08 -17.35
C THR A 245 -2.44 26.46 -18.82
N HIS A 246 -2.93 27.65 -19.13
CA HIS A 246 -3.05 28.11 -20.51
C HIS A 246 -2.35 29.46 -20.67
N HIS A 247 -1.50 29.55 -21.69
CA HIS A 247 -0.90 30.81 -22.10
C HIS A 247 -1.78 31.42 -23.18
N ASN A 248 -2.35 32.60 -22.89
CA ASN A 248 -3.35 33.19 -23.78
C ASN A 248 -2.72 33.79 -25.02
N ALA A 249 -1.62 34.54 -24.87
CA ALA A 249 -1.01 35.23 -26.00
C ALA A 249 -0.59 34.24 -27.09
N LEU A 250 -0.09 33.07 -26.71
CA LEU A 250 0.30 32.03 -27.65
C LEU A 250 -0.77 30.98 -27.85
N ASP A 251 -1.89 31.06 -27.14
CA ASP A 251 -2.96 30.06 -27.19
C ASP A 251 -2.40 28.66 -26.99
N LEU A 252 -1.49 28.51 -26.02
CA LEU A 252 -0.73 27.28 -25.84
C LEU A 252 -0.92 26.75 -24.43
N ASP A 253 -1.38 25.52 -24.32
CA ASP A 253 -1.49 24.86 -23.02
C ASP A 253 -0.11 24.41 -22.56
N MET A 254 0.26 24.80 -21.34
CA MET A 254 1.57 24.50 -20.79
C MET A 254 1.41 23.85 -19.42
N TYR A 255 2.44 23.09 -19.03
CA TYR A 255 2.45 22.36 -17.78
C TYR A 255 3.45 22.98 -16.81
N LEU A 256 3.14 22.89 -15.52
CA LEU A 256 4.10 23.28 -14.49
C LEU A 256 5.15 22.18 -14.33
N ARG A 257 6.38 22.60 -14.08
CA ARG A 257 7.50 21.68 -13.99
C ARG A 257 7.28 20.65 -12.89
N ILE A 258 7.37 19.37 -13.25
CA ILE A 258 7.45 18.31 -12.25
C ILE A 258 8.87 17.93 -11.91
N ALA A 259 9.86 18.41 -12.67
CA ALA A 259 11.29 18.16 -12.47
C ALA A 259 12.12 18.94 -13.49
N PRO A 260 13.21 19.57 -13.04
CA PRO A 260 14.14 20.24 -13.99
C PRO A 260 14.95 19.29 -14.86
N GLU A 261 14.89 17.99 -14.59
CA GLU A 261 15.89 17.02 -15.06
C GLU A 261 16.26 17.20 -16.54
N LEU A 262 15.26 17.17 -17.43
CA LEU A 262 15.57 17.12 -18.86
C LEU A 262 16.30 18.38 -19.32
N TYR A 263 15.93 19.55 -18.79
CA TYR A 263 16.60 20.78 -19.16
C TYR A 263 18.00 20.87 -18.57
N LEU A 264 18.18 20.33 -17.35
CA LEU A 264 19.52 20.30 -16.77
C LEU A 264 20.46 19.45 -17.61
N LYS A 265 20.01 18.24 -17.97
CA LYS A 265 20.87 17.40 -18.80
C LYS A 265 21.09 18.01 -20.18
N ARG A 266 20.10 18.75 -20.70
CA ARG A 266 20.34 19.53 -21.91
C ARG A 266 21.47 20.53 -21.71
N LEU A 267 21.52 21.19 -20.55
CA LEU A 267 22.62 22.10 -20.29
C LEU A 267 23.94 21.36 -20.15
N VAL A 268 23.90 20.08 -19.75
CA VAL A 268 25.14 19.31 -19.73
C VAL A 268 25.61 19.00 -21.14
N VAL A 269 24.67 18.69 -22.05
CA VAL A 269 25.03 18.57 -23.46
C VAL A 269 25.64 19.86 -23.97
N GLY A 270 25.11 21.00 -23.49
CA GLY A 270 25.65 22.28 -23.88
C GLY A 270 27.08 22.51 -23.44
N GLY A 271 27.58 21.68 -22.52
CA GLY A 271 28.94 21.84 -22.02
C GLY A 271 29.05 22.34 -20.60
N PHE A 272 27.96 22.53 -19.87
CA PHE A 272 28.06 22.79 -18.44
C PHE A 272 28.08 21.42 -17.78
N GLU A 273 29.25 20.99 -17.35
CA GLU A 273 29.43 19.63 -16.88
C GLU A 273 29.29 19.49 -15.38
N ARG A 274 29.25 20.60 -14.64
CA ARG A 274 28.88 20.61 -13.23
C ARG A 274 27.79 21.66 -13.05
N VAL A 275 26.56 21.21 -12.81
CA VAL A 275 25.42 22.12 -12.82
C VAL A 275 24.45 21.68 -11.73
N PHE A 276 23.71 22.64 -11.18
CA PHE A 276 22.69 22.29 -10.21
C PHE A 276 21.64 23.38 -10.14
N GLU A 277 20.45 22.99 -9.65
CA GLU A 277 19.35 23.91 -9.45
C GLU A 277 18.64 23.56 -8.16
N ILE A 278 18.46 24.54 -7.29
CA ILE A 278 17.66 24.38 -6.07
C ILE A 278 16.45 25.28 -6.25
N ASN A 279 15.29 24.68 -6.52
CA ASN A 279 14.12 25.46 -6.88
C ASN A 279 12.88 24.58 -6.75
N ARG A 280 11.72 25.18 -6.99
CA ARG A 280 10.45 24.57 -6.66
C ARG A 280 9.87 23.79 -7.83
N ASN A 281 9.33 22.60 -7.52
CA ASN A 281 8.60 21.77 -8.47
C ASN A 281 7.16 21.61 -7.98
N PHE A 282 6.27 21.37 -8.94
CA PHE A 282 4.83 21.36 -8.72
C PHE A 282 4.24 20.01 -9.11
N ARG A 283 3.48 19.41 -8.20
CA ARG A 283 2.82 18.14 -8.46
C ARG A 283 1.39 18.17 -7.93
N ASN A 284 0.48 17.55 -8.69
CA ASN A 284 -0.95 17.58 -8.42
C ASN A 284 -1.38 16.48 -7.46
N GLU A 285 -0.42 15.79 -6.85
CA GLU A 285 -0.68 14.62 -6.02
C GLU A 285 -1.69 14.89 -4.91
N GLY A 286 -1.31 15.64 -3.90
CA GLY A 286 -2.21 15.96 -2.80
C GLY A 286 -1.41 16.17 -1.53
N ILE A 287 -2.12 16.61 -0.49
CA ILE A 287 -1.45 16.94 0.77
C ILE A 287 -1.17 15.66 1.53
N SER A 288 -0.08 15.67 2.29
CA SER A 288 0.30 14.58 3.16
C SER A 288 1.26 15.11 4.21
N VAL A 289 1.69 14.23 5.11
CA VAL A 289 2.70 14.64 6.07
C VAL A 289 4.04 14.86 5.36
N ARG A 290 4.32 14.06 4.34
CA ARG A 290 5.53 14.16 3.56
C ARG A 290 5.34 14.88 2.22
N HIS A 291 4.15 15.38 1.92
CA HIS A 291 3.85 15.90 0.59
C HIS A 291 3.24 17.29 0.65
N ASN A 292 3.62 18.13 -0.32
CA ASN A 292 3.06 19.45 -0.54
C ASN A 292 3.00 19.64 -2.05
N PRO A 293 1.95 20.28 -2.57
CA PRO A 293 1.85 20.43 -4.03
C PRO A 293 3.04 21.13 -4.67
N GLU A 294 3.64 22.11 -3.99
CA GLU A 294 4.83 22.79 -4.48
C GLU A 294 5.93 22.67 -3.44
N PHE A 295 7.07 22.10 -3.84
CA PHE A 295 8.14 21.82 -2.90
C PHE A 295 9.48 22.21 -3.49
N THR A 296 10.44 22.49 -2.62
CA THR A 296 11.79 22.83 -3.05
C THR A 296 12.64 21.57 -3.20
N MET A 297 13.27 21.43 -4.36
CA MET A 297 14.13 20.29 -4.67
C MET A 297 15.45 20.78 -5.23
N MET A 298 16.50 20.02 -4.96
CA MET A 298 17.80 20.24 -5.58
C MET A 298 18.07 19.12 -6.57
N GLU A 299 18.49 19.49 -7.78
CA GLU A 299 18.93 18.52 -8.77
C GLU A 299 20.29 18.97 -9.26
N LEU A 300 21.30 18.09 -9.09
CA LEU A 300 22.64 18.37 -9.58
C LEU A 300 23.03 17.32 -10.60
N TYR A 301 23.94 17.69 -11.49
CA TYR A 301 24.47 16.79 -12.51
C TYR A 301 25.96 17.08 -12.67
N MET A 302 26.76 16.02 -12.64
CA MET A 302 28.19 16.12 -12.92
C MET A 302 28.58 15.03 -13.91
N ALA A 303 29.19 15.45 -15.01
CA ALA A 303 29.62 14.52 -16.04
C ALA A 303 30.84 13.74 -15.59
N TYR A 304 31.09 12.61 -16.26
CA TYR A 304 32.23 11.75 -15.99
C TYR A 304 32.20 11.26 -14.55
N ALA A 305 31.06 10.70 -14.15
CA ALA A 305 30.89 10.10 -12.83
C ALA A 305 29.71 9.13 -12.88
N ASP A 306 29.64 8.27 -11.88
CA ASP A 306 28.53 7.34 -11.70
C ASP A 306 27.92 7.54 -10.32
N TYR A 307 26.92 6.71 -10.00
CA TYR A 307 26.11 6.96 -8.80
C TYR A 307 26.90 6.76 -7.51
N HIS A 308 28.02 6.05 -7.54
CA HIS A 308 28.84 5.92 -6.35
C HIS A 308 29.42 7.26 -5.93
N ASP A 309 29.91 8.04 -6.90
CA ASP A 309 30.36 9.39 -6.62
C ASP A 309 29.26 10.21 -5.96
N LEU A 310 28.00 9.98 -6.37
CA LEU A 310 26.89 10.69 -5.75
C LEU A 310 26.59 10.17 -4.36
N ILE A 311 26.90 8.90 -4.09
CA ILE A 311 26.78 8.39 -2.72
C ILE A 311 27.76 9.12 -1.80
N GLU A 312 29.02 9.17 -2.21
CA GLU A 312 30.00 9.90 -1.40
C GLU A 312 29.65 11.38 -1.30
N LEU A 313 29.08 11.94 -2.37
CA LEU A 313 28.68 13.34 -2.34
C LEU A 313 27.53 13.57 -1.37
N THR A 314 26.59 12.62 -1.29
CA THR A 314 25.50 12.74 -0.34
C THR A 314 26.00 12.65 1.10
N GLU A 315 26.80 11.62 1.39
CA GLU A 315 27.33 11.48 2.74
C GLU A 315 28.11 12.73 3.16
N SER A 316 28.98 13.24 2.28
CA SER A 316 29.70 14.46 2.60
C SER A 316 28.75 15.64 2.77
N LEU A 317 27.65 15.66 2.01
CA LEU A 317 26.68 16.75 2.13
C LEU A 317 26.07 16.76 3.52
N PHE A 318 25.57 15.62 3.97
CA PHE A 318 24.91 15.56 5.27
C PHE A 318 25.89 15.75 6.42
N ARG A 319 27.13 15.24 6.28
CA ARG A 319 28.13 15.52 7.29
C ARG A 319 28.43 17.01 7.38
N THR A 320 28.57 17.67 6.23
CA THR A 320 28.88 19.10 6.22
C THR A 320 27.74 19.92 6.81
N LEU A 321 26.49 19.63 6.40
CA LEU A 321 25.36 20.35 6.96
C LEU A 321 25.19 20.08 8.44
N ALA A 322 25.49 18.86 8.89
CA ALA A 322 25.36 18.55 10.31
C ALA A 322 26.40 19.30 11.13
N GLN A 323 27.62 19.40 10.62
CA GLN A 323 28.67 20.09 11.38
C GLN A 323 28.46 21.61 11.35
N GLU A 324 28.18 22.17 10.17
CA GLU A 324 28.05 23.62 10.04
C GLU A 324 26.76 24.12 10.64
N VAL A 325 25.64 23.45 10.35
CA VAL A 325 24.34 23.98 10.74
C VAL A 325 24.08 23.79 12.23
N LEU A 326 24.30 22.59 12.78
CA LEU A 326 23.88 22.50 14.16
C LEU A 326 25.03 22.56 15.16
N GLY A 327 25.42 21.43 15.74
CA GLY A 327 26.66 21.37 16.48
C GLY A 327 27.64 20.27 16.12
N THR A 328 27.11 19.18 15.57
CA THR A 328 27.75 17.88 15.65
C THR A 328 27.23 17.00 14.53
N THR A 329 27.95 15.91 14.29
CA THR A 329 27.47 14.90 13.35
C THR A 329 26.29 14.10 13.91
N LYS A 330 26.09 14.12 15.23
CA LYS A 330 24.98 13.40 15.86
C LYS A 330 23.77 14.33 15.95
N VAL A 331 22.72 13.99 15.23
CA VAL A 331 21.50 14.79 15.17
C VAL A 331 20.38 13.99 15.82
N THR A 332 19.70 14.60 16.79
CA THR A 332 18.57 13.96 17.45
C THR A 332 17.30 14.25 16.68
N TYR A 333 16.58 13.21 16.29
CA TYR A 333 15.35 13.34 15.52
C TYR A 333 14.29 12.42 16.10
N GLY A 334 13.23 13.00 16.63
CA GLY A 334 12.20 12.18 17.25
C GLY A 334 12.77 11.33 18.37
N GLU A 335 12.50 10.04 18.30
CA GLU A 335 13.00 9.08 19.28
C GLU A 335 14.32 8.44 18.85
N HIS A 336 14.92 8.91 17.77
CA HIS A 336 16.12 8.31 17.19
C HIS A 336 17.26 9.31 17.17
N VAL A 337 18.48 8.78 16.97
CA VAL A 337 19.68 9.60 16.81
C VAL A 337 20.39 9.18 15.53
N PHE A 338 20.51 10.10 14.59
CA PHE A 338 21.22 9.88 13.34
C PHE A 338 22.66 10.33 13.49
N ASP A 339 23.59 9.47 13.08
CA ASP A 339 25.02 9.82 13.11
C ASP A 339 25.47 9.99 11.67
N PHE A 340 25.71 11.24 11.28
CA PHE A 340 26.12 11.56 9.92
C PHE A 340 27.63 11.52 9.73
N GLY A 341 28.38 11.22 10.80
CA GLY A 341 29.78 10.90 10.66
C GLY A 341 30.05 9.46 10.30
N LYS A 342 29.03 8.63 10.35
CA LYS A 342 28.96 7.22 10.01
C LYS A 342 28.46 7.05 8.59
N PRO A 343 29.10 6.20 7.78
CA PRO A 343 28.59 5.96 6.43
C PRO A 343 27.21 5.32 6.45
N PHE A 344 26.42 5.63 5.43
CA PHE A 344 25.03 5.17 5.39
C PHE A 344 24.99 3.67 5.09
N GLU A 345 23.91 3.04 5.54
CA GLU A 345 23.69 1.62 5.26
C GLU A 345 23.31 1.45 3.80
N LYS A 346 23.97 0.53 3.09
CA LYS A 346 23.71 0.27 1.68
C LYS A 346 23.02 -1.07 1.52
N LEU A 347 21.94 -1.08 0.74
CA LEU A 347 21.20 -2.31 0.43
C LEU A 347 20.68 -2.22 -0.99
N THR A 348 20.38 -3.37 -1.58
CA THR A 348 19.63 -3.40 -2.82
C THR A 348 18.14 -3.39 -2.50
N MET A 349 17.31 -3.35 -3.54
CA MET A 349 15.87 -3.34 -3.31
C MET A 349 15.39 -4.72 -2.87
N ARG A 350 15.85 -5.77 -3.56
CA ARG A 350 15.48 -7.12 -3.18
C ARG A 350 16.02 -7.47 -1.79
N GLU A 351 17.22 -6.98 -1.46
CA GLU A 351 17.76 -7.21 -0.12
C GLU A 351 16.93 -6.52 0.95
N ALA A 352 16.30 -5.39 0.63
CA ALA A 352 15.41 -4.76 1.61
C ALA A 352 14.10 -5.53 1.72
N ILE A 353 13.55 -5.98 0.59
CA ILE A 353 12.33 -6.79 0.62
C ILE A 353 12.54 -8.04 1.47
N LYS A 354 13.63 -8.77 1.20
CA LYS A 354 13.90 -9.98 1.97
C LYS A 354 14.27 -9.65 3.41
N LYS A 355 14.92 -8.51 3.65
CA LYS A 355 15.32 -8.17 5.01
C LYS A 355 14.10 -7.91 5.88
N TYR A 356 13.17 -7.10 5.41
CA TYR A 356 12.02 -6.71 6.21
C TYR A 356 10.80 -7.58 5.96
N ARG A 357 10.91 -8.59 5.10
CA ARG A 357 9.91 -9.64 4.99
C ARG A 357 10.64 -10.94 4.70
N PRO A 358 11.27 -11.54 5.72
CA PRO A 358 12.10 -12.73 5.47
C PRO A 358 11.33 -13.95 5.00
N GLU A 359 10.02 -14.02 5.30
CA GLU A 359 9.21 -15.15 4.84
C GLU A 359 8.97 -15.12 3.33
N THR A 360 9.42 -14.08 2.64
CA THR A 360 9.20 -13.95 1.22
C THR A 360 10.05 -14.95 0.44
N ASP A 361 9.46 -15.54 -0.59
CA ASP A 361 10.20 -16.36 -1.54
C ASP A 361 10.66 -15.46 -2.68
N MET A 362 11.98 -15.29 -2.80
CA MET A 362 12.50 -14.34 -3.79
C MET A 362 12.29 -14.79 -5.22
N ALA A 363 11.81 -16.01 -5.45
CA ALA A 363 11.47 -16.43 -6.80
C ALA A 363 10.16 -15.81 -7.28
N ASP A 364 9.30 -15.39 -6.35
CA ASP A 364 8.05 -14.75 -6.73
C ASP A 364 8.26 -13.41 -7.42
N LEU A 365 9.44 -12.81 -7.27
CA LEU A 365 9.74 -11.53 -7.90
C LEU A 365 10.31 -11.68 -9.30
N ASP A 366 10.49 -12.92 -9.78
CA ASP A 366 10.92 -13.17 -11.14
C ASP A 366 9.77 -13.51 -12.08
N ASN A 367 8.53 -13.52 -11.60
CA ASN A 367 7.37 -13.90 -12.39
C ASN A 367 6.24 -12.91 -12.13
N PHE A 368 5.53 -12.53 -13.21
CA PHE A 368 4.49 -11.54 -13.09
C PHE A 368 3.35 -12.02 -12.19
N ASP A 369 2.95 -13.28 -12.33
CA ASP A 369 1.77 -13.76 -11.62
C ASP A 369 2.06 -13.94 -10.12
N ALA A 370 3.25 -14.47 -9.79
CA ALA A 370 3.61 -14.62 -8.39
C ALA A 370 3.85 -13.27 -7.73
N ALA A 371 4.45 -12.33 -8.48
CA ALA A 371 4.68 -11.00 -7.94
C ALA A 371 3.35 -10.27 -7.72
N LYS A 372 2.42 -10.41 -8.65
CA LYS A 372 1.11 -9.77 -8.49
C LYS A 372 0.35 -10.39 -7.32
N ALA A 373 0.38 -11.71 -7.19
CA ALA A 373 -0.27 -12.35 -6.05
C ALA A 373 0.35 -11.91 -4.75
N LEU A 374 1.68 -11.77 -4.71
CA LEU A 374 2.36 -11.28 -3.52
C LEU A 374 1.93 -9.86 -3.18
N ALA A 375 2.00 -8.97 -4.17
CA ALA A 375 1.62 -7.58 -3.94
C ALA A 375 0.20 -7.47 -3.43
N GLU A 376 -0.71 -8.27 -3.99
CA GLU A 376 -2.07 -8.31 -3.47
C GLU A 376 -2.09 -8.82 -2.03
N SER A 377 -1.28 -9.83 -1.72
CA SER A 377 -1.21 -10.35 -0.36
C SER A 377 -0.76 -9.27 0.62
N ILE A 378 0.05 -8.33 0.16
CA ILE A 378 0.47 -7.21 1.01
C ILE A 378 -0.64 -6.19 1.20
N GLY A 379 -1.59 -6.12 0.27
CA GLY A 379 -2.58 -5.07 0.25
C GLY A 379 -2.40 -4.01 -0.83
N ILE A 380 -1.49 -4.24 -1.78
CA ILE A 380 -1.28 -3.31 -2.89
C ILE A 380 -2.31 -3.59 -3.98
N THR A 381 -2.89 -2.53 -4.53
CA THR A 381 -3.81 -2.63 -5.64
C THR A 381 -3.04 -2.45 -6.94
N VAL A 382 -2.92 -3.52 -7.73
CA VAL A 382 -2.15 -3.51 -8.96
C VAL A 382 -2.99 -2.95 -10.10
N GLU A 383 -2.33 -2.25 -11.02
CA GLU A 383 -2.99 -1.64 -12.17
C GLU A 383 -2.63 -2.39 -13.45
N LYS A 384 -3.53 -2.32 -14.43
CA LYS A 384 -3.32 -3.03 -15.69
C LYS A 384 -2.06 -2.58 -16.40
N SER A 385 -1.65 -1.32 -16.20
CA SER A 385 -0.46 -0.80 -16.86
C SER A 385 0.84 -1.23 -16.19
N TRP A 386 0.77 -1.86 -15.03
CA TRP A 386 1.97 -2.21 -14.28
C TRP A 386 2.64 -3.44 -14.86
N GLY A 387 3.96 -3.37 -15.03
CA GLY A 387 4.76 -4.51 -15.39
C GLY A 387 5.42 -5.14 -14.17
N LEU A 388 6.30 -6.10 -14.44
CA LEU A 388 6.94 -6.82 -13.35
C LEU A 388 7.74 -5.88 -12.45
N GLY A 389 8.61 -5.07 -13.04
CA GLY A 389 9.44 -4.18 -12.25
C GLY A 389 8.63 -3.25 -11.38
N ARG A 390 7.50 -2.74 -11.89
CA ARG A 390 6.67 -1.85 -11.11
C ARG A 390 6.07 -2.57 -9.90
N ILE A 391 5.63 -3.82 -10.10
CA ILE A 391 5.09 -4.60 -8.99
C ILE A 391 6.17 -4.82 -7.94
N VAL A 392 7.38 -5.19 -8.37
CA VAL A 392 8.47 -5.39 -7.42
C VAL A 392 8.74 -4.11 -6.63
N THR A 393 8.76 -2.97 -7.33
CA THR A 393 9.07 -1.69 -6.67
C THR A 393 7.98 -1.31 -5.67
N GLU A 394 6.70 -1.52 -6.02
CA GLU A 394 5.63 -1.22 -5.08
C GLU A 394 5.67 -2.15 -3.87
N ILE A 395 6.02 -3.42 -4.10
CA ILE A 395 6.25 -4.34 -2.99
C ILE A 395 7.33 -3.80 -2.07
N PHE A 396 8.40 -3.24 -2.65
CA PHE A 396 9.42 -2.60 -1.83
C PHE A 396 8.84 -1.43 -1.05
N ASP A 397 7.96 -0.65 -1.68
CA ASP A 397 7.38 0.50 -1.00
C ASP A 397 6.58 0.08 0.23
N GLU A 398 5.72 -0.95 0.07
CA GLU A 398 4.88 -1.36 1.20
C GLU A 398 5.68 -2.10 2.26
N VAL A 399 6.66 -2.90 1.84
CA VAL A 399 7.37 -3.78 2.77
C VAL A 399 8.44 -3.03 3.57
N ALA A 400 9.22 -2.19 2.89
CA ALA A 400 10.51 -1.71 3.38
C ALA A 400 10.49 -0.26 3.83
N GLU A 401 10.04 0.65 2.95
CA GLU A 401 10.27 2.08 3.10
C GLU A 401 10.00 2.57 4.51
N ALA A 402 8.89 2.16 5.12
CA ALA A 402 8.57 2.63 6.45
C ALA A 402 9.57 2.16 7.51
N HIS A 403 10.38 1.15 7.20
CA HIS A 403 11.33 0.59 8.15
C HIS A 403 12.74 1.15 8.02
N LEU A 404 13.00 2.02 7.05
CA LEU A 404 14.34 2.55 6.88
C LEU A 404 14.40 3.85 7.67
N ILE A 405 15.08 3.80 8.82
CA ILE A 405 15.08 4.92 9.75
C ILE A 405 16.43 5.61 9.68
N GLN A 406 17.48 4.85 10.02
CA GLN A 406 18.83 5.34 9.77
C GLN A 406 19.03 5.56 8.27
N PRO A 407 19.91 6.49 7.89
CA PRO A 407 20.09 6.78 6.47
C PRO A 407 20.53 5.54 5.72
N THR A 408 19.86 5.29 4.59
CA THR A 408 20.04 4.07 3.83
C THR A 408 19.95 4.34 2.34
N PHE A 409 20.89 3.78 1.57
CA PHE A 409 20.84 3.78 0.12
C PHE A 409 20.23 2.48 -0.35
N ILE A 410 19.30 2.57 -1.30
CA ILE A 410 18.67 1.42 -1.92
C ILE A 410 19.04 1.44 -3.41
N THR A 411 19.66 0.37 -3.89
CA THR A 411 20.21 0.31 -5.23
C THR A 411 19.52 -0.77 -6.07
N GLU A 412 19.92 -0.84 -7.34
CA GLU A 412 19.45 -1.85 -8.28
C GLU A 412 17.92 -1.82 -8.43
N TYR A 413 17.46 -0.76 -9.09
CA TYR A 413 16.06 -0.58 -9.43
C TYR A 413 15.75 -1.17 -10.81
N PRO A 414 14.52 -1.60 -11.04
CA PRO A 414 14.15 -2.10 -12.38
C PRO A 414 14.09 -0.96 -13.39
N ALA A 415 14.31 -1.32 -14.66
CA ALA A 415 14.31 -0.32 -15.72
C ALA A 415 12.92 0.26 -15.97
N GLU A 416 11.86 -0.46 -15.61
CA GLU A 416 10.52 0.02 -15.88
C GLU A 416 10.20 1.29 -15.10
N VAL A 417 10.63 1.36 -13.84
CA VAL A 417 10.37 2.53 -13.01
C VAL A 417 11.52 3.54 -13.04
N SER A 418 12.54 3.31 -13.86
CA SER A 418 13.68 4.21 -13.99
C SER A 418 13.93 4.50 -15.45
N PRO A 419 13.04 5.27 -16.10
CA PRO A 419 13.17 5.47 -17.56
C PRO A 419 14.36 6.32 -17.96
N LEU A 420 14.85 7.20 -17.09
CA LEU A 420 15.96 8.08 -17.41
C LEU A 420 17.31 7.57 -16.90
N ALA A 421 17.36 6.37 -16.35
CA ALA A 421 18.56 5.85 -15.70
C ALA A 421 19.33 4.91 -16.63
N ARG A 422 20.65 4.93 -16.49
CA ARG A 422 21.52 4.09 -17.32
C ARG A 422 21.35 2.61 -16.96
N ARG A 423 21.35 1.76 -17.97
CA ARG A 423 21.18 0.33 -17.74
C ARG A 423 22.45 -0.28 -17.14
N ASN A 424 22.25 -1.27 -16.29
CA ASN A 424 23.38 -2.01 -15.71
C ASN A 424 24.05 -2.87 -16.77
N ASP A 425 25.34 -3.15 -16.54
CA ASP A 425 26.12 -3.88 -17.53
C ASP A 425 25.86 -5.38 -17.49
N VAL A 426 25.69 -5.94 -16.29
CA VAL A 426 25.45 -7.37 -16.15
C VAL A 426 23.98 -7.73 -16.35
N ASN A 427 23.07 -6.91 -15.82
CA ASN A 427 21.64 -7.20 -15.86
C ASN A 427 20.93 -6.05 -16.56
N PRO A 428 20.71 -6.16 -17.88
CA PRO A 428 20.07 -5.06 -18.61
C PRO A 428 18.66 -4.74 -18.14
N GLU A 429 18.01 -5.62 -17.40
CA GLU A 429 16.66 -5.33 -16.91
C GLU A 429 16.65 -4.41 -15.69
N ILE A 430 17.81 -4.13 -15.08
CA ILE A 430 17.91 -3.20 -13.98
C ILE A 430 18.83 -2.05 -14.36
N THR A 431 18.70 -0.94 -13.65
CA THR A 431 19.44 0.28 -13.93
C THR A 431 20.35 0.63 -12.78
N ASP A 432 21.35 1.47 -13.04
CA ASP A 432 22.28 1.89 -12.01
C ASP A 432 21.69 3.13 -11.35
N ARG A 433 21.18 2.96 -10.15
CA ARG A 433 20.31 3.95 -9.53
C ARG A 433 20.29 3.68 -8.04
N PHE A 434 19.93 4.71 -7.28
CA PHE A 434 19.69 4.53 -5.86
C PHE A 434 18.68 5.58 -5.39
N GLU A 435 17.82 5.17 -4.48
CA GLU A 435 17.01 6.09 -3.69
C GLU A 435 17.54 6.09 -2.27
N PHE A 436 17.40 7.23 -1.60
CA PHE A 436 18.14 7.52 -0.39
C PHE A 436 17.14 7.94 0.68
N PHE A 437 17.03 7.12 1.74
CA PHE A 437 15.96 7.22 2.73
C PHE A 437 16.51 7.57 4.10
N ILE A 438 15.79 8.43 4.81
CA ILE A 438 16.06 8.75 6.22
C ILE A 438 14.72 8.91 6.93
N GLY A 439 14.61 8.33 8.13
CA GLY A 439 13.41 8.46 8.93
C GLY A 439 12.14 7.88 8.32
N GLY A 440 12.26 6.76 7.63
CA GLY A 440 11.10 6.08 7.08
C GLY A 440 10.50 6.70 5.84
N ARG A 441 11.17 7.70 5.24
CA ARG A 441 10.64 8.39 4.08
C ARG A 441 11.78 8.58 3.09
N GLU A 442 11.43 8.70 1.80
CA GLU A 442 12.43 8.99 0.78
C GLU A 442 12.90 10.43 0.90
N ILE A 443 14.21 10.61 0.94
CA ILE A 443 14.82 11.93 1.03
C ILE A 443 15.30 12.34 -0.35
N GLY A 444 16.14 11.51 -0.97
CA GLY A 444 16.78 11.91 -2.21
C GLY A 444 16.85 10.76 -3.18
N ASN A 445 17.20 11.10 -4.41
CA ASN A 445 17.17 10.18 -5.53
C ASN A 445 18.35 10.50 -6.43
N GLY A 446 19.10 9.48 -6.83
CA GLY A 446 20.24 9.72 -7.72
C GLY A 446 20.53 8.51 -8.57
N PHE A 447 21.10 8.75 -9.74
CA PHE A 447 21.37 7.66 -10.67
C PHE A 447 22.47 8.09 -11.65
N SER A 448 23.02 7.09 -12.33
CA SER A 448 23.85 7.33 -13.50
C SER A 448 22.94 7.59 -14.69
N GLU A 449 23.05 8.76 -15.30
CA GLU A 449 22.09 9.16 -16.30
C GLU A 449 22.23 8.33 -17.57
N LEU A 450 21.12 8.16 -18.28
CA LEU A 450 21.10 7.41 -19.52
C LEU A 450 21.40 8.36 -20.67
N ASN A 451 22.57 8.15 -21.29
CA ASN A 451 22.99 8.93 -22.45
C ASN A 451 22.69 8.24 -23.78
N ASP A 452 22.06 7.07 -23.74
CA ASP A 452 21.74 6.33 -24.95
C ASP A 452 20.47 6.90 -25.60
N ALA A 453 20.58 7.37 -26.84
CA ALA A 453 19.46 7.99 -27.52
C ALA A 453 18.34 6.98 -27.78
N GLU A 454 18.66 5.88 -28.48
CA GLU A 454 17.63 4.93 -28.86
C GLU A 454 16.95 4.32 -27.64
N ASP A 455 17.74 3.97 -26.61
CA ASP A 455 17.15 3.42 -25.40
C ASP A 455 16.20 4.40 -24.75
N GLN A 456 16.60 5.68 -24.67
CA GLN A 456 15.74 6.70 -24.07
C GLN A 456 14.44 6.86 -24.85
N ALA A 457 14.54 6.91 -26.18
CA ALA A 457 13.34 7.01 -27.00
C ALA A 457 12.43 5.82 -26.79
N GLU A 458 13.00 4.61 -26.71
CA GLU A 458 12.20 3.41 -26.53
C GLU A 458 11.50 3.42 -25.17
N ARG A 459 12.20 3.80 -24.11
CA ARG A 459 11.57 3.84 -22.79
C ARG A 459 10.50 4.92 -22.71
N PHE A 460 10.71 6.04 -23.43
CA PHE A 460 9.64 7.02 -23.55
C PHE A 460 8.43 6.43 -24.26
N GLN A 461 8.67 5.61 -25.29
CA GLN A 461 7.58 4.89 -25.93
C GLN A 461 6.83 4.03 -24.92
N GLU A 462 7.56 3.31 -24.08
CA GLU A 462 6.92 2.50 -23.05
C GLU A 462 6.10 3.38 -22.11
N GLN A 463 6.60 4.57 -21.76
CA GLN A 463 5.86 5.47 -20.89
C GLN A 463 4.60 5.99 -21.56
N VAL A 464 4.62 6.18 -22.87
CA VAL A 464 3.42 6.57 -23.59
C VAL A 464 2.41 5.44 -23.60
N ASN A 465 2.89 4.20 -23.84
CA ASN A 465 2.01 3.04 -23.74
C ASN A 465 1.35 2.95 -22.37
N ALA A 466 2.12 3.21 -21.31
CA ALA A 466 1.57 3.18 -19.96
C ALA A 466 0.54 4.28 -19.76
N LYS A 467 0.79 5.49 -20.32
CA LYS A 467 -0.19 6.55 -20.22
C LYS A 467 -1.47 6.18 -20.97
N ALA A 468 -1.34 5.47 -22.09
CA ALA A 468 -2.51 5.00 -22.82
C ALA A 468 -3.27 3.95 -22.03
N ALA A 469 -2.59 3.23 -21.15
CA ALA A 469 -3.16 2.13 -20.39
C ALA A 469 -3.79 2.57 -19.08
N GLY A 470 -3.87 3.87 -18.83
CA GLY A 470 -4.57 4.39 -17.67
C GLY A 470 -3.70 5.04 -16.60
N ASP A 471 -2.38 4.99 -16.73
CA ASP A 471 -1.51 5.59 -15.72
C ASP A 471 -1.25 7.04 -16.12
N ASP A 472 -1.82 7.97 -15.36
CA ASP A 472 -1.72 9.39 -15.67
C ASP A 472 -0.51 10.05 -15.04
N GLU A 473 0.28 9.31 -14.27
CA GLU A 473 1.57 9.77 -13.77
C GLU A 473 2.70 9.48 -14.74
N ALA A 474 2.46 8.68 -15.77
CA ALA A 474 3.50 8.33 -16.73
C ALA A 474 3.97 9.56 -17.48
N MET A 475 5.23 9.53 -17.92
CA MET A 475 5.81 10.67 -18.61
C MET A 475 5.22 10.79 -20.01
N PHE A 476 5.63 11.85 -20.71
CA PHE A 476 5.29 12.04 -22.11
C PHE A 476 6.51 11.73 -22.97
N TYR A 477 6.36 11.84 -24.28
CA TYR A 477 7.47 11.68 -25.20
C TYR A 477 8.07 13.05 -25.49
N ASP A 478 9.33 13.24 -25.11
CA ASP A 478 10.06 14.49 -25.35
C ASP A 478 11.04 14.27 -26.49
N GLU A 479 10.74 14.84 -27.67
CA GLU A 479 11.59 14.64 -28.84
C GLU A 479 12.84 15.52 -28.79
N ASP A 480 12.73 16.71 -28.18
CA ASP A 480 13.87 17.60 -28.09
C ASP A 480 14.99 16.99 -27.23
N TYR A 481 14.63 16.41 -26.09
CA TYR A 481 15.64 15.79 -25.24
C TYR A 481 16.31 14.62 -25.97
N VAL A 482 15.53 13.88 -26.75
CA VAL A 482 16.11 12.82 -27.56
C VAL A 482 17.11 13.40 -28.55
N THR A 483 16.77 14.55 -29.15
CA THR A 483 17.69 15.19 -30.07
C THR A 483 18.99 15.60 -29.37
N ALA A 484 18.88 16.14 -28.17
CA ALA A 484 20.08 16.49 -27.40
C ALA A 484 20.93 15.26 -27.13
N LEU A 485 20.29 14.15 -26.73
CA LEU A 485 21.05 12.92 -26.54
C LEU A 485 21.68 12.44 -27.84
N GLU A 486 21.10 12.79 -28.99
CA GLU A 486 21.71 12.44 -30.26
C GLU A 486 22.90 13.34 -30.58
N TYR A 487 22.89 14.60 -30.12
CA TYR A 487 24.11 15.40 -30.14
C TYR A 487 25.13 14.91 -29.13
N GLY A 488 24.70 14.06 -28.22
CA GLY A 488 25.52 13.29 -27.32
C GLY A 488 25.69 13.94 -25.97
N LEU A 489 25.52 13.13 -24.93
CA LEU A 489 25.57 13.57 -23.55
C LEU A 489 26.71 12.81 -22.90
N PRO A 490 27.73 13.48 -22.37
CA PRO A 490 28.81 12.75 -21.74
C PRO A 490 28.28 11.86 -20.65
N PRO A 491 29.00 10.78 -20.31
CA PRO A 491 28.55 9.94 -19.19
C PRO A 491 28.45 10.80 -17.94
N THR A 492 27.27 10.79 -17.33
CA THR A 492 26.92 11.79 -16.33
C THR A 492 26.17 11.12 -15.20
N ALA A 493 26.45 11.58 -13.99
CA ALA A 493 25.68 11.19 -12.82
C ALA A 493 24.86 12.38 -12.34
N GLY A 494 23.71 12.10 -11.77
CA GLY A 494 22.85 13.18 -11.30
C GLY A 494 22.06 12.74 -10.09
N LEU A 495 21.72 13.73 -9.27
CA LEU A 495 21.14 13.52 -7.96
C LEU A 495 20.01 14.53 -7.78
N GLY A 496 19.06 14.18 -6.93
CA GLY A 496 18.08 15.16 -6.48
C GLY A 496 17.61 14.83 -5.09
N ILE A 497 17.28 15.88 -4.35
CA ILE A 497 16.92 15.76 -2.94
C ILE A 497 15.77 16.72 -2.67
N GLY A 498 14.69 16.22 -2.11
CA GLY A 498 13.64 17.08 -1.62
C GLY A 498 14.18 17.89 -0.46
N ILE A 499 14.21 19.20 -0.60
CA ILE A 499 14.84 20.03 0.42
C ILE A 499 13.99 20.05 1.69
N ASP A 500 12.67 20.11 1.52
CA ASP A 500 11.79 20.19 2.67
C ASP A 500 11.96 18.99 3.59
N ARG A 501 12.11 17.79 3.02
CA ARG A 501 12.38 16.60 3.82
C ARG A 501 13.68 16.75 4.62
N MET A 502 14.72 17.26 3.96
CA MET A 502 16.00 17.45 4.64
C MET A 502 15.85 18.39 5.83
N ILE A 503 15.25 19.56 5.60
CA ILE A 503 15.08 20.52 6.68
C ILE A 503 14.20 19.94 7.78
N MET A 504 13.23 19.10 7.42
CA MET A 504 12.52 18.33 8.44
C MET A 504 13.51 17.59 9.32
N LEU A 505 14.41 16.82 8.69
CA LEU A 505 15.34 16.01 9.47
C LEU A 505 16.23 16.86 10.36
N PHE A 506 16.60 18.06 9.92
CA PHE A 506 17.53 18.87 10.70
C PHE A 506 16.86 19.76 11.75
N THR A 507 15.55 20.00 11.65
CA THR A 507 14.82 20.80 12.64
C THR A 507 14.05 19.98 13.66
N ASN A 508 14.17 18.65 13.61
CA ASN A 508 13.36 17.76 14.44
C ASN A 508 11.88 17.99 14.22
N SER A 509 11.51 18.28 12.98
CA SER A 509 10.12 18.53 12.60
C SER A 509 9.57 17.28 11.92
N HIS A 510 8.43 16.80 12.40
CA HIS A 510 7.84 15.56 11.92
C HIS A 510 6.71 15.76 10.92
N THR A 511 6.38 16.99 10.56
CA THR A 511 5.47 17.26 9.45
C THR A 511 6.14 18.23 8.50
N ILE A 512 5.88 18.07 7.21
CA ILE A 512 6.43 19.01 6.23
C ILE A 512 5.77 20.38 6.38
N ARG A 513 4.58 20.45 6.97
CA ARG A 513 3.93 21.73 7.20
C ARG A 513 4.73 22.59 8.19
N ASP A 514 5.39 21.95 9.16
CA ASP A 514 6.19 22.70 10.12
C ASP A 514 7.42 23.32 9.47
N VAL A 515 7.88 22.77 8.35
CA VAL A 515 9.11 23.23 7.72
C VAL A 515 8.85 24.11 6.50
N ILE A 516 7.60 24.28 6.08
CA ILE A 516 7.25 25.12 4.94
C ILE A 516 6.50 26.34 5.47
N LEU A 517 6.89 27.53 5.04
CA LEU A 517 6.28 28.75 5.56
C LEU A 517 4.77 28.77 5.31
N PHE A 518 4.35 28.69 4.04
CA PHE A 518 2.93 28.74 3.70
C PHE A 518 2.55 27.48 2.92
N PRO A 519 2.27 26.39 3.62
CA PRO A 519 1.84 25.16 2.93
C PRO A 519 0.41 25.23 2.43
N ALA A 520 -0.03 24.18 1.75
CA ALA A 520 -1.38 24.14 1.21
C ALA A 520 -2.38 23.78 2.30
N MET A 521 -3.51 24.47 2.30
CA MET A 521 -4.55 24.28 3.30
C MET A 521 -5.80 23.68 2.66
N ARG A 522 -6.80 23.41 3.49
CA ARG A 522 -8.08 22.85 3.07
C ARG A 522 -9.18 23.78 3.55
N PRO A 523 -9.62 24.73 2.70
CA PRO A 523 -10.61 25.76 3.07
C PRO A 523 -11.95 25.17 3.52
N ILE B 33 -44.06 -95.54 10.28
CA ILE B 33 -43.90 -95.69 8.83
C ILE B 33 -44.99 -94.94 8.09
N ASP B 34 -45.75 -94.12 8.83
CA ASP B 34 -46.82 -93.35 8.20
C ASP B 34 -46.29 -92.30 7.24
N PHE B 35 -45.08 -91.79 7.49
CA PHE B 35 -44.50 -90.77 6.61
C PHE B 35 -44.12 -91.35 5.26
N ASN B 36 -43.67 -92.60 5.23
CA ASN B 36 -43.39 -93.24 3.95
C ASN B 36 -44.67 -93.50 3.17
N ASP B 37 -45.77 -93.80 3.86
CA ASP B 37 -47.06 -93.98 3.19
C ASP B 37 -47.61 -92.66 2.67
N GLU B 38 -47.39 -91.57 3.40
CA GLU B 38 -47.86 -90.26 2.95
C GLU B 38 -47.14 -89.81 1.69
N LEU B 39 -45.81 -89.99 1.65
CA LEU B 39 -45.03 -89.52 0.51
C LEU B 39 -45.51 -90.18 -0.79
N ARG B 40 -45.64 -91.51 -0.78
CA ARG B 40 -46.05 -92.23 -1.98
C ARG B 40 -47.48 -91.88 -2.36
N ASN B 41 -48.38 -91.78 -1.37
CA ASN B 41 -49.77 -91.48 -1.63
C ASN B 41 -49.90 -90.12 -2.33
N ARG B 42 -49.32 -89.09 -1.74
CA ARG B 42 -49.41 -87.75 -2.32
C ARG B 42 -48.72 -87.68 -3.67
N ARG B 43 -47.58 -88.38 -3.82
CA ARG B 43 -46.89 -88.39 -5.10
C ARG B 43 -47.76 -89.01 -6.18
N GLU B 44 -48.55 -90.04 -5.82
CA GLU B 44 -49.42 -90.69 -6.79
C GLU B 44 -50.64 -89.82 -7.12
N LYS B 45 -51.16 -89.10 -6.13
CA LYS B 45 -52.19 -88.11 -6.43
C LYS B 45 -51.67 -87.07 -7.41
N LEU B 46 -50.46 -86.54 -7.16
CA LEU B 46 -49.84 -85.58 -8.06
C LEU B 46 -49.69 -86.17 -9.46
N ALA B 47 -49.34 -87.45 -9.55
CA ALA B 47 -49.24 -88.09 -10.86
C ALA B 47 -50.60 -88.15 -11.55
N ALA B 48 -51.67 -88.40 -10.80
CA ALA B 48 -53.00 -88.38 -11.40
C ALA B 48 -53.36 -87.00 -11.92
N LEU B 49 -53.02 -85.96 -11.14
CA LEU B 49 -53.26 -84.59 -11.59
C LEU B 49 -52.46 -84.26 -12.85
N ARG B 50 -51.25 -84.81 -12.98
CA ARG B 50 -50.52 -84.73 -14.25
C ARG B 50 -51.28 -85.42 -15.36
N GLN B 51 -51.83 -86.60 -15.07
CA GLN B 51 -52.54 -87.36 -16.09
C GLN B 51 -53.73 -86.57 -16.63
N GLN B 52 -54.50 -85.93 -15.76
CA GLN B 52 -55.76 -85.33 -16.17
C GLN B 52 -55.63 -83.89 -16.64
N GLY B 53 -54.43 -83.32 -16.67
CA GLY B 53 -54.36 -81.96 -17.15
C GLY B 53 -53.21 -81.22 -16.47
N VAL B 54 -53.39 -79.91 -16.38
CA VAL B 54 -52.42 -79.06 -15.69
C VAL B 54 -52.46 -79.37 -14.19
N ALA B 55 -51.29 -79.74 -13.65
CA ALA B 55 -51.11 -79.93 -12.22
C ALA B 55 -50.45 -78.75 -11.52
N PHE B 56 -50.05 -77.71 -12.27
CA PHE B 56 -49.39 -76.53 -11.70
C PHE B 56 -49.97 -75.26 -12.33
N PRO B 57 -51.26 -75.00 -12.11
CA PRO B 57 -51.83 -73.75 -12.64
C PRO B 57 -51.27 -72.54 -11.89
N ASN B 58 -50.74 -71.58 -12.64
CA ASN B 58 -50.27 -70.32 -12.09
C ASN B 58 -51.22 -69.16 -12.33
N ASP B 59 -52.38 -69.40 -12.95
CA ASP B 59 -53.23 -68.32 -13.40
C ASP B 59 -54.14 -67.76 -12.31
N PHE B 60 -54.19 -68.39 -11.14
CA PHE B 60 -55.09 -67.91 -10.09
C PHE B 60 -54.57 -66.60 -9.51
N ARG B 61 -55.48 -65.66 -9.27
CA ARG B 61 -55.15 -64.36 -8.70
C ARG B 61 -56.02 -64.09 -7.48
N ARG B 62 -55.42 -63.52 -6.44
CA ARG B 62 -56.12 -63.18 -5.22
C ARG B 62 -56.16 -61.67 -5.05
N ASP B 63 -57.29 -61.17 -4.54
CA ASP B 63 -57.45 -59.74 -4.26
C ASP B 63 -57.27 -59.37 -2.78
N HIS B 64 -57.07 -60.35 -1.89
CA HIS B 64 -57.03 -60.06 -0.46
C HIS B 64 -56.14 -61.05 0.28
N THR B 65 -55.56 -60.59 1.38
CA THR B 65 -54.87 -61.43 2.35
C THR B 65 -55.63 -61.42 3.66
N SER B 66 -55.42 -62.47 4.46
CA SER B 66 -56.23 -62.67 5.66
C SER B 66 -56.13 -61.49 6.62
N ASP B 67 -54.94 -60.91 6.77
CA ASP B 67 -54.78 -59.80 7.70
C ASP B 67 -55.58 -58.58 7.26
N GLN B 68 -55.85 -58.44 5.96
CA GLN B 68 -56.67 -57.33 5.49
C GLN B 68 -58.13 -57.55 5.85
N LEU B 69 -58.66 -58.73 5.51
CA LEU B 69 -60.05 -59.05 5.85
C LEU B 69 -60.27 -58.96 7.36
N HIS B 70 -59.27 -59.35 8.15
CA HIS B 70 -59.38 -59.20 9.59
C HIS B 70 -59.31 -57.74 10.01
N GLU B 71 -58.38 -56.98 9.45
CA GLU B 71 -58.24 -55.57 9.81
C GLU B 71 -59.43 -54.73 9.37
N GLU B 72 -60.32 -55.27 8.53
CA GLU B 72 -61.48 -54.55 8.04
C GLU B 72 -62.79 -55.05 8.65
N PHE B 73 -63.14 -56.31 8.43
CA PHE B 73 -64.46 -56.83 8.72
C PHE B 73 -64.59 -57.54 10.06
N ASP B 74 -63.53 -57.57 10.88
CA ASP B 74 -63.65 -58.25 12.18
C ASP B 74 -64.62 -57.53 13.11
N ALA B 75 -64.71 -56.20 12.99
CA ALA B 75 -65.49 -55.39 13.90
C ALA B 75 -66.94 -55.22 13.46
N LYS B 76 -67.38 -55.92 12.42
CA LYS B 76 -68.74 -55.79 11.91
C LYS B 76 -69.47 -57.11 12.07
N ASP B 77 -70.69 -57.04 12.62
CA ASP B 77 -71.48 -58.25 12.87
C ASP B 77 -72.03 -58.80 11.56
N ASN B 78 -72.70 -59.95 11.66
CA ASN B 78 -73.25 -60.58 10.46
C ASN B 78 -74.42 -59.80 9.88
N GLN B 79 -74.97 -58.84 10.62
CA GLN B 79 -76.04 -58.01 10.08
C GLN B 79 -75.53 -57.12 8.95
N GLU B 80 -74.37 -56.47 9.18
CA GLU B 80 -73.82 -55.60 8.13
C GLU B 80 -73.17 -56.41 7.02
N LEU B 81 -72.58 -57.57 7.33
CA LEU B 81 -71.99 -58.41 6.30
C LEU B 81 -73.04 -59.13 5.47
N GLU B 82 -74.24 -59.33 6.00
CA GLU B 82 -75.28 -60.01 5.23
C GLU B 82 -75.90 -59.09 4.18
N SER B 83 -76.11 -57.82 4.54
CA SER B 83 -76.73 -56.88 3.60
C SER B 83 -75.79 -56.56 2.45
N LEU B 84 -74.50 -56.40 2.73
CA LEU B 84 -73.52 -56.12 1.70
C LEU B 84 -72.94 -57.44 1.19
N ASN B 85 -73.06 -57.69 -0.10
CA ASN B 85 -72.47 -58.88 -0.69
C ASN B 85 -71.06 -58.52 -1.09
N ILE B 86 -70.09 -59.02 -0.34
CA ILE B 86 -68.69 -58.71 -0.52
C ILE B 86 -68.00 -60.00 -0.91
N GLU B 87 -67.61 -60.10 -2.18
CA GLU B 87 -66.96 -61.28 -2.70
C GLU B 87 -65.46 -61.04 -2.75
N VAL B 88 -64.70 -61.97 -2.21
CA VAL B 88 -63.25 -61.88 -2.19
C VAL B 88 -62.68 -63.22 -2.64
N SER B 89 -61.44 -63.18 -3.10
CA SER B 89 -60.70 -64.37 -3.46
C SER B 89 -59.39 -64.38 -2.69
N VAL B 90 -59.08 -65.51 -2.07
CA VAL B 90 -57.85 -65.68 -1.28
C VAL B 90 -57.13 -66.92 -1.79
N ALA B 91 -55.88 -67.04 -1.39
CA ALA B 91 -55.09 -68.20 -1.77
C ALA B 91 -54.07 -68.44 -0.67
N GLY B 92 -53.74 -69.71 -0.46
CA GLY B 92 -52.81 -70.06 0.59
C GLY B 92 -52.80 -71.55 0.84
N ARG B 93 -52.15 -71.91 1.93
CA ARG B 93 -51.95 -73.31 2.31
C ARG B 93 -53.13 -73.77 3.17
N MET B 94 -53.58 -75.01 2.94
CA MET B 94 -54.74 -75.52 3.67
C MET B 94 -54.19 -76.16 4.93
N MET B 95 -54.38 -75.47 6.06
CA MET B 95 -53.79 -75.91 7.32
C MET B 95 -54.66 -76.93 8.04
N THR B 96 -55.97 -76.72 8.13
CA THR B 96 -56.84 -77.69 8.77
C THR B 96 -58.07 -77.94 7.91
N ARG B 97 -58.68 -79.11 8.10
CA ARG B 97 -59.92 -79.44 7.41
C ARG B 97 -60.76 -80.35 8.30
N ARG B 98 -62.08 -80.11 8.29
CA ARG B 98 -63.04 -81.01 8.91
C ARG B 98 -64.17 -81.23 7.90
N ILE B 99 -64.32 -82.47 7.45
CA ILE B 99 -65.30 -82.81 6.42
C ILE B 99 -66.50 -83.42 7.11
N MET B 100 -67.61 -82.68 7.13
CA MET B 100 -68.87 -83.14 7.69
C MET B 100 -69.86 -83.62 6.64
N GLY B 101 -69.43 -83.88 5.40
CA GLY B 101 -70.35 -84.49 4.47
C GLY B 101 -71.41 -83.60 3.83
N LYS B 102 -70.97 -82.73 2.92
CA LYS B 102 -71.68 -81.63 2.24
C LYS B 102 -71.50 -80.33 3.00
N ALA B 103 -70.83 -80.35 4.15
CA ALA B 103 -70.37 -79.13 4.79
C ALA B 103 -68.98 -79.41 5.36
N SER B 104 -68.03 -78.52 5.09
CA SER B 104 -66.67 -78.71 5.55
C SER B 104 -66.08 -77.37 5.96
N PHE B 105 -65.11 -77.43 6.89
CA PHE B 105 -64.51 -76.23 7.45
C PHE B 105 -63.00 -76.31 7.29
N VAL B 106 -62.41 -75.27 6.67
CA VAL B 106 -61.00 -75.26 6.32
C VAL B 106 -60.33 -74.08 7.03
N THR B 107 -59.14 -74.33 7.58
CA THR B 107 -58.28 -73.26 8.06
C THR B 107 -57.15 -73.07 7.05
N LEU B 108 -57.15 -71.89 6.41
CA LEU B 108 -56.21 -71.49 5.37
C LEU B 108 -55.24 -70.45 5.92
N GLN B 109 -53.99 -70.48 5.45
CA GLN B 109 -52.95 -69.63 5.99
C GLN B 109 -52.16 -68.95 4.87
N ASP B 110 -51.88 -67.66 5.05
CA ASP B 110 -51.03 -66.90 4.13
C ASP B 110 -50.23 -65.89 4.94
N VAL B 111 -49.60 -64.94 4.22
CA VAL B 111 -48.68 -63.98 4.84
C VAL B 111 -49.31 -63.32 6.06
N GLY B 112 -50.58 -62.95 5.96
CA GLY B 112 -51.20 -62.17 7.02
C GLY B 112 -51.72 -62.97 8.18
N GLY B 113 -51.87 -64.28 8.02
CA GLY B 113 -52.48 -64.99 9.11
C GLY B 113 -53.30 -66.15 8.59
N ARG B 114 -54.28 -66.55 9.38
CA ARG B 114 -55.21 -67.61 9.01
C ARG B 114 -56.60 -67.00 8.77
N ILE B 115 -57.30 -67.57 7.80
CA ILE B 115 -58.69 -67.24 7.51
C ILE B 115 -59.41 -68.55 7.29
N GLN B 116 -60.70 -68.57 7.64
CA GLN B 116 -61.49 -69.79 7.62
C GLN B 116 -62.42 -69.82 6.42
N LEU B 117 -62.50 -70.99 5.78
CA LEU B 117 -63.31 -71.21 4.61
C LEU B 117 -64.41 -72.20 4.93
N TYR B 118 -65.60 -71.93 4.39
CA TYR B 118 -66.76 -72.83 4.51
C TYR B 118 -66.97 -73.46 3.14
N VAL B 119 -66.70 -74.75 3.05
CA VAL B 119 -66.75 -75.48 1.78
C VAL B 119 -68.06 -76.26 1.77
N ALA B 120 -68.99 -75.85 0.90
CA ALA B 120 -70.28 -76.49 0.78
C ALA B 120 -70.38 -77.24 -0.55
N ARG B 121 -70.96 -78.44 -0.51
CA ARG B 121 -71.07 -79.25 -1.72
C ARG B 121 -71.94 -78.56 -2.78
N ASP B 122 -73.08 -78.03 -2.36
CA ASP B 122 -74.05 -77.46 -3.29
C ASP B 122 -73.81 -76.00 -3.59
N SER B 123 -72.85 -75.35 -2.92
CA SER B 123 -72.49 -73.99 -3.24
C SER B 123 -71.34 -73.89 -4.24
N LEU B 124 -70.67 -74.99 -4.53
CA LEU B 124 -69.59 -75.05 -5.50
C LEU B 124 -70.11 -75.59 -6.83
N PRO B 125 -69.28 -75.57 -7.87
CA PRO B 125 -69.66 -76.25 -9.11
C PRO B 125 -69.82 -77.74 -8.89
N GLU B 126 -70.53 -78.37 -9.84
CA GLU B 126 -70.84 -79.79 -9.72
C GLU B 126 -69.56 -80.63 -9.77
N GLY B 127 -69.41 -81.52 -8.78
CA GLY B 127 -68.29 -82.44 -8.73
C GLY B 127 -67.07 -81.93 -8.00
N VAL B 128 -66.95 -80.61 -7.85
CA VAL B 128 -65.77 -80.05 -7.20
C VAL B 128 -65.64 -80.56 -5.77
N TYR B 129 -66.77 -80.67 -5.06
CA TYR B 129 -66.72 -81.05 -3.65
C TYR B 129 -66.35 -82.52 -3.49
N ASN B 130 -67.04 -83.41 -4.21
CA ASN B 130 -66.85 -84.83 -3.98
C ASN B 130 -65.62 -85.37 -4.73
N ASP B 131 -65.43 -84.98 -5.98
CA ASP B 131 -64.38 -85.56 -6.80
C ASP B 131 -63.05 -84.82 -6.72
N GLN B 132 -63.00 -83.67 -6.05
CA GLN B 132 -61.77 -82.91 -5.96
C GLN B 132 -61.44 -82.52 -4.53
N PHE B 133 -62.30 -81.73 -3.90
CA PHE B 133 -62.02 -81.19 -2.57
C PHE B 133 -61.75 -82.30 -1.56
N LYS B 134 -62.59 -83.34 -1.54
CA LYS B 134 -62.44 -84.39 -0.55
C LYS B 134 -61.16 -85.20 -0.76
N LYS B 135 -60.57 -85.16 -1.95
CA LYS B 135 -59.34 -85.89 -2.23
C LYS B 135 -58.08 -85.10 -1.90
N TRP B 136 -58.21 -83.81 -1.59
CA TRP B 136 -57.05 -82.98 -1.28
C TRP B 136 -56.52 -83.31 0.12
N ASP B 137 -55.27 -82.92 0.37
CA ASP B 137 -54.58 -83.21 1.61
C ASP B 137 -54.14 -81.92 2.30
N LEU B 138 -53.94 -82.01 3.60
CA LEU B 138 -53.44 -80.89 4.37
C LEU B 138 -52.08 -80.45 3.83
N GLY B 139 -51.84 -79.14 3.85
CA GLY B 139 -50.62 -78.57 3.33
C GLY B 139 -50.66 -78.19 1.86
N ASP B 140 -51.62 -78.71 1.10
CA ASP B 140 -51.76 -78.35 -0.29
C ASP B 140 -52.06 -76.86 -0.43
N ILE B 141 -51.53 -76.26 -1.50
CA ILE B 141 -51.79 -74.86 -1.81
C ILE B 141 -53.05 -74.78 -2.65
N ILE B 142 -54.05 -74.05 -2.16
CA ILE B 142 -55.35 -73.92 -2.80
C ILE B 142 -55.70 -72.45 -2.88
N GLY B 143 -56.78 -72.16 -3.60
CA GLY B 143 -57.33 -70.83 -3.61
C GLY B 143 -58.83 -70.89 -3.72
N ALA B 144 -59.48 -69.84 -3.23
CA ALA B 144 -60.91 -69.86 -2.99
C ALA B 144 -61.49 -68.50 -3.33
N ARG B 145 -62.74 -68.52 -3.79
CA ARG B 145 -63.45 -67.30 -4.14
C ARG B 145 -64.86 -67.43 -3.57
N GLY B 146 -65.24 -66.51 -2.68
CA GLY B 146 -66.53 -66.62 -2.04
C GLY B 146 -66.94 -65.31 -1.41
N THR B 147 -68.08 -65.35 -0.72
CA THR B 147 -68.67 -64.19 -0.07
C THR B 147 -68.43 -64.21 1.42
N LEU B 148 -68.24 -63.03 2.00
CA LEU B 148 -67.90 -62.92 3.42
C LEU B 148 -69.14 -63.14 4.28
N PHE B 149 -68.96 -63.86 5.38
CA PHE B 149 -69.99 -63.99 6.40
C PHE B 149 -69.31 -64.22 7.74
N LYS B 150 -70.12 -64.43 8.78
CA LYS B 150 -69.62 -64.74 10.11
C LYS B 150 -70.35 -65.94 10.67
N THR B 151 -69.60 -66.87 11.26
CA THR B 151 -70.17 -68.09 11.80
C THR B 151 -70.91 -67.80 13.10
N GLN B 152 -71.43 -68.86 13.72
CA GLN B 152 -72.19 -68.72 14.97
C GLN B 152 -71.32 -68.21 16.11
N THR B 153 -70.01 -68.36 16.02
CA THR B 153 -69.09 -67.85 17.04
C THR B 153 -68.64 -66.43 16.77
N GLY B 154 -69.02 -65.84 15.64
CA GLY B 154 -68.61 -64.49 15.30
C GLY B 154 -67.31 -64.40 14.52
N GLU B 155 -66.76 -65.52 14.06
CA GLU B 155 -65.51 -65.50 13.32
C GLU B 155 -65.78 -65.22 11.84
N LEU B 156 -64.90 -64.44 11.24
CA LEU B 156 -65.02 -64.12 9.83
C LEU B 156 -64.68 -65.33 8.98
N SER B 157 -65.58 -65.69 8.05
CA SER B 157 -65.37 -66.82 7.18
C SER B 157 -65.79 -66.46 5.75
N ILE B 158 -65.32 -67.26 4.80
CA ILE B 158 -65.60 -67.06 3.39
C ILE B 158 -66.42 -68.25 2.91
N HIS B 159 -67.68 -68.01 2.57
CA HIS B 159 -68.50 -69.03 1.94
C HIS B 159 -68.03 -69.18 0.49
N CYS B 160 -67.58 -70.37 0.14
CA CYS B 160 -66.86 -70.56 -1.11
C CYS B 160 -67.85 -70.93 -2.22
N THR B 161 -67.93 -70.07 -3.23
CA THR B 161 -68.60 -70.41 -4.48
C THR B 161 -67.64 -71.00 -5.51
N GLU B 162 -66.33 -70.89 -5.30
CA GLU B 162 -65.35 -71.49 -6.19
C GLU B 162 -64.14 -71.90 -5.36
N LEU B 163 -63.58 -73.06 -5.69
CA LEU B 163 -62.43 -73.59 -4.98
C LEU B 163 -61.63 -74.45 -5.94
N ARG B 164 -60.30 -74.36 -5.87
CA ARG B 164 -59.47 -75.17 -6.76
C ARG B 164 -58.07 -75.31 -6.16
N LEU B 165 -57.35 -76.31 -6.66
CA LEU B 165 -56.05 -76.69 -6.13
C LEU B 165 -54.94 -76.07 -6.99
N LEU B 166 -54.17 -75.17 -6.38
CA LEU B 166 -53.10 -74.50 -7.10
C LEU B 166 -51.80 -75.31 -7.14
N ASP B 167 -51.43 -75.94 -6.03
CA ASP B 167 -50.22 -76.75 -5.96
C ASP B 167 -50.42 -77.90 -4.99
N LYS B 168 -49.86 -79.06 -5.34
CA LYS B 168 -50.01 -80.27 -4.54
C LYS B 168 -48.77 -80.45 -3.68
N ALA B 169 -48.96 -80.48 -2.36
CA ALA B 169 -47.86 -80.65 -1.43
C ALA B 169 -47.56 -82.14 -1.29
N LEU B 170 -46.33 -82.54 -1.61
CA LEU B 170 -45.96 -83.95 -1.57
C LEU B 170 -45.64 -84.45 -0.17
N ARG B 171 -45.34 -83.54 0.77
CA ARG B 171 -45.05 -83.95 2.13
C ARG B 171 -46.01 -83.27 3.10
N PRO B 172 -46.43 -83.96 4.15
CA PRO B 172 -47.46 -83.40 5.04
C PRO B 172 -46.88 -82.31 5.94
N LEU B 173 -47.76 -81.66 6.70
CA LEU B 173 -47.30 -80.58 7.55
C LEU B 173 -46.39 -81.13 8.65
N PRO B 174 -45.37 -80.36 9.05
CA PRO B 174 -44.48 -80.84 10.12
C PRO B 174 -45.14 -80.82 11.49
N ASP B 175 -44.41 -81.30 12.50
CA ASP B 175 -44.93 -81.37 13.87
C ASP B 175 -43.80 -81.14 14.88
N ASP B 182 -34.25 -82.15 17.05
CA ASP B 182 -35.41 -81.41 16.60
C ASP B 182 -35.25 -79.91 16.87
N GLN B 183 -34.56 -79.57 17.96
CA GLN B 183 -34.37 -78.17 18.30
C GLN B 183 -33.47 -77.46 17.30
N GLU B 184 -32.50 -78.18 16.71
CA GLU B 184 -31.67 -77.64 15.64
C GLU B 184 -32.22 -77.91 14.26
N VAL B 185 -33.27 -78.72 14.13
CA VAL B 185 -33.88 -78.96 12.83
C VAL B 185 -34.58 -77.71 12.32
N ARG B 186 -35.17 -76.92 13.23
CA ARG B 186 -35.78 -75.64 12.86
C ARG B 186 -34.81 -74.74 12.10
N TYR B 187 -33.52 -74.83 12.41
CA TYR B 187 -32.54 -73.98 11.76
C TYR B 187 -32.13 -74.50 10.39
N ARG B 188 -32.11 -75.83 10.20
CA ARG B 188 -31.70 -76.38 8.91
C ARG B 188 -32.75 -76.11 7.85
N GLN B 189 -34.00 -76.47 8.11
CA GLN B 189 -35.10 -76.17 7.20
C GLN B 189 -36.01 -75.17 7.90
N ARG B 190 -35.89 -73.89 7.54
CA ARG B 190 -36.66 -72.88 8.24
C ARG B 190 -38.05 -72.72 7.65
N TYR B 191 -38.29 -73.22 6.44
CA TYR B 191 -39.63 -73.13 5.87
C TYR B 191 -40.64 -73.85 6.74
N LEU B 192 -40.24 -75.00 7.32
CA LEU B 192 -41.13 -75.69 8.24
C LEU B 192 -41.35 -74.89 9.53
N ASP B 193 -40.29 -74.24 10.03
CA ASP B 193 -40.45 -73.41 11.22
C ASP B 193 -41.42 -72.27 10.97
N LEU B 194 -41.26 -71.59 9.84
CA LEU B 194 -42.16 -70.48 9.49
C LEU B 194 -43.59 -70.98 9.27
N ILE B 195 -43.74 -72.16 8.68
CA ILE B 195 -45.08 -72.73 8.49
C ILE B 195 -45.74 -72.98 9.84
N ALA B 196 -45.00 -73.60 10.75
CA ALA B 196 -45.58 -74.06 12.01
C ALA B 196 -45.70 -72.93 13.03
N ASN B 197 -44.57 -72.48 13.57
CA ASN B 197 -44.56 -71.57 14.70
C ASN B 197 -44.70 -70.12 14.24
N ASP B 198 -45.68 -69.41 14.79
CA ASP B 198 -45.87 -68.01 14.45
C ASP B 198 -44.90 -67.10 15.19
N LYS B 199 -44.30 -67.58 16.28
CA LYS B 199 -43.35 -66.75 17.01
C LYS B 199 -42.13 -66.42 16.14
N SER B 200 -41.65 -67.40 15.38
CA SER B 200 -40.50 -67.15 14.51
C SER B 200 -40.89 -66.23 13.36
N ARG B 201 -42.08 -66.44 12.77
CA ARG B 201 -42.56 -65.55 11.71
C ARG B 201 -42.60 -64.10 12.19
N GLN B 202 -43.25 -63.85 13.33
CA GLN B 202 -43.27 -62.49 13.86
C GLN B 202 -41.88 -62.02 14.26
N THR B 203 -40.98 -62.95 14.57
CA THR B 203 -39.60 -62.57 14.87
C THR B 203 -38.93 -61.95 13.65
N PHE B 204 -39.04 -62.61 12.49
CA PHE B 204 -38.39 -62.07 11.30
C PHE B 204 -39.14 -60.88 10.72
N VAL B 205 -40.47 -60.85 10.83
CA VAL B 205 -41.21 -59.65 10.45
C VAL B 205 -40.76 -58.46 11.30
N VAL B 206 -40.57 -58.70 12.61
CA VAL B 206 -40.06 -57.65 13.48
C VAL B 206 -38.65 -57.25 13.05
N ARG B 207 -37.85 -58.21 12.58
CA ARG B 207 -36.52 -57.86 12.07
C ARG B 207 -36.62 -56.91 10.89
N SER B 208 -37.50 -57.22 9.94
CA SER B 208 -37.69 -56.32 8.79
C SER B 208 -38.13 -54.94 9.24
N LYS B 209 -39.13 -54.88 10.12
CA LYS B 209 -39.62 -53.58 10.58
C LYS B 209 -38.50 -52.80 11.27
N ILE B 210 -37.64 -53.48 12.02
CA ILE B 210 -36.55 -52.81 12.71
C ILE B 210 -35.57 -52.23 11.70
N LEU B 211 -35.12 -53.05 10.75
CA LEU B 211 -34.17 -52.56 9.75
C LEU B 211 -34.72 -51.37 8.99
N ALA B 212 -35.98 -51.45 8.54
CA ALA B 212 -36.61 -50.32 7.87
C ALA B 212 -36.61 -49.08 8.77
N ALA B 213 -36.95 -49.25 10.04
CA ALA B 213 -36.97 -48.10 10.94
C ALA B 213 -35.57 -47.54 11.19
N ILE B 214 -34.55 -48.39 11.08
CA ILE B 214 -33.18 -47.92 11.26
C ILE B 214 -32.76 -47.06 10.07
N ARG B 215 -33.03 -47.56 8.85
CA ARG B 215 -32.73 -46.75 7.66
C ARG B 215 -33.50 -45.43 7.70
N GLN B 216 -34.77 -45.47 8.13
CA GLN B 216 -35.55 -44.23 8.26
C GLN B 216 -34.94 -43.29 9.28
N PHE B 217 -34.52 -43.82 10.43
CA PHE B 217 -33.93 -42.99 11.48
C PHE B 217 -32.59 -42.39 11.03
N MET B 218 -31.82 -43.11 10.23
CA MET B 218 -30.55 -42.58 9.74
C MET B 218 -30.76 -41.53 8.67
N VAL B 219 -31.68 -41.78 7.73
CA VAL B 219 -31.98 -40.80 6.70
C VAL B 219 -32.51 -39.52 7.33
N ALA B 220 -33.34 -39.66 8.38
CA ALA B 220 -33.91 -38.49 9.03
C ALA B 220 -32.83 -37.55 9.58
N ARG B 221 -31.69 -38.10 9.94
CA ARG B 221 -30.58 -37.33 10.49
C ARG B 221 -29.67 -36.76 9.41
N GLY B 222 -29.93 -37.04 8.14
CA GLY B 222 -29.08 -36.56 7.07
C GLY B 222 -27.96 -37.48 6.66
N PHE B 223 -28.01 -38.76 7.02
CA PHE B 223 -27.00 -39.71 6.63
C PHE B 223 -27.33 -40.37 5.30
N MET B 224 -26.31 -40.62 4.49
CA MET B 224 -26.45 -41.22 3.18
C MET B 224 -25.97 -42.67 3.22
N GLU B 225 -26.86 -43.60 2.89
CA GLU B 225 -26.48 -45.01 2.84
C GLU B 225 -25.59 -45.26 1.64
N VAL B 226 -24.66 -46.18 1.81
CA VAL B 226 -23.56 -46.36 0.87
C VAL B 226 -23.15 -47.83 0.83
N GLU B 227 -22.70 -48.29 -0.33
CA GLU B 227 -22.19 -49.65 -0.50
C GLU B 227 -20.69 -49.60 -0.76
N THR B 228 -19.92 -50.22 0.14
CA THR B 228 -18.47 -50.32 0.05
C THR B 228 -18.07 -51.78 -0.15
N PRO B 229 -16.87 -52.04 -0.69
CA PRO B 229 -16.55 -53.39 -1.18
C PRO B 229 -16.79 -54.48 -0.15
N MET B 230 -17.31 -55.60 -0.63
CA MET B 230 -17.42 -56.81 0.18
C MET B 230 -16.22 -57.72 0.04
N MET B 231 -15.34 -57.43 -0.93
CA MET B 231 -14.11 -58.19 -1.14
C MET B 231 -12.96 -57.21 -1.24
N GLN B 232 -12.03 -57.29 -0.30
CA GLN B 232 -10.92 -56.35 -0.23
C GLN B 232 -9.60 -57.10 -0.40
N VAL B 233 -8.58 -56.37 -0.86
CA VAL B 233 -7.24 -56.93 -0.92
C VAL B 233 -6.62 -56.95 0.47
N ILE B 234 -6.80 -55.89 1.23
CA ILE B 234 -6.32 -55.82 2.61
C ILE B 234 -7.51 -55.65 3.55
N PRO B 235 -7.84 -56.65 4.36
CA PRO B 235 -8.93 -56.50 5.32
C PRO B 235 -8.52 -55.65 6.51
N GLY B 236 -9.50 -54.98 7.09
CA GLY B 236 -9.23 -54.13 8.23
C GLY B 236 -10.51 -53.68 8.89
N GLY B 237 -10.35 -52.79 9.88
CA GLY B 237 -11.47 -52.23 10.62
C GLY B 237 -11.87 -53.01 11.85
N ALA B 238 -11.26 -54.17 12.09
CA ALA B 238 -11.62 -55.03 13.22
C ALA B 238 -10.47 -56.00 13.42
N SER B 239 -10.66 -56.94 14.36
CA SER B 239 -9.69 -58.00 14.60
C SER B 239 -10.41 -59.34 14.59
N ALA B 240 -10.13 -60.16 13.57
CA ALA B 240 -10.64 -61.52 13.50
C ALA B 240 -9.93 -62.23 12.36
N ARG B 241 -10.23 -63.52 12.19
CA ARG B 241 -9.70 -64.30 11.08
C ARG B 241 -10.49 -63.99 9.82
N PRO B 242 -9.89 -63.42 8.79
CA PRO B 242 -10.62 -63.17 7.55
C PRO B 242 -10.74 -64.41 6.69
N PHE B 243 -11.81 -64.46 5.90
CA PHE B 243 -11.96 -65.46 4.87
C PHE B 243 -11.11 -65.08 3.66
N ILE B 244 -10.45 -66.06 3.06
CA ILE B 244 -9.61 -65.84 1.90
C ILE B 244 -10.17 -66.65 0.74
N THR B 245 -10.25 -66.02 -0.43
CA THR B 245 -10.61 -66.70 -1.67
C THR B 245 -9.67 -66.22 -2.76
N HIS B 246 -9.85 -66.75 -3.97
CA HIS B 246 -8.97 -66.43 -5.10
C HIS B 246 -9.80 -65.95 -6.28
N HIS B 247 -9.40 -64.82 -6.85
CA HIS B 247 -9.96 -64.33 -8.10
C HIS B 247 -9.13 -64.86 -9.25
N ASN B 248 -9.76 -65.66 -10.12
CA ASN B 248 -9.00 -66.35 -11.17
C ASN B 248 -8.59 -65.38 -12.28
N ALA B 249 -9.51 -64.52 -12.73
CA ALA B 249 -9.22 -63.64 -13.85
C ALA B 249 -8.01 -62.75 -13.59
N LEU B 250 -7.86 -62.28 -12.35
CA LEU B 250 -6.72 -61.48 -11.96
C LEU B 250 -5.62 -62.29 -11.26
N ASP B 251 -5.86 -63.59 -11.05
CA ASP B 251 -4.92 -64.45 -10.32
C ASP B 251 -4.54 -63.82 -8.98
N LEU B 252 -5.53 -63.20 -8.33
CA LEU B 252 -5.28 -62.37 -7.16
C LEU B 252 -6.05 -62.90 -5.95
N ASP B 253 -5.34 -63.16 -4.87
CA ASP B 253 -5.97 -63.59 -3.63
C ASP B 253 -6.68 -62.40 -2.98
N MET B 254 -7.92 -62.62 -2.55
CA MET B 254 -8.75 -61.57 -1.97
C MET B 254 -9.33 -62.04 -0.65
N TYR B 255 -9.66 -61.07 0.20
CA TYR B 255 -10.24 -61.34 1.51
C TYR B 255 -11.68 -60.86 1.56
N LEU B 256 -12.50 -61.56 2.34
CA LEU B 256 -13.85 -61.10 2.63
C LEU B 256 -13.80 -60.00 3.69
N ARG B 257 -14.68 -59.02 3.55
CA ARG B 257 -14.67 -57.86 4.44
C ARG B 257 -14.95 -58.28 5.88
N ILE B 258 -14.06 -57.87 6.80
CA ILE B 258 -14.33 -58.02 8.22
C ILE B 258 -14.98 -56.79 8.84
N ALA B 259 -14.98 -55.66 8.12
CA ALA B 259 -15.56 -54.39 8.54
C ALA B 259 -15.36 -53.37 7.43
N PRO B 260 -16.36 -52.57 7.09
CA PRO B 260 -16.18 -51.56 6.06
C PRO B 260 -15.67 -50.23 6.61
N GLU B 261 -14.73 -50.27 7.52
CA GLU B 261 -14.38 -49.04 8.23
C GLU B 261 -13.50 -48.13 7.38
N LEU B 262 -12.42 -48.69 6.84
CA LEU B 262 -11.46 -47.87 6.12
C LEU B 262 -12.06 -47.28 4.86
N TYR B 263 -12.95 -48.00 4.20
CA TYR B 263 -13.59 -47.48 2.99
C TYR B 263 -14.58 -46.38 3.33
N LEU B 264 -15.35 -46.56 4.40
CA LEU B 264 -16.31 -45.52 4.78
C LEU B 264 -15.60 -44.24 5.17
N LYS B 265 -14.50 -44.35 5.93
CA LYS B 265 -13.75 -43.14 6.25
C LYS B 265 -13.07 -42.56 5.01
N ARG B 266 -12.63 -43.42 4.08
CA ARG B 266 -12.19 -42.92 2.78
C ARG B 266 -13.26 -42.05 2.15
N LEU B 267 -14.52 -42.49 2.20
CA LEU B 267 -15.61 -41.72 1.62
C LEU B 267 -15.92 -40.48 2.43
N VAL B 268 -15.54 -40.43 3.70
CA VAL B 268 -15.66 -39.17 4.44
C VAL B 268 -14.57 -38.20 4.00
N VAL B 269 -13.38 -38.71 3.68
CA VAL B 269 -12.36 -37.86 3.08
C VAL B 269 -12.85 -37.32 1.74
N GLY B 270 -13.56 -38.14 0.97
CA GLY B 270 -14.10 -37.73 -0.30
C GLY B 270 -15.12 -36.62 -0.22
N GLY B 271 -15.61 -36.32 0.97
CA GLY B 271 -16.61 -35.28 1.15
C GLY B 271 -18.00 -35.74 1.49
N PHE B 272 -18.24 -37.05 1.68
CA PHE B 272 -19.51 -37.48 2.26
C PHE B 272 -19.29 -37.50 3.76
N GLU B 273 -19.77 -36.47 4.44
CA GLU B 273 -19.45 -36.24 5.84
C GLU B 273 -20.45 -36.88 6.79
N ARG B 274 -21.59 -37.34 6.28
CA ARG B 274 -22.53 -38.17 7.03
C ARG B 274 -22.83 -39.39 6.17
N VAL B 275 -22.32 -40.55 6.58
CA VAL B 275 -22.40 -41.75 5.75
C VAL B 275 -22.66 -42.95 6.64
N PHE B 276 -23.33 -43.96 6.09
CA PHE B 276 -23.52 -45.20 6.83
C PHE B 276 -23.72 -46.34 5.85
N GLU B 277 -23.46 -47.55 6.33
CA GLU B 277 -23.69 -48.76 5.58
C GLU B 277 -24.25 -49.82 6.52
N ILE B 278 -25.37 -50.41 6.15
CA ILE B 278 -25.94 -51.55 6.86
C ILE B 278 -25.84 -52.74 5.93
N ASN B 279 -24.90 -53.64 6.21
CA ASN B 279 -24.62 -54.73 5.29
C ASN B 279 -23.83 -55.79 6.05
N ARG B 280 -23.55 -56.90 5.37
CA ARG B 280 -23.02 -58.08 6.04
C ARG B 280 -21.50 -58.05 6.07
N ASN B 281 -20.95 -58.47 7.21
CA ASN B 281 -19.52 -58.67 7.41
C ASN B 281 -19.26 -60.13 7.74
N PHE B 282 -18.06 -60.58 7.40
CA PHE B 282 -17.69 -62.00 7.46
C PHE B 282 -16.48 -62.17 8.36
N ARG B 283 -16.55 -63.14 9.27
CA ARG B 283 -15.44 -63.49 10.14
C ARG B 283 -15.37 -65.01 10.27
N ASN B 284 -14.15 -65.52 10.34
CA ASN B 284 -13.89 -66.96 10.36
C ASN B 284 -13.93 -67.54 11.77
N GLU B 285 -14.38 -66.76 12.75
CA GLU B 285 -14.38 -67.11 14.16
C GLU B 285 -14.93 -68.49 14.47
N GLY B 286 -16.23 -68.66 14.33
CA GLY B 286 -16.88 -69.91 14.69
C GLY B 286 -18.30 -69.63 15.14
N ILE B 287 -19.02 -70.70 15.40
CA ILE B 287 -20.42 -70.59 15.79
C ILE B 287 -20.51 -70.50 17.30
N SER B 288 -21.41 -69.64 17.78
CA SER B 288 -21.65 -69.47 19.20
C SER B 288 -23.08 -68.99 19.39
N VAL B 289 -23.46 -68.79 20.65
CA VAL B 289 -24.78 -68.21 20.93
C VAL B 289 -24.83 -66.78 20.43
N ARG B 290 -23.73 -66.05 20.58
CA ARG B 290 -23.64 -64.66 20.16
C ARG B 290 -22.94 -64.46 18.81
N HIS B 291 -22.50 -65.54 18.15
CA HIS B 291 -21.64 -65.42 16.99
C HIS B 291 -22.16 -66.24 15.81
N ASN B 292 -22.00 -65.67 14.61
CA ASN B 292 -22.29 -66.32 13.34
C ASN B 292 -21.23 -65.84 12.37
N PRO B 293 -20.74 -66.71 11.47
CA PRO B 293 -19.63 -66.29 10.58
C PRO B 293 -19.99 -65.13 9.67
N GLU B 294 -21.25 -65.00 9.27
CA GLU B 294 -21.70 -63.87 8.46
C GLU B 294 -22.82 -63.17 9.22
N PHE B 295 -22.65 -61.88 9.48
CA PHE B 295 -23.61 -61.17 10.32
C PHE B 295 -23.79 -59.75 9.81
N THR B 296 -24.94 -59.17 10.12
CA THR B 296 -25.28 -57.84 9.64
C THR B 296 -24.72 -56.77 10.58
N MET B 297 -24.18 -55.71 9.98
CA MET B 297 -23.50 -54.64 10.69
C MET B 297 -23.99 -53.28 10.20
N MET B 298 -24.08 -52.32 11.10
CA MET B 298 -24.29 -50.94 10.72
C MET B 298 -23.06 -50.13 11.11
N GLU B 299 -22.52 -49.37 10.17
CA GLU B 299 -21.39 -48.49 10.46
C GLU B 299 -21.74 -47.11 9.92
N LEU B 300 -21.80 -46.13 10.81
CA LEU B 300 -22.05 -44.75 10.42
C LEU B 300 -20.90 -43.87 10.89
N TYR B 301 -20.63 -42.82 10.12
CA TYR B 301 -19.59 -41.86 10.41
C TYR B 301 -20.15 -40.47 10.15
N MET B 302 -19.85 -39.54 11.06
CA MET B 302 -20.22 -38.15 10.90
C MET B 302 -19.05 -37.26 11.29
N ALA B 303 -18.70 -36.36 10.39
CA ALA B 303 -17.59 -35.44 10.62
C ALA B 303 -18.01 -34.34 11.59
N TYR B 304 -17.00 -33.72 12.23
CA TYR B 304 -17.20 -32.67 13.20
C TYR B 304 -18.05 -33.16 14.38
N ALA B 305 -17.63 -34.27 14.98
CA ALA B 305 -18.31 -34.85 16.12
C ALA B 305 -17.34 -35.74 16.88
N ASP B 306 -17.67 -36.03 18.13
CA ASP B 306 -16.90 -36.96 18.96
C ASP B 306 -17.83 -38.05 19.48
N TYR B 307 -17.27 -38.95 20.30
CA TYR B 307 -18.02 -40.13 20.68
C TYR B 307 -19.22 -39.81 21.56
N HIS B 308 -19.25 -38.64 22.21
CA HIS B 308 -20.41 -38.27 23.01
C HIS B 308 -21.66 -38.11 22.13
N ASP B 309 -21.49 -37.45 20.98
CA ASP B 309 -22.57 -37.37 20.01
C ASP B 309 -23.09 -38.75 19.63
N LEU B 310 -22.19 -39.75 19.58
CA LEU B 310 -22.61 -41.11 19.23
C LEU B 310 -23.27 -41.81 20.40
N ILE B 311 -22.93 -41.42 21.64
CA ILE B 311 -23.67 -41.92 22.80
C ILE B 311 -25.11 -41.44 22.75
N GLU B 312 -25.31 -40.13 22.56
CA GLU B 312 -26.67 -39.61 22.46
C GLU B 312 -27.40 -40.18 21.25
N LEU B 313 -26.67 -40.40 20.16
CA LEU B 313 -27.28 -40.98 18.97
C LEU B 313 -27.69 -42.42 19.20
N THR B 314 -26.91 -43.16 20.00
CA THR B 314 -27.27 -44.53 20.33
C THR B 314 -28.51 -44.59 21.21
N GLU B 315 -28.53 -43.79 22.28
CA GLU B 315 -29.69 -43.77 23.16
C GLU B 315 -30.96 -43.38 22.40
N SER B 316 -30.88 -42.32 21.60
CA SER B 316 -32.05 -41.94 20.81
C SER B 316 -32.41 -43.02 19.80
N LEU B 317 -31.43 -43.77 19.30
CA LEU B 317 -31.71 -44.84 18.36
C LEU B 317 -32.54 -45.94 19.03
N PHE B 318 -32.06 -46.45 20.15
CA PHE B 318 -32.77 -47.54 20.81
C PHE B 318 -34.12 -47.10 21.35
N ARG B 319 -34.22 -45.85 21.81
CA ARG B 319 -35.52 -45.33 22.24
C ARG B 319 -36.50 -45.28 21.07
N THR B 320 -36.05 -44.79 19.92
CA THR B 320 -36.92 -44.67 18.75
C THR B 320 -37.37 -46.04 18.27
N LEU B 321 -36.45 -47.00 18.17
CA LEU B 321 -36.83 -48.35 17.75
C LEU B 321 -37.76 -49.00 18.76
N ALA B 322 -37.53 -48.76 20.06
CA ALA B 322 -38.40 -49.32 21.08
C ALA B 322 -39.80 -48.75 20.98
N GLN B 323 -39.93 -47.48 20.55
CA GLN B 323 -41.26 -46.91 20.39
C GLN B 323 -41.94 -47.39 19.11
N GLU B 324 -41.20 -47.47 18.00
CA GLU B 324 -41.82 -47.78 16.71
C GLU B 324 -42.18 -49.26 16.59
N VAL B 325 -41.25 -50.15 16.94
CA VAL B 325 -41.45 -51.57 16.69
C VAL B 325 -42.31 -52.22 17.76
N LEU B 326 -42.08 -51.89 19.03
CA LEU B 326 -42.78 -52.49 20.16
C LEU B 326 -43.97 -51.66 20.59
N GLY B 327 -43.75 -50.39 20.91
CA GLY B 327 -44.79 -49.50 21.39
C GLY B 327 -44.61 -49.00 22.79
N THR B 328 -43.60 -49.49 23.53
CA THR B 328 -43.26 -48.91 24.82
C THR B 328 -41.75 -48.78 24.93
N THR B 329 -41.31 -47.88 25.81
CA THR B 329 -39.89 -47.78 26.12
C THR B 329 -39.41 -48.96 26.96
N LYS B 330 -40.30 -49.64 27.67
CA LYS B 330 -39.95 -50.78 28.49
C LYS B 330 -40.03 -52.05 27.64
N VAL B 331 -38.89 -52.73 27.50
CA VAL B 331 -38.78 -53.94 26.69
C VAL B 331 -38.49 -55.10 27.61
N THR B 332 -39.30 -56.14 27.53
CA THR B 332 -39.10 -57.35 28.32
C THR B 332 -38.19 -58.30 27.55
N TYR B 333 -37.07 -58.68 28.18
CA TYR B 333 -36.10 -59.57 27.57
C TYR B 333 -35.71 -60.62 28.61
N GLY B 334 -36.07 -61.87 28.35
CA GLY B 334 -35.84 -62.91 29.34
C GLY B 334 -36.48 -62.58 30.67
N GLU B 335 -35.68 -62.60 31.73
CA GLU B 335 -36.13 -62.25 33.08
C GLU B 335 -35.92 -60.79 33.42
N HIS B 336 -35.50 -59.98 32.46
CA HIS B 336 -35.13 -58.59 32.70
C HIS B 336 -36.07 -57.67 31.93
N VAL B 337 -36.09 -56.40 32.36
CA VAL B 337 -36.81 -55.34 31.66
C VAL B 337 -35.86 -54.19 31.41
N PHE B 338 -35.56 -53.92 30.14
CA PHE B 338 -34.71 -52.81 29.75
C PHE B 338 -35.57 -51.57 29.53
N ASP B 339 -35.14 -50.44 30.08
CA ASP B 339 -35.83 -49.17 29.87
C ASP B 339 -34.96 -48.33 28.95
N PHE B 340 -35.40 -48.19 27.69
CA PHE B 340 -34.64 -47.41 26.71
C PHE B 340 -35.04 -45.95 26.70
N GLY B 341 -36.02 -45.57 27.53
CA GLY B 341 -36.32 -44.16 27.75
C GLY B 341 -35.45 -43.50 28.80
N LYS B 342 -34.75 -44.29 29.60
CA LYS B 342 -33.76 -43.98 30.61
C LYS B 342 -32.36 -44.02 30.03
N PRO B 343 -31.53 -43.03 30.35
CA PRO B 343 -30.15 -43.02 29.84
C PRO B 343 -29.36 -44.24 30.31
N PHE B 344 -28.43 -44.67 29.47
CA PHE B 344 -27.66 -45.88 29.73
C PHE B 344 -26.64 -45.64 30.84
N GLU B 345 -26.15 -46.74 31.41
CA GLU B 345 -25.12 -46.66 32.43
C GLU B 345 -23.77 -46.31 31.80
N LYS B 346 -23.06 -45.36 32.40
CA LYS B 346 -21.77 -44.90 31.89
C LYS B 346 -20.68 -45.28 32.90
N LEU B 347 -19.68 -46.02 32.43
CA LEU B 347 -18.53 -46.40 33.24
C LEU B 347 -17.29 -46.38 32.36
N THR B 348 -16.12 -46.25 33.00
CA THR B 348 -14.89 -46.51 32.28
C THR B 348 -14.60 -48.01 32.34
N MET B 349 -13.51 -48.43 31.70
CA MET B 349 -13.17 -49.85 31.74
C MET B 349 -12.61 -50.23 33.10
N ARG B 350 -11.74 -49.39 33.67
CA ARG B 350 -11.20 -49.66 34.99
C ARG B 350 -12.28 -49.57 36.06
N GLU B 351 -13.23 -48.64 35.90
CA GLU B 351 -14.34 -48.55 36.85
C GLU B 351 -15.20 -49.80 36.83
N ALA B 352 -15.34 -50.44 35.67
CA ALA B 352 -16.10 -51.68 35.62
C ALA B 352 -15.30 -52.84 36.20
N ILE B 353 -13.99 -52.86 35.94
CA ILE B 353 -13.14 -53.90 36.53
C ILE B 353 -13.20 -53.83 38.05
N LYS B 354 -13.02 -52.64 38.62
CA LYS B 354 -13.10 -52.48 40.06
C LYS B 354 -14.54 -52.70 40.56
N LYS B 355 -15.53 -52.41 39.71
CA LYS B 355 -16.91 -52.57 40.16
C LYS B 355 -17.25 -54.04 40.35
N TYR B 356 -16.92 -54.88 39.38
CA TYR B 356 -17.29 -56.29 39.42
C TYR B 356 -16.18 -57.17 39.97
N ARG B 357 -15.05 -56.59 40.37
CA ARG B 357 -14.02 -57.30 41.12
C ARG B 357 -13.42 -56.32 42.13
N PRO B 358 -14.16 -56.02 43.20
CA PRO B 358 -13.72 -54.95 44.12
C PRO B 358 -12.44 -55.27 44.88
N GLU B 359 -12.07 -56.54 45.03
CA GLU B 359 -10.83 -56.90 45.71
C GLU B 359 -9.59 -56.59 44.89
N THR B 360 -9.76 -56.15 43.63
CA THR B 360 -8.63 -55.86 42.77
C THR B 360 -7.87 -54.64 43.25
N ASP B 361 -6.54 -54.72 43.20
CA ASP B 361 -5.69 -53.57 43.42
C ASP B 361 -5.46 -52.89 42.07
N MET B 362 -5.93 -51.66 41.95
CA MET B 362 -5.86 -50.97 40.66
C MET B 362 -4.43 -50.61 40.26
N ALA B 363 -3.47 -50.75 41.18
CA ALA B 363 -2.06 -50.56 40.84
C ALA B 363 -1.51 -51.71 40.00
N ASP B 364 -2.15 -52.89 40.05
CA ASP B 364 -1.70 -54.02 39.27
C ASP B 364 -1.95 -53.84 37.79
N LEU B 365 -2.83 -52.92 37.41
CA LEU B 365 -3.13 -52.67 36.01
C LEU B 365 -2.18 -51.65 35.38
N ASP B 366 -1.28 -51.06 36.15
CA ASP B 366 -0.31 -50.11 35.63
C ASP B 366 1.05 -50.73 35.35
N ASN B 367 1.19 -52.04 35.57
CA ASN B 367 2.45 -52.74 35.42
C ASN B 367 2.21 -54.04 34.67
N PHE B 368 3.09 -54.35 33.72
CA PHE B 368 2.89 -55.52 32.86
C PHE B 368 2.89 -56.81 33.67
N ASP B 369 3.84 -56.95 34.59
CA ASP B 369 3.98 -58.22 35.32
C ASP B 369 2.80 -58.45 36.26
N ALA B 370 2.38 -57.40 36.98
CA ALA B 370 1.26 -57.54 37.90
C ALA B 370 -0.05 -57.77 37.14
N ALA B 371 -0.23 -57.08 36.02
CA ALA B 371 -1.44 -57.28 35.23
C ALA B 371 -1.48 -58.67 34.62
N LYS B 372 -0.33 -59.17 34.15
CA LYS B 372 -0.30 -60.53 33.60
C LYS B 372 -0.58 -61.57 34.69
N ALA B 373 0.06 -61.41 35.85
CA ALA B 373 -0.21 -62.31 36.96
C ALA B 373 -1.69 -62.29 37.33
N LEU B 374 -2.30 -61.11 37.34
CA LEU B 374 -3.71 -60.99 37.67
C LEU B 374 -4.58 -61.70 36.64
N ALA B 375 -4.36 -61.41 35.35
CA ALA B 375 -5.13 -62.04 34.29
C ALA B 375 -5.03 -63.56 34.37
N GLU B 376 -3.82 -64.07 34.64
CA GLU B 376 -3.67 -65.51 34.82
C GLU B 376 -4.44 -65.99 36.05
N SER B 377 -4.49 -65.17 37.11
CA SER B 377 -5.22 -65.55 38.32
C SER B 377 -6.72 -65.62 38.07
N ILE B 378 -7.22 -64.83 37.11
CA ILE B 378 -8.63 -64.91 36.74
C ILE B 378 -8.94 -66.17 35.93
N GLY B 379 -7.93 -66.75 35.27
CA GLY B 379 -8.15 -67.80 34.31
C GLY B 379 -7.97 -67.39 32.86
N ILE B 380 -7.43 -66.21 32.60
CA ILE B 380 -7.11 -65.77 31.25
C ILE B 380 -5.74 -66.31 30.87
N THR B 381 -5.62 -66.79 29.63
CA THR B 381 -4.33 -67.22 29.10
C THR B 381 -3.68 -66.04 28.41
N VAL B 382 -2.61 -65.51 29.01
CA VAL B 382 -1.93 -64.36 28.43
C VAL B 382 -1.15 -64.82 27.20
N GLU B 383 -1.04 -63.93 26.23
CA GLU B 383 -0.48 -64.25 24.93
C GLU B 383 0.87 -63.58 24.74
N LYS B 384 1.71 -64.20 23.90
CA LYS B 384 3.04 -63.67 23.66
C LYS B 384 2.99 -62.28 23.01
N SER B 385 1.95 -62.01 22.22
CA SER B 385 1.82 -60.75 21.51
C SER B 385 1.13 -59.67 22.32
N TRP B 386 0.63 -60.00 23.52
CA TRP B 386 -0.17 -59.06 24.29
C TRP B 386 0.70 -58.05 25.02
N GLY B 387 0.30 -56.78 24.95
CA GLY B 387 0.87 -55.74 25.76
C GLY B 387 0.01 -55.44 26.97
N LEU B 388 0.40 -54.40 27.70
CA LEU B 388 -0.29 -54.07 28.94
C LEU B 388 -1.77 -53.77 28.68
N GLY B 389 -2.05 -52.86 27.75
CA GLY B 389 -3.42 -52.48 27.47
C GLY B 389 -4.29 -53.66 27.08
N ARG B 390 -3.74 -54.59 26.29
CA ARG B 390 -4.51 -55.77 25.91
C ARG B 390 -4.82 -56.63 27.13
N ILE B 391 -3.86 -56.79 28.03
CA ILE B 391 -4.11 -57.56 29.25
C ILE B 391 -5.24 -56.92 30.04
N VAL B 392 -5.19 -55.59 30.19
CA VAL B 392 -6.25 -54.90 30.91
C VAL B 392 -7.60 -55.13 30.25
N THR B 393 -7.64 -55.05 28.91
CA THR B 393 -8.90 -55.23 28.21
C THR B 393 -9.45 -56.64 28.39
N GLU B 394 -8.58 -57.66 28.34
CA GLU B 394 -9.04 -59.03 28.51
C GLU B 394 -9.50 -59.28 29.95
N ILE B 395 -8.79 -58.69 30.93
CA ILE B 395 -9.27 -58.69 32.31
C ILE B 395 -10.69 -58.14 32.38
N PHE B 396 -10.92 -56.99 31.73
CA PHE B 396 -12.27 -56.44 31.67
C PHE B 396 -13.25 -57.43 31.06
N ASP B 397 -12.83 -58.15 30.01
CA ASP B 397 -13.74 -59.06 29.34
C ASP B 397 -14.16 -60.20 30.26
N GLU B 398 -13.21 -60.81 30.96
CA GLU B 398 -13.57 -61.92 31.83
C GLU B 398 -14.32 -61.45 33.07
N VAL B 399 -13.95 -60.28 33.61
CA VAL B 399 -14.48 -59.83 34.89
C VAL B 399 -15.86 -59.17 34.73
N ALA B 400 -16.03 -58.33 33.71
CA ALA B 400 -17.12 -57.36 33.66
C ALA B 400 -18.22 -57.76 32.68
N GLU B 401 -17.88 -57.98 31.41
CA GLU B 401 -18.84 -58.06 30.32
C GLU B 401 -20.07 -58.89 30.65
N ALA B 402 -19.87 -60.08 31.21
CA ALA B 402 -21.01 -60.95 31.47
C ALA B 402 -22.00 -60.36 32.46
N HIS B 403 -21.60 -59.35 33.24
CA HIS B 403 -22.46 -58.73 34.24
C HIS B 403 -23.13 -57.45 33.76
N LEU B 404 -22.90 -57.02 32.52
CA LEU B 404 -23.53 -55.80 32.04
C LEU B 404 -24.82 -56.23 31.34
N ILE B 405 -25.95 -56.00 32.00
CA ILE B 405 -27.24 -56.49 31.54
C ILE B 405 -28.02 -55.31 31.00
N GLN B 406 -28.33 -54.36 31.89
CA GLN B 406 -28.86 -53.09 31.43
C GLN B 406 -27.87 -52.43 30.47
N PRO B 407 -28.36 -51.63 29.53
CA PRO B 407 -27.46 -50.98 28.56
C PRO B 407 -26.42 -50.14 29.28
N THR B 408 -25.16 -50.36 28.93
CA THR B 408 -24.04 -49.75 29.62
C THR B 408 -22.96 -49.35 28.62
N PHE B 409 -22.41 -48.15 28.80
CA PHE B 409 -21.30 -47.64 28.02
C PHE B 409 -19.99 -47.86 28.78
N ILE B 410 -18.98 -48.33 28.07
CA ILE B 410 -17.64 -48.53 28.62
C ILE B 410 -16.68 -47.60 27.87
N THR B 411 -15.95 -46.79 28.63
CA THR B 411 -15.16 -45.69 28.10
C THR B 411 -13.69 -45.87 28.45
N GLU B 412 -12.82 -45.16 27.73
CA GLU B 412 -11.38 -45.11 27.98
C GLU B 412 -10.72 -46.49 27.81
N TYR B 413 -10.65 -46.89 26.55
CA TYR B 413 -9.95 -48.09 26.11
C TYR B 413 -8.48 -47.76 25.81
N PRO B 414 -7.56 -48.69 26.10
CA PRO B 414 -6.15 -48.44 25.79
C PRO B 414 -5.90 -48.49 24.29
N ALA B 415 -4.86 -47.75 23.87
CA ALA B 415 -4.60 -47.59 22.45
C ALA B 415 -4.19 -48.89 21.76
N GLU B 416 -3.71 -49.88 22.53
CA GLU B 416 -3.24 -51.12 21.92
C GLU B 416 -4.38 -51.86 21.21
N VAL B 417 -5.57 -51.86 21.82
CA VAL B 417 -6.72 -52.55 21.24
C VAL B 417 -7.60 -51.62 20.43
N SER B 418 -7.23 -50.35 20.29
CA SER B 418 -8.00 -49.37 19.52
C SER B 418 -7.07 -48.69 18.51
N PRO B 419 -6.65 -49.40 17.47
CA PRO B 419 -5.69 -48.82 16.52
C PRO B 419 -6.26 -47.68 15.71
N LEU B 420 -7.57 -47.67 15.48
CA LEU B 420 -8.23 -46.68 14.63
C LEU B 420 -8.86 -45.53 15.41
N ALA B 421 -8.65 -45.46 16.72
CA ALA B 421 -9.29 -44.46 17.56
C ALA B 421 -8.37 -43.30 17.89
N ARG B 422 -8.97 -42.11 18.01
CA ARG B 422 -8.22 -40.90 18.35
C ARG B 422 -7.69 -40.99 19.78
N ARG B 423 -6.47 -40.49 19.99
CA ARG B 423 -5.86 -40.52 21.31
C ARG B 423 -6.45 -39.42 22.20
N ASN B 424 -6.62 -39.75 23.48
CA ASN B 424 -7.12 -38.80 24.46
C ASN B 424 -6.15 -37.64 24.65
N ASP B 425 -6.70 -36.48 25.03
CA ASP B 425 -5.89 -35.27 25.17
C ASP B 425 -5.05 -35.28 26.43
N VAL B 426 -5.60 -35.78 27.55
CA VAL B 426 -4.87 -35.81 28.81
C VAL B 426 -3.99 -37.05 28.93
N ASN B 427 -4.45 -38.20 28.45
CA ASN B 427 -3.76 -39.48 28.63
C ASN B 427 -3.50 -40.09 27.26
N PRO B 428 -2.32 -39.85 26.68
CA PRO B 428 -2.06 -40.38 25.33
C PRO B 428 -2.06 -41.89 25.24
N GLU B 429 -1.91 -42.61 26.36
CA GLU B 429 -1.90 -44.06 26.31
C GLU B 429 -3.29 -44.65 26.10
N ILE B 430 -4.36 -43.86 26.26
CA ILE B 430 -5.72 -44.33 26.06
C ILE B 430 -6.37 -43.50 24.95
N THR B 431 -7.46 -44.03 24.41
CA THR B 431 -8.15 -43.46 23.26
C THR B 431 -9.56 -43.05 23.64
N ASP B 432 -10.15 -42.17 22.84
CA ASP B 432 -11.52 -41.73 23.08
C ASP B 432 -12.43 -42.71 22.35
N ARG B 433 -13.08 -43.58 23.12
CA ARG B 433 -13.75 -44.75 22.56
C ARG B 433 -14.76 -45.23 23.59
N PHE B 434 -15.73 -46.01 23.13
CA PHE B 434 -16.64 -46.69 24.03
C PHE B 434 -17.17 -47.94 23.35
N GLU B 435 -17.42 -48.97 24.15
CA GLU B 435 -18.17 -50.12 23.69
C GLU B 435 -19.47 -50.19 24.49
N PHE B 436 -20.52 -50.65 23.83
CA PHE B 436 -21.88 -50.47 24.33
C PHE B 436 -22.52 -51.85 24.47
N PHE B 437 -22.91 -52.19 25.70
CA PHE B 437 -23.30 -53.56 26.05
C PHE B 437 -24.75 -53.61 26.51
N ILE B 438 -25.45 -54.68 26.11
CA ILE B 438 -26.79 -54.97 26.61
C ILE B 438 -26.90 -56.47 26.82
N GLY B 439 -27.44 -56.87 27.96
CA GLY B 439 -27.71 -58.28 28.22
C GLY B 439 -26.47 -59.15 28.28
N GLY B 440 -25.37 -58.62 28.80
CA GLY B 440 -24.16 -59.40 28.98
C GLY B 440 -23.33 -59.61 27.73
N ARG B 441 -23.68 -58.98 26.61
CA ARG B 441 -22.97 -59.14 25.36
C ARG B 441 -22.69 -57.76 24.76
N GLU B 442 -21.72 -57.70 23.86
CA GLU B 442 -21.39 -56.47 23.16
C GLU B 442 -22.40 -56.24 22.04
N ILE B 443 -22.93 -55.03 21.96
CA ILE B 443 -23.92 -54.67 20.96
C ILE B 443 -23.26 -53.79 19.90
N GLY B 444 -22.64 -52.70 20.34
CA GLY B 444 -22.05 -51.75 19.43
C GLY B 444 -20.76 -51.17 19.97
N ASN B 445 -20.02 -50.56 19.07
CA ASN B 445 -18.70 -50.03 19.33
C ASN B 445 -18.59 -48.70 18.59
N GLY B 446 -18.17 -47.66 19.29
CA GLY B 446 -18.02 -46.36 18.66
C GLY B 446 -16.92 -45.56 19.29
N PHE B 447 -16.33 -44.66 18.50
CA PHE B 447 -15.17 -43.89 18.93
C PHE B 447 -15.05 -42.64 18.07
N SER B 448 -14.24 -41.71 18.56
CA SER B 448 -13.79 -40.59 17.75
C SER B 448 -12.65 -41.07 16.87
N GLU B 449 -12.84 -40.99 15.55
CA GLU B 449 -11.91 -41.60 14.62
C GLU B 449 -10.57 -40.88 14.63
N LEU B 450 -9.52 -41.63 14.29
CA LEU B 450 -8.16 -41.10 14.30
C LEU B 450 -7.85 -40.52 12.94
N ASN B 451 -7.72 -39.20 12.88
CA ASN B 451 -7.37 -38.46 11.67
C ASN B 451 -5.88 -38.18 11.56
N ASP B 452 -5.10 -38.67 12.52
CA ASP B 452 -3.65 -38.47 12.50
C ASP B 452 -3.00 -39.51 11.58
N ALA B 453 -2.28 -39.03 10.56
CA ALA B 453 -1.69 -39.94 9.59
C ALA B 453 -0.55 -40.75 10.19
N GLU B 454 0.44 -40.06 10.77
CA GLU B 454 1.62 -40.75 11.28
C GLU B 454 1.25 -41.71 12.40
N ASP B 455 0.36 -41.29 13.30
CA ASP B 455 -0.08 -42.16 14.38
C ASP B 455 -0.74 -43.42 13.83
N GLN B 456 -1.60 -43.27 12.82
CA GLN B 456 -2.25 -44.43 12.21
C GLN B 456 -1.23 -45.36 11.58
N ALA B 457 -0.23 -44.80 10.89
CA ALA B 457 0.83 -45.62 10.32
C ALA B 457 1.55 -46.41 11.41
N GLU B 458 1.91 -45.74 12.50
CA GLU B 458 2.66 -46.41 13.56
C GLU B 458 1.83 -47.53 14.20
N ARG B 459 0.56 -47.26 14.50
CA ARG B 459 -0.27 -48.30 15.11
C ARG B 459 -0.47 -49.47 14.15
N PHE B 460 -0.56 -49.20 12.85
CA PHE B 460 -0.57 -50.29 11.88
C PHE B 460 0.72 -51.09 11.96
N GLN B 461 1.86 -50.42 12.13
CA GLN B 461 3.12 -51.12 12.33
C GLN B 461 3.05 -52.03 13.55
N GLU B 462 2.49 -51.53 14.65
CA GLU B 462 2.29 -52.36 15.84
C GLU B 462 1.42 -53.57 15.53
N GLN B 463 0.38 -53.39 14.72
CA GLN B 463 -0.49 -54.51 14.37
C GLN B 463 0.26 -55.56 13.54
N VAL B 464 1.19 -55.12 12.69
CA VAL B 464 2.01 -56.06 11.94
C VAL B 464 2.98 -56.79 12.85
N ASN B 465 3.60 -56.07 13.79
CA ASN B 465 4.46 -56.70 14.78
C ASN B 465 3.71 -57.74 15.60
N ALA B 466 2.46 -57.47 15.93
CA ALA B 466 1.66 -58.41 16.70
C ALA B 466 1.24 -59.61 15.84
N LYS B 467 0.96 -59.39 14.56
CA LYS B 467 0.67 -60.52 13.68
C LYS B 467 1.90 -61.41 13.53
N ALA B 468 3.08 -60.81 13.46
CA ALA B 468 4.32 -61.58 13.42
C ALA B 468 4.57 -62.35 14.70
N ALA B 469 3.99 -61.91 15.82
CA ALA B 469 4.23 -62.50 17.13
C ALA B 469 3.26 -63.64 17.45
N GLY B 470 2.44 -64.05 16.49
CA GLY B 470 1.55 -65.19 16.66
C GLY B 470 0.07 -64.86 16.73
N ASP B 471 -0.32 -63.60 16.76
CA ASP B 471 -1.73 -63.23 16.83
C ASP B 471 -2.26 -63.10 15.41
N ASP B 472 -3.12 -64.03 15.00
CA ASP B 472 -3.64 -64.05 13.64
C ASP B 472 -4.87 -63.17 13.46
N GLU B 473 -5.38 -62.57 14.53
CA GLU B 473 -6.47 -61.60 14.43
C GLU B 473 -5.96 -60.19 14.19
N ALA B 474 -4.66 -59.95 14.30
CA ALA B 474 -4.11 -58.61 14.12
C ALA B 474 -4.32 -58.13 12.69
N MET B 475 -4.44 -56.81 12.54
CA MET B 475 -4.72 -56.21 11.25
C MET B 475 -3.46 -56.23 10.37
N PHE B 476 -3.61 -55.75 9.14
CA PHE B 476 -2.49 -55.59 8.21
C PHE B 476 -2.08 -54.13 8.16
N TYR B 477 -1.09 -53.85 7.31
CA TYR B 477 -0.68 -52.48 7.03
C TYR B 477 -1.35 -52.03 5.74
N ASP B 478 -2.14 -50.96 5.80
CA ASP B 478 -2.83 -50.40 4.65
C ASP B 478 -2.23 -49.04 4.32
N GLU B 479 -1.49 -48.95 3.21
CA GLU B 479 -0.85 -47.70 2.84
C GLU B 479 -1.82 -46.74 2.16
N ASP B 480 -2.86 -47.25 1.51
CA ASP B 480 -3.82 -46.39 0.84
C ASP B 480 -4.64 -45.58 1.83
N TYR B 481 -5.08 -46.21 2.92
CA TYR B 481 -5.81 -45.47 3.95
C TYR B 481 -4.92 -44.38 4.55
N VAL B 482 -3.63 -44.69 4.72
CA VAL B 482 -2.70 -43.68 5.22
C VAL B 482 -2.60 -42.53 4.24
N THR B 483 -2.60 -42.83 2.94
CA THR B 483 -2.57 -41.78 1.93
C THR B 483 -3.81 -40.89 2.06
N ALA B 484 -4.99 -41.50 2.23
CA ALA B 484 -6.21 -40.73 2.41
C ALA B 484 -6.11 -39.81 3.62
N LEU B 485 -5.62 -40.35 4.75
CA LEU B 485 -5.43 -39.53 5.94
C LEU B 485 -4.42 -38.42 5.68
N GLU B 486 -3.50 -38.61 4.73
CA GLU B 486 -2.56 -37.55 4.38
C GLU B 486 -3.22 -36.49 3.49
N TYR B 487 -4.23 -36.86 2.70
CA TYR B 487 -5.08 -35.85 2.07
C TYR B 487 -5.96 -35.15 3.09
N GLY B 488 -6.11 -35.77 4.25
CA GLY B 488 -6.72 -35.21 5.44
C GLY B 488 -8.16 -35.61 5.60
N LEU B 489 -8.49 -36.02 6.82
CA LEU B 489 -9.81 -36.48 7.18
C LEU B 489 -10.32 -35.54 8.27
N PRO B 490 -11.43 -34.83 8.07
CA PRO B 490 -11.92 -33.92 9.10
C PRO B 490 -12.14 -34.67 10.40
N PRO B 491 -12.11 -33.98 11.54
CA PRO B 491 -12.41 -34.67 12.80
C PRO B 491 -13.75 -35.36 12.69
N THR B 492 -13.76 -36.65 12.96
CA THR B 492 -14.91 -37.49 12.65
C THR B 492 -15.17 -38.45 13.80
N ALA B 493 -16.45 -38.71 14.06
CA ALA B 493 -16.86 -39.74 14.99
C ALA B 493 -17.54 -40.86 14.20
N GLY B 494 -17.42 -42.08 14.71
CA GLY B 494 -17.99 -43.22 14.01
C GLY B 494 -18.43 -44.30 14.98
N LEU B 495 -19.42 -45.07 14.55
CA LEU B 495 -20.05 -46.06 15.41
C LEU B 495 -20.51 -47.22 14.53
N GLY B 496 -20.60 -48.39 15.12
CA GLY B 496 -21.20 -49.52 14.43
C GLY B 496 -21.85 -50.45 15.43
N ILE B 497 -22.90 -51.13 14.97
CA ILE B 497 -23.74 -51.94 15.83
C ILE B 497 -23.99 -53.25 15.11
N GLY B 498 -23.79 -54.36 15.82
CA GLY B 498 -24.22 -55.64 15.30
C GLY B 498 -25.73 -55.67 15.25
N ILE B 499 -26.30 -55.81 14.05
CA ILE B 499 -27.74 -55.71 13.91
C ILE B 499 -28.41 -56.96 14.47
N ASP B 500 -27.80 -58.12 14.24
CA ASP B 500 -28.39 -59.37 14.69
C ASP B 500 -28.56 -59.40 16.20
N ARG B 501 -27.58 -58.88 16.94
CA ARG B 501 -27.71 -58.75 18.39
C ARG B 501 -28.87 -57.86 18.77
N MET B 502 -29.01 -56.73 18.08
CA MET B 502 -30.10 -55.81 18.35
C MET B 502 -31.45 -56.51 18.16
N ILE B 503 -31.64 -57.18 17.02
CA ILE B 503 -32.89 -57.88 16.78
C ILE B 503 -33.09 -58.98 17.81
N MET B 504 -32.01 -59.58 18.32
CA MET B 504 -32.14 -60.49 19.44
C MET B 504 -32.79 -59.80 20.63
N LEU B 505 -32.29 -58.61 20.98
CA LEU B 505 -32.82 -57.91 22.15
C LEU B 505 -34.27 -57.51 21.95
N PHE B 506 -34.69 -57.20 20.72
CA PHE B 506 -36.06 -56.74 20.51
C PHE B 506 -37.07 -57.87 20.27
N THR B 507 -36.63 -59.08 19.94
CA THR B 507 -37.54 -60.21 19.75
C THR B 507 -37.61 -61.14 20.96
N ASN B 508 -36.93 -60.80 22.06
CA ASN B 508 -36.79 -61.70 23.20
C ASN B 508 -36.21 -63.05 22.78
N SER B 509 -35.29 -63.01 21.81
CA SER B 509 -34.56 -64.18 21.36
C SER B 509 -33.20 -64.20 22.04
N HIS B 510 -32.87 -65.31 22.69
CA HIS B 510 -31.63 -65.43 23.43
C HIS B 510 -30.53 -66.16 22.68
N THR B 511 -30.80 -66.63 21.47
CA THR B 511 -29.77 -67.17 20.59
C THR B 511 -29.81 -66.44 19.26
N ILE B 512 -28.62 -66.21 18.67
CA ILE B 512 -28.59 -65.54 17.39
C ILE B 512 -29.15 -66.43 16.29
N ARG B 513 -29.22 -67.73 16.51
CA ARG B 513 -29.81 -68.62 15.51
C ARG B 513 -31.30 -68.37 15.35
N ASP B 514 -31.99 -68.01 16.43
CA ASP B 514 -33.41 -67.71 16.33
C ASP B 514 -33.68 -66.46 15.52
N VAL B 515 -32.71 -65.54 15.42
CA VAL B 515 -32.95 -64.26 14.75
C VAL B 515 -32.39 -64.22 13.33
N ILE B 516 -31.66 -65.24 12.89
CA ILE B 516 -31.08 -65.28 11.56
C ILE B 516 -31.80 -66.36 10.76
N LEU B 517 -32.24 -66.02 9.56
CA LEU B 517 -33.03 -66.93 8.75
C LEU B 517 -32.30 -68.25 8.54
N PHE B 518 -31.16 -68.22 7.86
CA PHE B 518 -30.38 -69.42 7.60
C PHE B 518 -28.99 -69.25 8.21
N PRO B 519 -28.83 -69.57 9.48
CA PRO B 519 -27.51 -69.47 10.11
C PRO B 519 -26.62 -70.63 9.69
N ALA B 520 -25.39 -70.62 10.18
CA ALA B 520 -24.43 -71.67 9.89
C ALA B 520 -24.70 -72.90 10.75
N MET B 521 -24.62 -74.06 10.12
CA MET B 521 -24.90 -75.33 10.80
C MET B 521 -23.62 -76.18 10.84
N ARG B 522 -23.74 -77.33 11.49
CA ARG B 522 -22.64 -78.29 11.56
C ARG B 522 -23.03 -79.55 10.80
N PRO B 523 -22.44 -79.82 9.62
CA PRO B 523 -22.81 -80.99 8.80
C PRO B 523 -22.47 -82.32 9.48
N ILE C 33 19.21 15.51 -47.12
CA ILE C 33 20.40 16.35 -47.27
C ILE C 33 21.67 15.57 -46.96
N ASP C 34 22.82 16.16 -47.24
CA ASP C 34 24.09 15.54 -46.88
C ASP C 34 24.26 15.42 -45.37
N PHE C 35 23.49 16.19 -44.59
CA PHE C 35 23.55 16.08 -43.14
C PHE C 35 22.92 14.77 -42.65
N ASN C 36 21.81 14.35 -43.27
CA ASN C 36 21.16 13.12 -42.85
C ASN C 36 22.01 11.90 -43.15
N ASP C 37 22.75 11.92 -44.27
CA ASP C 37 23.62 10.78 -44.60
C ASP C 37 24.70 10.58 -43.55
N GLU C 38 25.37 11.67 -43.15
CA GLU C 38 26.36 11.57 -42.09
C GLU C 38 25.72 11.13 -40.78
N LEU C 39 24.50 11.58 -40.51
CA LEU C 39 23.79 11.15 -39.30
C LEU C 39 23.58 9.65 -39.28
N ARG C 40 23.16 9.08 -40.42
CA ARG C 40 23.03 7.63 -40.51
C ARG C 40 24.38 6.94 -40.39
N ASN C 41 25.43 7.57 -40.93
CA ASN C 41 26.77 7.00 -40.84
C ASN C 41 27.23 6.91 -39.38
N ARG C 42 27.05 7.99 -38.61
CA ARG C 42 27.38 7.97 -37.20
C ARG C 42 26.53 6.97 -36.44
N ARG C 43 25.26 6.81 -36.84
CA ARG C 43 24.43 5.80 -36.20
C ARG C 43 24.97 4.39 -36.45
N GLU C 44 25.44 4.14 -37.67
CA GLU C 44 26.04 2.83 -37.98
C GLU C 44 27.32 2.61 -37.17
N LYS C 45 28.14 3.66 -37.01
CA LYS C 45 29.32 3.53 -36.15
C LYS C 45 28.92 3.19 -34.72
N LEU C 46 27.91 3.88 -34.18
CA LEU C 46 27.46 3.60 -32.82
C LEU C 46 26.98 2.16 -32.69
N ALA C 47 26.27 1.66 -33.70
CA ALA C 47 25.84 0.26 -33.66
C ALA C 47 27.03 -0.69 -33.68
N ALA C 48 28.04 -0.39 -34.50
CA ALA C 48 29.26 -1.20 -34.49
C ALA C 48 29.93 -1.19 -33.11
N LEU C 49 29.85 -0.06 -32.40
CA LEU C 49 30.36 -0.03 -31.03
C LEU C 49 29.50 -0.84 -30.08
N ARG C 50 28.19 -0.94 -30.33
CA ARG C 50 27.35 -1.84 -29.55
C ARG C 50 27.76 -3.29 -29.79
N GLN C 51 28.12 -3.63 -31.03
CA GLN C 51 28.40 -5.02 -31.38
C GLN C 51 29.60 -5.56 -30.62
N GLN C 52 30.66 -4.76 -30.47
CA GLN C 52 31.90 -5.26 -29.91
C GLN C 52 32.02 -5.05 -28.40
N GLY C 53 30.99 -4.53 -27.74
CA GLY C 53 31.15 -4.37 -26.32
C GLY C 53 30.35 -3.19 -25.79
N VAL C 54 30.85 -2.63 -24.70
CA VAL C 54 30.24 -1.46 -24.09
C VAL C 54 30.47 -0.24 -24.99
N ALA C 55 29.37 0.41 -25.38
CA ALA C 55 29.40 1.64 -26.15
C ALA C 55 29.16 2.89 -25.31
N PHE C 56 28.90 2.75 -24.01
CA PHE C 56 28.63 3.89 -23.14
C PHE C 56 29.40 3.73 -21.82
N PRO C 57 30.73 3.70 -21.88
CA PRO C 57 31.50 3.55 -20.63
C PRO C 57 31.38 4.80 -19.76
N ASN C 58 30.99 4.59 -18.50
CA ASN C 58 30.90 5.67 -17.51
C ASN C 58 32.05 5.69 -16.52
N ASP C 59 33.03 4.78 -16.67
CA ASP C 59 34.04 4.59 -15.63
C ASP C 59 35.21 5.56 -15.74
N PHE C 60 35.32 6.34 -16.80
CA PHE C 60 36.45 7.24 -16.95
C PHE C 60 36.36 8.41 -15.98
N ARG C 61 37.49 8.75 -15.36
CA ARG C 61 37.58 9.86 -14.42
C ARG C 61 38.66 10.83 -14.87
N ARG C 62 38.40 12.12 -14.65
CA ARG C 62 39.35 13.17 -14.98
C ARG C 62 39.75 13.92 -13.71
N ASP C 63 41.03 14.27 -13.61
CA ASP C 63 41.54 15.02 -12.48
C ASP C 63 41.73 16.50 -12.75
N HIS C 64 41.48 16.98 -13.98
CA HIS C 64 41.73 18.37 -14.31
C HIS C 64 40.79 18.87 -15.39
N THR C 65 40.50 20.16 -15.35
CA THR C 65 39.79 20.86 -16.41
C THR C 65 40.72 21.88 -17.05
N SER C 66 40.39 22.26 -18.28
CA SER C 66 41.31 23.06 -19.10
C SER C 66 41.66 24.38 -18.41
N ASP C 67 40.67 25.04 -17.79
CA ASP C 67 40.94 26.32 -17.15
C ASP C 67 41.93 26.20 -16.00
N GLN C 68 41.99 25.02 -15.37
CA GLN C 68 42.96 24.82 -14.31
C GLN C 68 44.37 24.70 -14.87
N LEU C 69 44.55 23.83 -15.86
CA LEU C 69 45.86 23.66 -16.49
C LEU C 69 46.35 24.97 -17.08
N HIS C 70 45.44 25.77 -17.63
CA HIS C 70 45.82 27.09 -18.13
C HIS C 70 46.16 28.05 -17.00
N GLU C 71 45.37 28.05 -15.93
CA GLU C 71 45.63 28.95 -14.82
C GLU C 71 46.92 28.62 -14.08
N GLU C 72 47.47 27.42 -14.31
CA GLU C 72 48.70 27.00 -13.63
C GLU C 72 49.91 27.00 -14.55
N PHE C 73 49.89 26.21 -15.63
CA PHE C 73 51.08 25.93 -16.42
C PHE C 73 51.26 26.81 -17.64
N ASP C 74 50.41 27.83 -17.84
CA ASP C 74 50.58 28.70 -19.00
C ASP C 74 51.86 29.53 -18.89
N ALA C 75 52.29 29.85 -17.67
CA ALA C 75 53.42 30.73 -17.44
C ALA C 75 54.75 30.00 -17.35
N LYS C 76 54.79 28.71 -17.64
CA LYS C 76 56.02 27.92 -17.56
C LYS C 76 56.44 27.47 -18.95
N ASP C 77 57.72 27.65 -19.28
CA ASP C 77 58.24 27.26 -20.58
C ASP C 77 58.40 25.74 -20.65
N ASN C 78 58.82 25.26 -21.82
CA ASN C 78 58.97 23.83 -22.01
C ASN C 78 60.15 23.27 -21.22
N GLN C 79 61.06 24.12 -20.76
CA GLN C 79 62.18 23.66 -19.94
C GLN C 79 61.68 23.19 -18.57
N GLU C 80 60.84 23.98 -17.93
CA GLU C 80 60.31 23.61 -16.62
C GLU C 80 59.34 22.43 -16.72
N LEU C 81 58.58 22.34 -17.82
CA LEU C 81 57.64 21.24 -17.98
C LEU C 81 58.33 19.94 -18.35
N GLU C 82 59.57 19.99 -18.85
CA GLU C 82 60.27 18.76 -19.20
C GLU C 82 60.83 18.09 -17.96
N SER C 83 61.34 18.86 -17.00
CA SER C 83 61.93 18.28 -15.80
C SER C 83 60.87 17.64 -14.91
N LEU C 84 59.72 18.29 -14.79
CA LEU C 84 58.61 17.77 -14.00
C LEU C 84 57.72 16.94 -14.92
N ASN C 85 57.58 15.65 -14.64
CA ASN C 85 56.68 14.81 -15.40
C ASN C 85 55.33 14.92 -14.73
N ILE C 86 54.42 15.66 -15.37
CA ILE C 86 53.13 15.96 -14.79
C ILE C 86 52.09 15.29 -15.68
N GLU C 87 51.48 14.24 -15.15
CA GLU C 87 50.49 13.46 -15.86
C GLU C 87 49.10 13.91 -15.42
N VAL C 88 48.26 14.24 -16.39
CA VAL C 88 46.90 14.67 -16.13
C VAL C 88 45.97 13.87 -17.04
N SER C 89 44.73 13.76 -16.62
CA SER C 89 43.67 13.18 -17.45
C SER C 89 42.54 14.19 -17.57
N VAL C 90 42.00 14.32 -18.78
CA VAL C 90 40.91 15.24 -19.07
C VAL C 90 39.86 14.50 -19.89
N ALA C 91 38.69 15.12 -20.00
CA ALA C 91 37.63 14.56 -20.81
C ALA C 91 36.78 15.70 -21.33
N GLY C 92 36.22 15.51 -22.52
CA GLY C 92 35.42 16.56 -23.10
C GLY C 92 35.07 16.23 -24.54
N ARG C 93 34.55 17.25 -25.23
CA ARG C 93 34.12 17.11 -26.60
C ARG C 93 35.29 17.38 -27.54
N MET C 94 35.36 16.62 -28.63
CA MET C 94 36.42 16.78 -29.62
C MET C 94 35.94 17.78 -30.68
N MET C 95 36.48 18.99 -30.63
CA MET C 95 36.04 20.05 -31.53
C MET C 95 36.73 20.04 -32.89
N THR C 96 38.05 19.84 -32.91
CA THR C 96 38.81 19.87 -34.16
C THR C 96 39.81 18.72 -34.17
N ARG C 97 40.10 18.21 -35.36
CA ARG C 97 41.09 17.16 -35.51
C ARG C 97 41.81 17.33 -36.84
N ARG C 98 43.13 17.16 -36.82
CA ARG C 98 43.94 17.11 -38.04
C ARG C 98 44.80 15.86 -37.98
N ILE C 99 44.53 14.90 -38.85
CA ILE C 99 45.24 13.63 -38.86
C ILE C 99 46.39 13.74 -39.85
N MET C 100 47.61 13.77 -39.32
CA MET C 100 48.83 13.83 -40.12
C MET C 100 49.56 12.49 -40.24
N GLY C 101 48.90 11.37 -39.92
CA GLY C 101 49.54 10.10 -40.22
C GLY C 101 50.64 9.62 -39.30
N LYS C 102 50.26 9.22 -38.08
CA LYS C 102 51.06 8.84 -36.91
C LYS C 102 51.32 10.03 -35.99
N ALA C 103 50.89 11.23 -36.37
CA ALA C 103 50.82 12.36 -35.45
C ALA C 103 49.56 13.14 -35.77
N SER C 104 48.77 13.44 -34.73
CA SER C 104 47.52 14.16 -34.91
C SER C 104 47.37 15.20 -33.81
N PHE C 105 46.55 16.21 -34.10
CA PHE C 105 46.32 17.31 -33.18
C PHE C 105 44.82 17.47 -32.98
N VAL C 106 44.41 17.43 -31.72
CA VAL C 106 43.00 17.46 -31.34
C VAL C 106 42.77 18.60 -30.37
N THR C 107 41.68 19.34 -30.57
CA THR C 107 41.24 20.38 -29.65
C THR C 107 40.10 19.81 -28.80
N LEU C 108 40.30 19.80 -27.49
CA LEU C 108 39.34 19.26 -26.54
C LEU C 108 38.66 20.40 -25.77
N GLN C 109 37.34 20.29 -25.60
CA GLN C 109 36.55 21.37 -25.00
C GLN C 109 35.74 20.84 -23.82
N ASP C 110 35.78 21.58 -22.71
CA ASP C 110 35.08 21.24 -21.48
C ASP C 110 34.59 22.53 -20.83
N VAL C 111 34.18 22.45 -19.56
CA VAL C 111 33.64 23.61 -18.86
C VAL C 111 34.61 24.79 -18.91
N GLY C 112 35.88 24.54 -18.61
CA GLY C 112 36.80 25.63 -18.41
C GLY C 112 37.35 26.28 -19.67
N GLY C 113 37.18 25.64 -20.81
CA GLY C 113 37.76 26.18 -22.01
C GLY C 113 38.12 25.07 -22.97
N ARG C 114 39.12 25.35 -23.80
CA ARG C 114 39.68 24.37 -24.72
C ARG C 114 41.12 24.05 -24.32
N ILE C 115 41.50 22.79 -24.55
CA ILE C 115 42.86 22.34 -24.34
C ILE C 115 43.21 21.48 -25.55
N GLN C 116 44.49 21.43 -25.89
CA GLN C 116 44.94 20.71 -27.08
C GLN C 116 45.65 19.41 -26.71
N LEU C 117 45.35 18.37 -27.49
CA LEU C 117 45.89 17.03 -27.27
C LEU C 117 46.81 16.66 -28.41
N TYR C 118 47.90 15.95 -28.08
CA TYR C 118 48.81 15.42 -29.08
C TYR C 118 48.64 13.91 -29.11
N VAL C 119 48.03 13.41 -30.18
CA VAL C 119 47.72 11.99 -30.32
C VAL C 119 48.79 11.39 -31.24
N ALA C 120 49.66 10.57 -30.66
CA ALA C 120 50.73 9.93 -31.42
C ALA C 120 50.42 8.44 -31.56
N ARG C 121 50.73 7.89 -32.73
CA ARG C 121 50.42 6.49 -32.97
C ARG C 121 51.21 5.57 -32.06
N ASP C 122 52.50 5.86 -31.88
CA ASP C 122 53.37 4.99 -31.10
C ASP C 122 53.46 5.40 -29.64
N SER C 123 52.78 6.47 -29.23
CA SER C 123 52.71 6.83 -27.83
C SER C 123 51.48 6.25 -27.13
N LEU C 124 50.54 5.66 -27.87
CA LEU C 124 49.35 5.04 -27.31
C LEU C 124 49.51 3.54 -27.26
N PRO C 125 48.55 2.83 -26.67
CA PRO C 125 48.52 1.37 -26.80
C PRO C 125 48.34 0.94 -28.25
N GLU C 126 48.68 -0.33 -28.51
CA GLU C 126 48.59 -0.88 -29.86
C GLU C 126 47.14 -0.89 -30.35
N GLY C 127 46.94 -0.33 -31.54
CA GLY C 127 45.64 -0.33 -32.19
C GLY C 127 44.75 0.84 -31.84
N VAL C 128 45.04 1.56 -30.75
CA VAL C 128 44.20 2.68 -30.34
C VAL C 128 44.19 3.76 -31.41
N TYR C 129 45.36 4.06 -31.99
CA TYR C 129 45.45 5.12 -32.97
C TYR C 129 44.76 4.73 -34.28
N ASN C 130 45.08 3.56 -34.82
CA ASN C 130 44.57 3.19 -36.14
C ASN C 130 43.16 2.63 -36.10
N ASP C 131 42.86 1.76 -35.14
CA ASP C 131 41.56 1.06 -35.14
C ASP C 131 40.48 1.79 -34.37
N GLN C 132 40.82 2.85 -33.64
CA GLN C 132 39.84 3.53 -32.81
C GLN C 132 39.85 5.05 -33.06
N PHE C 133 40.98 5.69 -32.80
CA PHE C 133 41.06 7.16 -32.90
C PHE C 133 40.67 7.64 -34.28
N LYS C 134 41.24 7.05 -35.33
CA LYS C 134 40.95 7.51 -36.69
C LYS C 134 39.50 7.28 -37.10
N LYS C 135 38.78 6.42 -36.39
CA LYS C 135 37.38 6.16 -36.72
C LYS C 135 36.42 7.08 -35.97
N TRP C 136 36.91 7.90 -35.04
CA TRP C 136 36.04 8.80 -34.29
C TRP C 136 35.71 10.05 -35.10
N ASP C 137 34.60 10.69 -34.75
CA ASP C 137 34.09 11.86 -35.44
C ASP C 137 34.12 13.07 -34.52
N LEU C 138 34.13 14.24 -35.14
CA LEU C 138 34.05 15.49 -34.37
C LEU C 138 32.75 15.55 -33.58
N GLY C 139 32.84 16.07 -32.36
CA GLY C 139 31.71 16.16 -31.46
C GLY C 139 31.61 15.02 -30.46
N ASP C 140 32.31 13.91 -30.72
CA ASP C 140 32.29 12.78 -29.80
C ASP C 140 32.97 13.14 -28.47
N ILE C 141 32.41 12.61 -27.38
CA ILE C 141 32.96 12.82 -26.05
C ILE C 141 34.04 11.78 -25.83
N ILE C 142 35.26 12.24 -25.58
CA ILE C 142 36.43 11.40 -25.39
C ILE C 142 37.11 11.78 -24.08
N GLY C 143 38.16 11.05 -23.75
CA GLY C 143 39.00 11.39 -22.62
C GLY C 143 40.42 10.95 -22.88
N ALA C 144 41.36 11.65 -22.26
CA ALA C 144 42.76 11.51 -22.58
C ALA C 144 43.58 11.53 -21.29
N ARG C 145 44.70 10.83 -21.31
CA ARG C 145 45.61 10.78 -20.18
C ARG C 145 47.02 10.92 -20.72
N GLY C 146 47.74 11.96 -20.29
CA GLY C 146 49.05 12.20 -20.85
C GLY C 146 49.86 13.16 -20.00
N THR C 147 51.05 13.49 -20.49
CA THR C 147 51.98 14.37 -19.79
C THR C 147 52.00 15.75 -20.44
N LEU C 148 52.22 16.77 -19.61
CA LEU C 148 52.13 18.15 -20.08
C LEU C 148 53.39 18.58 -20.81
N PHE C 149 53.21 19.31 -21.90
CA PHE C 149 54.33 19.92 -22.62
C PHE C 149 53.81 21.17 -23.33
N LYS C 150 54.71 21.84 -24.05
CA LYS C 150 54.36 23.02 -24.83
C LYS C 150 54.87 22.86 -26.25
N THR C 151 54.02 23.19 -27.23
CA THR C 151 54.39 23.05 -28.63
C THR C 151 55.37 24.16 -29.03
N GLN C 152 55.72 24.16 -30.32
CA GLN C 152 56.65 25.16 -30.83
C GLN C 152 56.06 26.57 -30.78
N THR C 153 54.74 26.70 -30.70
CA THR C 153 54.10 28.00 -30.62
C THR C 153 53.85 28.45 -29.18
N GLY C 154 54.23 27.65 -28.19
CA GLY C 154 54.00 27.96 -26.80
C GLY C 154 52.67 27.49 -26.25
N GLU C 155 51.91 26.72 -27.02
CA GLU C 155 50.61 26.25 -26.59
C GLU C 155 50.75 25.08 -25.61
N LEU C 156 50.00 25.14 -24.52
CA LEU C 156 50.00 24.04 -23.57
C LEU C 156 49.25 22.85 -24.16
N SER C 157 49.92 21.69 -24.19
CA SER C 157 49.33 20.50 -24.79
C SER C 157 49.59 19.29 -23.91
N ILE C 158 48.75 18.29 -24.07
CA ILE C 158 48.82 17.04 -23.32
C ILE C 158 49.23 15.94 -24.28
N HIS C 159 50.46 15.46 -24.15
CA HIS C 159 50.90 14.30 -24.92
C HIS C 159 50.18 13.07 -24.39
N CYS C 160 49.44 12.41 -25.25
CA CYS C 160 48.49 11.39 -24.81
C CYS C 160 49.15 10.03 -24.76
N THR C 161 49.22 9.45 -23.56
CA THR C 161 49.58 8.04 -23.41
C THR C 161 48.37 7.12 -23.41
N GLU C 162 47.16 7.65 -23.26
CA GLU C 162 45.95 6.84 -23.32
C GLU C 162 44.82 7.71 -23.84
N LEU C 163 43.95 7.12 -24.66
CA LEU C 163 42.82 7.82 -25.25
C LEU C 163 41.70 6.82 -25.49
N ARG C 164 40.46 7.22 -25.19
CA ARG C 164 39.33 6.32 -25.39
C ARG C 164 38.05 7.13 -25.56
N LEU C 165 37.04 6.48 -26.16
CA LEU C 165 35.78 7.12 -26.56
C LEU C 165 34.74 6.90 -25.48
N LEU C 166 34.32 7.99 -24.82
CA LEU C 166 33.34 7.89 -23.75
C LEU C 166 31.90 7.87 -24.27
N ASP C 167 31.59 8.71 -25.27
CA ASP C 167 30.24 8.76 -25.83
C ASP C 167 30.33 9.16 -27.29
N LYS C 168 29.45 8.61 -28.11
CA LYS C 168 29.52 8.79 -29.55
C LYS C 168 28.40 9.74 -29.94
N ALA C 169 28.77 10.92 -30.48
CA ALA C 169 27.78 11.92 -30.87
C ALA C 169 27.16 11.51 -32.21
N LEU C 170 25.84 11.40 -32.24
CA LEU C 170 25.16 10.94 -33.45
C LEU C 170 24.96 12.06 -34.47
N ARG C 171 25.07 13.32 -34.06
CA ARG C 171 24.90 14.43 -34.99
C ARG C 171 26.10 15.35 -34.93
N PRO C 172 26.53 15.90 -36.07
CA PRO C 172 27.79 16.65 -36.12
C PRO C 172 27.65 18.03 -35.49
N LEU C 173 28.79 18.73 -35.42
CA LEU C 173 28.82 20.03 -34.77
C LEU C 173 28.09 21.06 -35.62
N PRO C 174 27.36 22.00 -35.01
CA PRO C 174 26.70 23.09 -35.74
C PRO C 174 27.68 24.16 -36.23
N ASP C 182 22.56 31.71 -36.06
CA ASP C 182 21.76 32.80 -35.50
C ASP C 182 20.27 32.48 -35.55
N GLN C 183 19.46 33.52 -35.77
CA GLN C 183 17.99 33.45 -35.80
C GLN C 183 17.50 32.89 -34.46
N GLU C 184 16.50 32.02 -34.46
CA GLU C 184 15.93 31.47 -33.23
C GLU C 184 16.49 30.10 -32.87
N VAL C 185 17.35 29.52 -33.72
CA VAL C 185 17.91 28.20 -33.43
C VAL C 185 18.70 28.24 -32.13
N ARG C 186 19.38 29.36 -31.87
CA ARG C 186 20.08 29.54 -30.60
C ARG C 186 19.13 29.38 -29.41
N TYR C 187 17.92 29.91 -29.53
CA TYR C 187 16.97 29.90 -28.41
C TYR C 187 16.24 28.56 -28.28
N ARG C 188 15.90 27.92 -29.40
CA ARG C 188 15.19 26.66 -29.31
C ARG C 188 16.08 25.54 -28.76
N GLN C 189 17.24 25.33 -29.38
CA GLN C 189 18.21 24.34 -28.90
C GLN C 189 19.40 25.10 -28.35
N ARG C 190 19.48 25.18 -27.02
CA ARG C 190 20.53 25.95 -26.38
C ARG C 190 21.81 25.17 -26.18
N TYR C 191 21.77 23.84 -26.30
CA TYR C 191 23.00 23.09 -26.25
C TYR C 191 23.90 23.43 -27.44
N LEU C 192 23.30 23.64 -28.61
CA LEU C 192 24.08 24.03 -29.77
C LEU C 192 24.68 25.41 -29.58
N ASP C 193 23.90 26.35 -29.03
CA ASP C 193 24.41 27.70 -28.79
C ASP C 193 25.58 27.66 -27.80
N LEU C 194 25.42 26.93 -26.70
CA LEU C 194 26.49 26.85 -25.71
C LEU C 194 27.71 26.11 -26.24
N ILE C 195 27.50 25.13 -27.13
CA ILE C 195 28.63 24.40 -27.72
C ILE C 195 29.41 25.30 -28.65
N ALA C 196 28.72 26.01 -29.53
CA ALA C 196 29.39 26.83 -30.53
C ALA C 196 29.90 28.14 -29.93
N ASN C 197 29.00 29.04 -29.60
CA ASN C 197 29.36 30.42 -29.26
C ASN C 197 29.86 30.51 -27.83
N ASP C 198 31.10 30.96 -27.65
CA ASP C 198 31.67 31.15 -26.33
C ASP C 198 31.19 32.42 -25.66
N LYS C 199 30.47 33.28 -26.38
CA LYS C 199 29.94 34.50 -25.78
C LYS C 199 28.71 34.18 -24.92
N SER C 200 27.80 33.36 -25.44
CA SER C 200 26.60 33.00 -24.66
C SER C 200 26.99 32.22 -23.42
N ARG C 201 27.97 31.33 -23.54
CA ARG C 201 28.48 30.58 -22.39
C ARG C 201 28.79 31.50 -21.23
N GLN C 202 29.77 32.39 -21.41
CA GLN C 202 30.13 33.30 -20.34
C GLN C 202 29.05 34.34 -20.06
N THR C 203 28.07 34.49 -20.94
CA THR C 203 26.89 35.29 -20.57
C THR C 203 26.14 34.63 -19.43
N PHE C 204 25.85 33.33 -19.55
CA PHE C 204 25.13 32.66 -18.48
C PHE C 204 26.01 32.41 -17.26
N VAL C 205 27.32 32.24 -17.48
CA VAL C 205 28.23 32.13 -16.33
C VAL C 205 28.25 33.43 -15.56
N VAL C 206 28.30 34.57 -16.28
CA VAL C 206 28.20 35.86 -15.61
C VAL C 206 26.85 36.00 -14.92
N ARG C 207 25.79 35.41 -15.47
CA ARG C 207 24.51 35.43 -14.78
C ARG C 207 24.58 34.70 -13.44
N SER C 208 25.15 33.50 -13.43
CA SER C 208 25.30 32.76 -12.18
C SER C 208 26.13 33.54 -11.18
N LYS C 209 27.28 34.05 -11.60
CA LYS C 209 28.15 34.77 -10.67
C LYS C 209 27.48 36.03 -10.15
N ILE C 210 26.64 36.68 -10.97
CA ILE C 210 25.91 37.85 -10.50
C ILE C 210 24.91 37.46 -9.43
N LEU C 211 24.12 36.40 -9.69
CA LEU C 211 23.14 35.98 -8.69
C LEU C 211 23.80 35.64 -7.37
N ALA C 212 24.89 34.86 -7.43
CA ALA C 212 25.65 34.55 -6.21
C ALA C 212 26.13 35.82 -5.52
N ALA C 213 26.59 36.81 -6.29
CA ALA C 213 27.05 38.06 -5.70
C ALA C 213 25.89 38.85 -5.07
N ILE C 214 24.69 38.72 -5.62
CA ILE C 214 23.54 39.41 -5.04
C ILE C 214 23.14 38.77 -3.73
N ARG C 215 23.11 37.44 -3.67
CA ARG C 215 22.82 36.78 -2.40
C ARG C 215 23.89 37.14 -1.36
N GLN C 216 25.16 37.17 -1.77
CA GLN C 216 26.22 37.57 -0.86
C GLN C 216 26.03 39.00 -0.37
N PHE C 217 25.65 39.90 -1.28
CA PHE C 217 25.49 41.30 -0.91
C PHE C 217 24.30 41.51 0.02
N MET C 218 23.25 40.70 -0.12
CA MET C 218 22.09 40.82 0.76
C MET C 218 22.37 40.19 2.13
N VAL C 219 23.04 39.04 2.15
CA VAL C 219 23.33 38.37 3.42
C VAL C 219 24.27 39.22 4.26
N ALA C 220 25.24 39.88 3.63
CA ALA C 220 26.17 40.73 4.37
C ALA C 220 25.46 41.83 5.14
N ARG C 221 24.31 42.28 4.64
CA ARG C 221 23.55 43.36 5.27
C ARG C 221 22.48 42.87 6.21
N GLY C 222 22.39 41.56 6.45
CA GLY C 222 21.49 41.03 7.44
C GLY C 222 20.15 40.54 6.93
N PHE C 223 20.00 40.37 5.62
CA PHE C 223 18.73 39.92 5.06
C PHE C 223 18.70 38.40 5.02
N MET C 224 17.53 37.84 5.32
CA MET C 224 17.33 36.40 5.32
C MET C 224 16.55 35.99 4.08
N GLU C 225 17.10 35.06 3.30
CA GLU C 225 16.39 34.58 2.12
C GLU C 225 15.25 33.66 2.54
N VAL C 226 14.15 33.73 1.79
CA VAL C 226 12.88 33.14 2.20
C VAL C 226 12.15 32.61 0.97
N GLU C 227 11.40 31.53 1.16
CA GLU C 227 10.61 30.91 0.10
C GLU C 227 9.12 31.04 0.43
N THR C 228 8.40 31.78 -0.41
CA THR C 228 6.96 32.01 -0.29
C THR C 228 6.24 31.32 -1.45
N PRO C 229 4.94 31.02 -1.30
CA PRO C 229 4.28 30.15 -2.27
C PRO C 229 4.42 30.61 -3.71
N MET C 230 4.63 29.65 -4.60
CA MET C 230 4.55 29.87 -6.03
C MET C 230 3.15 29.71 -6.58
N MET C 231 2.24 29.11 -5.80
CA MET C 231 0.84 28.95 -6.18
C MET C 231 -0.01 29.52 -5.08
N GLN C 232 -0.85 30.50 -5.43
CA GLN C 232 -1.64 31.23 -4.46
C GLN C 232 -3.13 31.13 -4.81
N VAL C 233 -3.97 31.16 -3.77
CA VAL C 233 -5.41 31.25 -3.99
C VAL C 233 -5.77 32.62 -4.51
N ILE C 234 -5.22 33.67 -3.90
CA ILE C 234 -5.43 35.04 -4.35
C ILE C 234 -4.11 35.66 -4.79
N PRO C 235 -3.90 35.89 -6.09
CA PRO C 235 -2.67 36.54 -6.53
C PRO C 235 -2.71 38.04 -6.26
N GLY C 236 -1.52 38.60 -6.05
CA GLY C 236 -1.43 40.02 -5.80
C GLY C 236 0.01 40.49 -5.80
N GLY C 237 0.19 41.74 -5.38
CA GLY C 237 1.50 42.37 -5.36
C GLY C 237 1.87 43.09 -6.63
N ALA C 238 1.10 42.95 -7.70
CA ALA C 238 1.36 43.58 -8.97
C ALA C 238 0.08 43.57 -9.79
N SER C 239 0.16 44.06 -11.03
CA SER C 239 -0.98 44.10 -11.93
C SER C 239 -0.61 43.37 -13.21
N ALA C 240 -1.26 42.24 -13.47
CA ALA C 240 -1.01 41.44 -14.66
C ALA C 240 -1.99 40.28 -14.66
N ARG C 241 -2.15 39.67 -15.83
CA ARG C 241 -2.98 38.47 -15.96
C ARG C 241 -2.26 37.29 -15.33
N PRO C 242 -2.81 36.70 -14.27
CA PRO C 242 -2.19 35.51 -13.69
C PRO C 242 -2.53 34.26 -14.50
N PHE C 243 -1.67 33.25 -14.36
CA PHE C 243 -1.95 31.92 -14.88
C PHE C 243 -2.88 31.19 -13.91
N ILE C 244 -3.83 30.45 -14.46
CA ILE C 244 -4.81 29.72 -13.67
C ILE C 244 -4.63 28.22 -13.94
N THR C 245 -4.69 27.43 -12.88
CA THR C 245 -4.62 25.98 -12.97
C THR C 245 -5.60 25.40 -11.96
N HIS C 246 -5.70 24.07 -11.95
CA HIS C 246 -6.65 23.38 -11.07
C HIS C 246 -5.93 22.33 -10.25
N HIS C 247 -6.14 22.36 -8.94
CA HIS C 247 -5.66 21.31 -8.04
C HIS C 247 -6.74 20.25 -7.92
N ASN C 248 -6.42 19.02 -8.35
CA ASN C 248 -7.46 17.99 -8.40
C ASN C 248 -7.86 17.53 -7.01
N ALA C 249 -6.88 17.30 -6.13
CA ALA C 249 -7.19 16.72 -4.82
C ALA C 249 -8.07 17.64 -3.99
N LEU C 250 -7.88 18.95 -4.08
CA LEU C 250 -8.66 19.91 -3.32
C LEU C 250 -9.79 20.53 -4.11
N ASP C 251 -9.93 20.18 -5.39
CA ASP C 251 -10.95 20.78 -6.27
C ASP C 251 -10.87 22.31 -6.23
N LEU C 252 -9.66 22.83 -6.18
CA LEU C 252 -9.41 24.27 -6.06
C LEU C 252 -8.72 24.78 -7.31
N ASP C 253 -9.25 25.87 -7.88
CA ASP C 253 -8.54 26.59 -8.91
C ASP C 253 -7.56 27.56 -8.26
N MET C 254 -6.30 27.47 -8.63
CA MET C 254 -5.26 28.29 -8.04
C MET C 254 -4.46 29.03 -9.11
N TYR C 255 -3.87 30.15 -8.70
CA TYR C 255 -3.16 31.05 -9.59
C TYR C 255 -1.67 30.98 -9.36
N LEU C 256 -0.90 31.13 -10.43
CA LEU C 256 0.55 31.20 -10.33
C LEU C 256 0.96 32.57 -9.83
N ARG C 257 2.00 32.60 -8.99
CA ARG C 257 2.44 33.84 -8.35
C ARG C 257 2.80 34.89 -9.37
N ILE C 258 2.18 36.07 -9.25
CA ILE C 258 2.64 37.23 -10.01
C ILE C 258 3.61 38.10 -9.22
N ALA C 259 3.76 37.87 -7.91
CA ALA C 259 4.66 38.59 -7.02
C ALA C 259 4.62 38.00 -5.61
N PRO C 260 5.78 37.85 -4.97
CA PRO C 260 5.84 37.40 -3.56
C PRO C 260 5.34 38.42 -2.54
N GLU C 261 5.09 39.66 -2.96
CA GLU C 261 4.99 40.80 -2.05
C GLU C 261 4.12 40.53 -0.82
N LEU C 262 2.89 40.05 -1.02
CA LEU C 262 1.95 39.97 0.10
C LEU C 262 2.44 38.97 1.16
N TYR C 263 2.98 37.83 0.72
CA TYR C 263 3.45 36.84 1.68
C TYR C 263 4.72 37.31 2.38
N LEU C 264 5.60 38.01 1.66
CA LEU C 264 6.82 38.52 2.29
C LEU C 264 6.49 39.54 3.36
N LYS C 265 5.56 40.46 3.08
CA LYS C 265 5.17 41.41 4.12
C LYS C 265 4.43 40.72 5.26
N ARG C 266 3.63 39.71 4.95
CA ARG C 266 3.09 38.85 6.00
C ARG C 266 4.19 38.34 6.90
N LEU C 267 5.31 37.91 6.32
CA LEU C 267 6.43 37.45 7.14
C LEU C 267 7.10 38.58 7.88
N VAL C 268 6.99 39.82 7.41
CA VAL C 268 7.54 40.92 8.19
C VAL C 268 6.67 41.18 9.41
N VAL C 269 5.35 41.00 9.28
CA VAL C 269 4.49 41.04 10.45
C VAL C 269 4.91 39.97 11.45
N GLY C 270 5.28 38.78 10.95
CA GLY C 270 5.71 37.69 11.79
C GLY C 270 6.99 37.96 12.56
N GLY C 271 7.69 39.05 12.24
CA GLY C 271 8.90 39.41 12.95
C GLY C 271 10.18 39.21 12.16
N PHE C 272 10.14 38.76 10.92
CA PHE C 272 11.35 38.74 10.09
C PHE C 272 11.41 40.10 9.42
N GLU C 273 12.28 40.95 9.93
CA GLU C 273 12.28 42.36 9.56
C GLU C 273 13.25 42.67 8.43
N ARG C 274 14.10 41.72 8.06
CA ARG C 274 14.90 41.80 6.84
C ARG C 274 14.69 40.51 6.08
N VAL C 275 13.99 40.57 4.95
CA VAL C 275 13.70 39.38 4.16
C VAL C 275 13.92 39.69 2.70
N PHE C 276 14.22 38.65 1.93
CA PHE C 276 14.25 38.80 0.48
C PHE C 276 14.01 37.44 -0.15
N GLU C 277 13.56 37.47 -1.40
CA GLU C 277 13.33 36.27 -2.19
C GLU C 277 13.79 36.54 -3.62
N ILE C 278 14.71 35.73 -4.11
CA ILE C 278 15.12 35.75 -5.51
C ILE C 278 14.56 34.48 -6.14
N ASN C 279 13.49 34.61 -6.91
CA ASN C 279 12.78 33.44 -7.41
C ASN C 279 11.86 33.88 -8.53
N ARG C 280 11.19 32.92 -9.15
CA ARG C 280 10.51 33.18 -10.41
C ARG C 280 9.06 33.57 -10.21
N ASN C 281 8.62 34.54 -11.00
CA ASN C 281 7.24 35.00 -11.05
C ASN C 281 6.69 34.73 -12.45
N PHE C 282 5.38 34.50 -12.50
CA PHE C 282 4.68 34.11 -13.73
C PHE C 282 3.60 35.13 -14.03
N ARG C 283 3.59 35.61 -15.28
CA ARG C 283 2.57 36.54 -15.74
C ARG C 283 2.17 36.16 -17.15
N ASN C 284 0.89 36.33 -17.47
CA ASN C 284 0.38 36.04 -18.81
C ASN C 284 0.48 37.33 -19.62
N GLU C 285 1.49 37.41 -20.48
CA GLU C 285 1.76 38.67 -21.16
C GLU C 285 1.95 38.49 -22.66
N GLY C 286 3.11 37.97 -23.01
CA GLY C 286 3.52 37.81 -24.39
C GLY C 286 5.03 37.87 -24.46
N ILE C 287 5.55 37.51 -25.62
CA ILE C 287 6.99 37.49 -25.83
C ILE C 287 7.38 38.85 -26.40
N SER C 288 8.24 39.56 -25.67
CA SER C 288 8.77 40.84 -26.09
C SER C 288 10.27 40.86 -25.84
N VAL C 289 10.91 41.95 -26.22
CA VAL C 289 12.35 42.08 -26.00
C VAL C 289 12.65 42.09 -24.50
N ARG C 290 11.79 42.76 -23.73
CA ARG C 290 11.97 42.88 -22.28
C ARG C 290 11.10 41.92 -21.48
N HIS C 291 10.32 41.04 -22.13
CA HIS C 291 9.33 40.24 -21.43
C HIS C 291 9.52 38.75 -21.66
N ASN C 292 9.24 37.96 -20.62
CA ASN C 292 9.16 36.52 -20.68
C ASN C 292 8.02 36.14 -19.74
N PRO C 293 7.23 35.11 -20.09
CA PRO C 293 6.12 34.74 -19.21
C PRO C 293 6.55 34.32 -17.82
N GLU C 294 7.74 33.73 -17.66
CA GLU C 294 8.29 33.38 -16.36
C GLU C 294 9.65 34.05 -16.22
N PHE C 295 9.82 34.87 -15.18
CA PHE C 295 11.04 35.65 -15.05
C PHE C 295 11.47 35.70 -13.59
N THR C 296 12.76 35.95 -13.38
CA THR C 296 13.33 35.96 -12.04
C THR C 296 13.24 37.35 -11.42
N MET C 297 12.86 37.38 -10.15
CA MET C 297 12.56 38.59 -9.40
C MET C 297 13.26 38.54 -8.06
N MET C 298 13.75 39.69 -7.60
CA MET C 298 14.19 39.82 -6.22
C MET C 298 13.25 40.78 -5.51
N GLU C 299 12.78 40.39 -4.32
CA GLU C 299 11.97 41.26 -3.51
C GLU C 299 12.52 41.26 -2.10
N LEU C 300 12.93 42.43 -1.61
CA LEU C 300 13.43 42.56 -0.26
C LEU C 300 12.57 43.55 0.51
N TYR C 301 12.48 43.34 1.82
CA TYR C 301 11.75 44.21 2.72
C TYR C 301 12.57 44.38 3.99
N MET C 302 12.77 45.63 4.39
CA MET C 302 13.41 45.95 5.66
C MET C 302 12.52 46.92 6.43
N ALA C 303 12.18 46.54 7.66
CA ALA C 303 11.36 47.37 8.53
C ALA C 303 12.17 48.55 9.07
N TYR C 304 11.45 49.57 9.52
CA TYR C 304 12.06 50.78 10.08
C TYR C 304 12.97 51.45 9.06
N ALA C 305 12.44 51.66 7.85
CA ALA C 305 13.16 52.31 6.76
C ALA C 305 12.14 52.86 5.77
N ASP C 306 12.61 53.77 4.92
CA ASP C 306 11.78 54.36 3.87
C ASP C 306 12.48 54.16 2.52
N TYR C 307 11.82 54.64 1.46
CA TYR C 307 12.30 54.33 0.11
C TYR C 307 13.64 54.99 -0.21
N HIS C 308 14.01 56.05 0.50
CA HIS C 308 15.33 56.64 0.28
C HIS C 308 16.43 55.65 0.63
N ASP C 309 16.26 54.92 1.74
CA ASP C 309 17.21 53.88 2.09
C ASP C 309 17.30 52.82 0.99
N LEU C 310 16.20 52.56 0.28
CA LEU C 310 16.25 51.63 -0.84
C LEU C 310 16.91 52.25 -2.06
N ILE C 311 16.85 53.57 -2.22
CA ILE C 311 17.59 54.22 -3.30
C ILE C 311 19.09 54.04 -3.08
N GLU C 312 19.56 54.38 -1.87
CA GLU C 312 20.98 54.18 -1.60
C GLU C 312 21.36 52.70 -1.62
N LEU C 313 20.42 51.83 -1.23
CA LEU C 313 20.67 50.39 -1.32
C LEU C 313 20.85 49.97 -2.77
N THR C 314 20.05 50.52 -3.68
CA THR C 314 20.14 50.17 -5.09
C THR C 314 21.46 50.67 -5.70
N GLU C 315 21.81 51.93 -5.44
CA GLU C 315 23.07 52.45 -5.95
C GLU C 315 24.25 51.63 -5.45
N SER C 316 24.28 51.33 -4.15
CA SER C 316 25.34 50.47 -3.63
C SER C 316 25.30 49.09 -4.25
N LEU C 317 24.10 48.59 -4.57
CA LEU C 317 23.98 47.28 -5.19
C LEU C 317 24.67 47.25 -6.55
N PHE C 318 24.30 48.18 -7.43
CA PHE C 318 24.84 48.17 -8.78
C PHE C 318 26.33 48.50 -8.79
N ARG C 319 26.76 49.42 -7.92
CA ARG C 319 28.19 49.69 -7.82
C ARG C 319 28.96 48.45 -7.37
N THR C 320 28.41 47.72 -6.39
CA THR C 320 29.09 46.53 -5.88
C THR C 320 29.16 45.43 -6.92
N LEU C 321 28.03 45.13 -7.56
CA LEU C 321 28.05 44.10 -8.61
C LEU C 321 28.98 44.50 -9.76
N ALA C 322 28.96 45.78 -10.14
CA ALA C 322 29.81 46.21 -11.25
C ALA C 322 31.29 46.06 -10.89
N GLN C 323 31.65 46.40 -9.66
CA GLN C 323 33.05 46.29 -9.26
C GLN C 323 33.47 44.82 -9.14
N GLU C 324 32.60 43.97 -8.57
CA GLU C 324 32.99 42.58 -8.31
C GLU C 324 33.00 41.74 -9.58
N VAL C 325 31.95 41.84 -10.40
CA VAL C 325 31.81 40.98 -11.56
C VAL C 325 32.62 41.51 -12.75
N LEU C 326 32.49 42.80 -13.06
CA LEU C 326 33.12 43.37 -14.25
C LEU C 326 34.43 44.10 -13.96
N GLY C 327 34.86 44.18 -12.72
CA GLY C 327 36.15 44.77 -12.40
C GLY C 327 36.23 46.28 -12.50
N THR C 328 35.19 46.95 -12.97
CA THR C 328 35.18 48.41 -13.04
C THR C 328 33.76 48.92 -12.77
N THR C 329 33.65 50.20 -12.42
CA THR C 329 32.33 50.80 -12.26
C THR C 329 31.69 51.14 -13.60
N LYS C 330 32.50 51.39 -14.63
CA LYS C 330 32.00 51.77 -15.95
C LYS C 330 31.65 50.53 -16.76
N VAL C 331 30.39 50.42 -17.17
CA VAL C 331 29.88 49.28 -17.91
C VAL C 331 29.45 49.76 -19.29
N THR C 332 29.93 49.08 -20.33
CA THR C 332 29.58 49.40 -21.70
C THR C 332 28.34 48.60 -22.10
N TYR C 333 27.27 49.31 -22.43
CA TYR C 333 26.03 48.69 -22.87
C TYR C 333 25.60 49.31 -24.18
N GLY C 334 25.67 48.54 -25.26
CA GLY C 334 25.36 49.07 -26.58
C GLY C 334 26.29 50.22 -26.96
N GLU C 335 25.68 51.35 -27.32
CA GLU C 335 26.39 52.56 -27.69
C GLU C 335 26.59 53.50 -26.51
N HIS C 336 26.27 53.07 -25.29
CA HIS C 336 26.30 53.92 -24.12
C HIS C 336 27.30 53.39 -23.11
N VAL C 337 27.67 54.25 -22.16
CA VAL C 337 28.52 53.85 -21.05
C VAL C 337 27.85 54.28 -19.75
N PHE C 338 27.47 53.29 -18.93
CA PHE C 338 26.88 53.53 -17.62
C PHE C 338 27.99 53.61 -16.58
N ASP C 339 27.93 54.63 -15.72
CA ASP C 339 28.88 54.76 -14.62
C ASP C 339 28.12 54.53 -13.32
N PHE C 340 28.35 53.37 -12.71
CA PHE C 340 27.64 53.02 -11.49
C PHE C 340 28.37 53.51 -10.24
N GLY C 341 29.55 54.11 -10.40
CA GLY C 341 30.17 54.85 -9.33
C GLY C 341 29.61 56.23 -9.13
N LYS C 342 28.81 56.68 -10.09
CA LYS C 342 28.07 57.94 -10.12
C LYS C 342 26.67 57.72 -9.56
N PRO C 343 26.17 58.61 -8.70
CA PRO C 343 24.79 58.48 -8.22
C PRO C 343 23.81 58.61 -9.38
N PHE C 344 22.68 57.93 -9.25
CA PHE C 344 21.70 57.89 -10.32
C PHE C 344 20.94 59.21 -10.43
N GLU C 345 20.34 59.43 -11.59
CA GLU C 345 19.54 60.62 -11.81
C GLU C 345 18.20 60.48 -11.09
N LYS C 346 17.78 61.56 -10.42
CA LYS C 346 16.53 61.57 -9.67
C LYS C 346 15.56 62.56 -10.29
N LEU C 347 14.35 62.10 -10.60
CA LEU C 347 13.28 62.94 -11.11
C LEU C 347 11.96 62.49 -10.52
N THR C 348 10.99 63.37 -10.52
CA THR C 348 9.63 62.95 -10.25
C THR C 348 9.01 62.47 -11.56
N MET C 349 7.74 62.03 -11.49
CA MET C 349 7.07 61.59 -12.70
C MET C 349 6.70 62.79 -13.56
N ARG C 350 6.16 63.84 -12.93
CA ARG C 350 5.81 65.05 -13.68
C ARG C 350 7.05 65.75 -14.21
N GLU C 351 8.16 65.71 -13.47
CA GLU C 351 9.40 66.30 -13.96
C GLU C 351 9.91 65.55 -15.20
N ALA C 352 9.63 64.25 -15.30
CA ALA C 352 10.02 63.51 -16.49
C ALA C 352 9.08 63.78 -17.65
N ILE C 353 7.78 63.90 -17.37
CA ILE C 353 6.81 64.23 -18.42
C ILE C 353 7.12 65.60 -19.02
N LYS C 354 7.41 66.58 -18.15
CA LYS C 354 7.73 67.92 -18.64
C LYS C 354 9.13 67.98 -19.21
N LYS C 355 10.05 67.13 -18.74
CA LYS C 355 11.41 67.17 -19.25
C LYS C 355 11.47 66.64 -20.67
N TYR C 356 10.82 65.51 -20.92
CA TYR C 356 10.87 64.89 -22.23
C TYR C 356 9.71 65.29 -23.13
N ARG C 357 8.80 66.14 -22.66
CA ARG C 357 7.78 66.76 -23.50
C ARG C 357 7.57 68.19 -22.99
N PRO C 358 8.48 69.10 -23.31
CA PRO C 358 8.42 70.44 -22.70
C PRO C 358 7.21 71.26 -23.13
N GLU C 359 6.59 70.95 -24.26
CA GLU C 359 5.39 71.67 -24.71
C GLU C 359 4.15 71.32 -23.89
N THR C 360 4.25 70.38 -22.97
CA THR C 360 3.10 69.97 -22.17
C THR C 360 2.68 71.07 -21.21
N ASP C 361 1.39 71.30 -21.10
CA ASP C 361 0.82 72.16 -20.08
C ASP C 361 0.54 71.30 -18.86
N MET C 362 1.26 71.56 -17.76
CA MET C 362 1.16 70.68 -16.60
C MET C 362 -0.17 70.82 -15.87
N ALA C 363 -1.01 71.79 -16.25
CA ALA C 363 -2.34 71.89 -15.66
C ALA C 363 -3.29 70.84 -16.23
N ASP C 364 -3.01 70.31 -17.42
CA ASP C 364 -3.87 69.29 -18.01
C ASP C 364 -3.83 67.99 -17.22
N LEU C 365 -2.81 67.78 -16.40
CA LEU C 365 -2.69 66.58 -15.59
C LEU C 365 -3.44 66.68 -14.27
N ASP C 366 -4.06 67.81 -13.98
CA ASP C 366 -4.88 67.97 -12.78
C ASP C 366 -6.36 67.75 -13.04
N ASN C 367 -6.76 67.55 -14.29
CA ASN C 367 -8.16 67.39 -14.67
C ASN C 367 -8.32 66.14 -15.52
N PHE C 368 -9.40 65.39 -15.25
CA PHE C 368 -9.57 64.10 -15.92
C PHE C 368 -9.74 64.26 -17.43
N ASP C 369 -10.55 65.23 -17.84
CA ASP C 369 -10.84 65.38 -19.27
C ASP C 369 -9.62 65.89 -20.04
N ALA C 370 -8.91 66.87 -19.46
CA ALA C 370 -7.71 67.38 -20.11
C ALA C 370 -6.63 66.32 -20.20
N ALA C 371 -6.47 65.52 -19.14
CA ALA C 371 -5.46 64.48 -19.15
C ALA C 371 -5.83 63.36 -20.13
N LYS C 372 -7.11 63.01 -20.20
CA LYS C 372 -7.53 61.97 -21.14
C LYS C 372 -7.35 62.43 -22.57
N ALA C 373 -7.75 63.67 -22.86
CA ALA C 373 -7.51 64.25 -24.18
C ALA C 373 -6.03 64.27 -24.51
N LEU C 374 -5.19 64.58 -23.52
CA LEU C 374 -3.75 64.60 -23.73
C LEU C 374 -3.22 63.22 -24.10
N ALA C 375 -3.54 62.21 -23.29
CA ALA C 375 -3.10 60.85 -23.58
C ALA C 375 -3.56 60.41 -24.96
N GLU C 376 -4.79 60.74 -25.31
CA GLU C 376 -5.25 60.47 -26.67
C GLU C 376 -4.40 61.18 -27.71
N SER C 377 -4.00 62.43 -27.44
CA SER C 377 -3.13 63.17 -28.35
C SER C 377 -1.79 62.47 -28.52
N ILE C 378 -1.31 61.81 -27.46
CA ILE C 378 -0.09 61.02 -27.58
C ILE C 378 -0.35 59.73 -28.35
N GLY C 379 -1.59 59.24 -28.36
CA GLY C 379 -1.92 57.97 -28.95
C GLY C 379 -2.20 56.85 -27.98
N ILE C 380 -2.40 57.17 -26.70
CA ILE C 380 -2.79 56.18 -25.71
C ILE C 380 -4.28 55.90 -25.84
N THR C 381 -4.64 54.62 -25.80
CA THR C 381 -6.05 54.22 -25.79
C THR C 381 -6.49 54.07 -24.34
N VAL C 382 -7.38 54.96 -23.91
CA VAL C 382 -7.86 54.98 -22.54
C VAL C 382 -8.99 53.98 -22.37
N GLU C 383 -9.07 53.35 -21.20
CA GLU C 383 -10.13 52.42 -20.85
C GLU C 383 -11.07 53.03 -19.82
N LYS C 384 -12.31 52.54 -19.83
CA LYS C 384 -13.32 53.07 -18.92
C LYS C 384 -12.88 52.98 -17.47
N SER C 385 -12.07 51.98 -17.13
CA SER C 385 -11.64 51.76 -15.75
C SER C 385 -10.54 52.73 -15.31
N TRP C 386 -9.99 53.52 -16.22
CA TRP C 386 -8.84 54.36 -15.90
C TRP C 386 -9.28 55.64 -15.19
N GLY C 387 -8.59 55.96 -14.10
CA GLY C 387 -8.74 57.23 -13.42
C GLY C 387 -7.64 58.21 -13.77
N LEU C 388 -7.67 59.35 -13.10
CA LEU C 388 -6.73 60.43 -13.43
C LEU C 388 -5.28 59.96 -13.29
N GLY C 389 -4.94 59.38 -12.13
CA GLY C 389 -3.57 58.95 -11.89
C GLY C 389 -3.10 57.91 -12.90
N ARG C 390 -4.00 57.03 -13.33
CA ARG C 390 -3.65 56.05 -14.36
C ARG C 390 -3.30 56.74 -15.67
N ILE C 391 -4.10 57.74 -16.07
CA ILE C 391 -3.81 58.48 -17.29
C ILE C 391 -2.46 59.16 -17.18
N VAL C 392 -2.19 59.81 -16.05
CA VAL C 392 -0.91 60.47 -15.88
C VAL C 392 0.25 59.47 -15.98
N THR C 393 0.09 58.30 -15.36
CA THR C 393 1.15 57.30 -15.39
C THR C 393 1.39 56.77 -16.80
N GLU C 394 0.32 56.55 -17.56
CA GLU C 394 0.47 56.07 -18.93
C GLU C 394 1.08 57.14 -19.83
N ILE C 395 0.72 58.41 -19.60
CA ILE C 395 1.39 59.51 -20.28
C ILE C 395 2.89 59.48 -19.99
N PHE C 396 3.25 59.27 -18.73
CA PHE C 396 4.66 59.12 -18.37
C PHE C 396 5.31 57.98 -19.13
N ASP C 397 4.59 56.86 -19.26
CA ASP C 397 5.17 55.70 -19.95
C ASP C 397 5.43 56.03 -21.42
N GLU C 398 4.48 56.68 -22.10
CA GLU C 398 4.66 56.96 -23.52
C GLU C 398 5.69 58.04 -23.76
N VAL C 399 5.75 59.04 -22.88
CA VAL C 399 6.61 60.20 -23.10
C VAL C 399 8.04 59.93 -22.67
N ALA C 400 8.22 59.29 -21.51
CA ALA C 400 9.47 59.31 -20.76
C ALA C 400 10.26 58.01 -20.87
N GLU C 401 9.64 56.89 -20.50
CA GLU C 401 10.36 55.64 -20.23
C GLU C 401 11.42 55.33 -21.29
N ALA C 402 11.05 55.44 -22.57
CA ALA C 402 11.98 55.07 -23.62
C ALA C 402 13.22 55.97 -23.67
N HIS C 403 13.16 57.14 -23.02
CA HIS C 403 14.27 58.09 -23.05
C HIS C 403 15.17 58.00 -21.83
N LEU C 404 14.88 57.14 -20.87
CA LEU C 404 15.70 57.07 -19.67
C LEU C 404 16.75 55.98 -19.90
N ILE C 405 17.98 56.40 -20.16
CA ILE C 405 19.05 55.50 -20.58
C ILE C 405 20.00 55.31 -19.42
N GLN C 406 20.63 56.41 -18.98
CA GLN C 406 21.37 56.40 -17.73
C GLN C 406 20.43 56.03 -16.57
N PRO C 407 20.95 55.38 -15.53
CA PRO C 407 20.09 54.95 -14.43
C PRO C 407 19.38 56.14 -13.80
N THR C 408 18.07 56.01 -13.64
CA THR C 408 17.24 57.12 -13.21
C THR C 408 16.15 56.63 -12.26
N PHE C 409 15.94 57.38 -11.17
CA PHE C 409 14.86 57.13 -10.22
C PHE C 409 13.71 58.07 -10.51
N ILE C 410 12.50 57.52 -10.57
CA ILE C 410 11.28 58.30 -10.80
C ILE C 410 10.40 58.16 -9.57
N THR C 411 10.06 59.30 -8.97
CA THR C 411 9.35 59.32 -7.69
C THR C 411 7.96 59.95 -7.86
N GLU C 412 7.23 59.99 -6.75
CA GLU C 412 5.89 60.61 -6.67
C GLU C 412 4.92 59.99 -7.69
N TYR C 413 4.55 58.72 -7.41
CA TYR C 413 3.55 58.01 -8.20
C TYR C 413 2.15 58.21 -7.61
N PRO C 414 1.12 58.23 -8.45
CA PRO C 414 -0.25 58.37 -7.94
C PRO C 414 -0.69 57.15 -7.17
N ALA C 415 -1.63 57.35 -6.25
CA ALA C 415 -2.10 56.25 -5.42
C ALA C 415 -2.95 55.25 -6.20
N GLU C 416 -3.46 55.63 -7.36
CA GLU C 416 -4.32 54.73 -8.12
C GLU C 416 -3.52 53.56 -8.68
N VAL C 417 -2.29 53.81 -9.11
CA VAL C 417 -1.43 52.77 -9.65
C VAL C 417 -0.47 52.19 -8.61
N SER C 418 -0.61 52.60 -7.34
CA SER C 418 0.27 52.15 -6.26
C SER C 418 -0.57 51.71 -5.07
N PRO C 419 -1.33 50.62 -5.19
CA PRO C 419 -2.24 50.25 -4.11
C PRO C 419 -1.55 49.82 -2.82
N LEU C 420 -0.33 49.31 -2.90
CA LEU C 420 0.39 48.78 -1.75
C LEU C 420 1.39 49.78 -1.15
N ALA C 421 1.43 51.02 -1.62
CA ALA C 421 2.44 51.98 -1.20
C ALA C 421 1.87 52.98 -0.18
N ARG C 422 2.74 53.39 0.74
CA ARG C 422 2.36 54.34 1.77
C ARG C 422 2.07 55.72 1.17
N ARG C 423 1.00 56.35 1.63
CA ARG C 423 0.63 57.66 1.13
C ARG C 423 1.60 58.74 1.63
N ASN C 424 1.85 59.73 0.78
CA ASN C 424 2.68 60.86 1.16
C ASN C 424 1.99 61.69 2.24
N ASP C 425 2.80 62.43 3.01
CA ASP C 425 2.25 63.22 4.11
C ASP C 425 1.65 64.53 3.61
N VAL C 426 2.29 65.18 2.63
CA VAL C 426 1.82 66.46 2.12
C VAL C 426 0.73 66.28 1.07
N ASN C 427 0.83 65.25 0.24
CA ASN C 427 -0.10 65.03 -0.87
C ASN C 427 -0.72 63.64 -0.74
N PRO C 428 -1.89 63.52 -0.12
CA PRO C 428 -2.51 62.19 0.04
C PRO C 428 -2.82 61.49 -1.26
N GLU C 429 -2.87 62.19 -2.39
CA GLU C 429 -3.20 61.56 -3.66
C GLU C 429 -2.01 60.87 -4.31
N ILE C 430 -0.80 61.05 -3.79
CA ILE C 430 0.39 60.38 -4.28
C ILE C 430 1.00 59.56 -3.15
N THR C 431 1.83 58.60 -3.52
CA THR C 431 2.43 57.67 -2.58
C THR C 431 3.95 57.79 -2.64
N ASP C 432 4.62 57.29 -1.60
CA ASP C 432 6.07 57.38 -1.52
C ASP C 432 6.60 56.14 -2.21
N ARG C 433 7.09 56.31 -3.44
CA ARG C 433 7.36 55.22 -4.33
C ARG C 433 8.32 55.71 -5.40
N PHE C 434 9.05 54.77 -6.01
CA PHE C 434 9.90 55.10 -7.13
C PHE C 434 10.02 53.89 -8.03
N GLU C 435 10.18 54.16 -9.32
CA GLU C 435 10.57 53.14 -10.28
C GLU C 435 11.92 53.53 -10.86
N PHE C 436 12.71 52.52 -11.19
CA PHE C 436 14.14 52.69 -11.40
C PHE C 436 14.46 52.14 -12.78
N PHE C 437 14.87 53.03 -13.69
CA PHE C 437 14.99 52.74 -15.12
C PHE C 437 16.44 52.79 -15.56
N ILE C 438 16.82 51.87 -16.45
CA ILE C 438 18.12 51.87 -17.11
C ILE C 438 17.92 51.44 -18.56
N GLY C 439 18.68 52.06 -19.46
CA GLY C 439 18.68 51.67 -20.85
C GLY C 439 17.32 51.70 -21.52
N GLY C 440 16.49 52.68 -21.14
CA GLY C 440 15.18 52.78 -21.74
C GLY C 440 14.17 51.77 -21.28
N ARG C 441 14.49 50.98 -20.26
CA ARG C 441 13.56 49.99 -19.74
C ARG C 441 13.52 50.09 -18.22
N GLU C 442 12.45 49.55 -17.64
CA GLU C 442 12.33 49.47 -16.19
C GLU C 442 13.13 48.30 -15.67
N ILE C 443 13.84 48.53 -14.57
CA ILE C 443 14.64 47.50 -13.91
C ILE C 443 13.99 47.04 -12.62
N GLY C 444 13.76 47.97 -11.70
CA GLY C 444 13.15 47.64 -10.44
C GLY C 444 12.23 48.76 -9.98
N ASN C 445 11.50 48.47 -8.92
CA ASN C 445 10.56 49.40 -8.32
C ASN C 445 10.58 49.18 -6.82
N GLY C 446 10.48 50.25 -6.06
CA GLY C 446 10.50 50.16 -4.61
C GLY C 446 9.72 51.28 -3.99
N PHE C 447 9.22 51.04 -2.79
CA PHE C 447 8.37 52.01 -2.11
C PHE C 447 8.42 51.77 -0.61
N SER C 448 7.94 52.77 0.13
CA SER C 448 7.62 52.60 1.55
C SER C 448 6.28 51.89 1.64
N GLU C 449 6.27 50.72 2.29
CA GLU C 449 5.09 49.88 2.27
C GLU C 449 3.96 50.51 3.09
N LEU C 450 2.74 50.17 2.72
CA LEU C 450 1.55 50.71 3.37
C LEU C 450 1.20 49.81 4.55
N ASN C 451 1.39 50.33 5.77
CA ASN C 451 1.06 49.63 7.00
C ASN C 451 -0.31 50.02 7.53
N ASP C 452 -1.06 50.86 6.81
CA ASP C 452 -2.41 51.25 7.20
C ASP C 452 -3.39 50.17 6.74
N ALA C 453 -4.14 49.60 7.68
CA ALA C 453 -5.04 48.51 7.34
C ALA C 453 -6.27 48.99 6.57
N GLU C 454 -6.97 50.00 7.11
CA GLU C 454 -8.18 50.48 6.46
C GLU C 454 -7.90 50.99 5.06
N ASP C 455 -6.81 51.74 4.89
CA ASP C 455 -6.47 52.29 3.59
C ASP C 455 -6.19 51.18 2.59
N GLN C 456 -5.46 50.14 3.00
CA GLN C 456 -5.20 49.00 2.13
C GLN C 456 -6.50 48.31 1.73
N ALA C 457 -7.40 48.11 2.71
CA ALA C 457 -8.69 47.51 2.39
C ALA C 457 -9.43 48.33 1.34
N GLU C 458 -9.48 49.65 1.52
CA GLU C 458 -10.20 50.51 0.58
C GLU C 458 -9.58 50.45 -0.81
N ARG C 459 -8.24 50.49 -0.90
CA ARG C 459 -7.60 50.43 -2.21
C ARG C 459 -7.84 49.08 -2.88
N PHE C 460 -7.88 48.01 -2.08
CA PHE C 460 -8.30 46.72 -2.61
C PHE C 460 -9.71 46.79 -3.18
N GLN C 461 -10.62 47.45 -2.46
CA GLN C 461 -11.98 47.64 -2.97
C GLN C 461 -11.97 48.34 -4.31
N GLU C 462 -11.17 49.40 -4.42
CA GLU C 462 -11.07 50.12 -5.70
C GLU C 462 -10.50 49.22 -6.80
N GLN C 463 -9.58 48.31 -6.45
CA GLN C 463 -9.05 47.40 -7.44
C GLN C 463 -10.10 46.39 -7.89
N VAL C 464 -10.96 45.96 -6.98
CA VAL C 464 -12.07 45.07 -7.36
C VAL C 464 -13.03 45.81 -8.28
N ASN C 465 -13.34 47.06 -7.95
CA ASN C 465 -14.15 47.90 -8.85
C ASN C 465 -13.50 48.00 -10.22
N ALA C 466 -12.17 48.13 -10.25
CA ALA C 466 -11.46 48.23 -11.52
C ALA C 466 -11.59 46.94 -12.32
N LYS C 467 -11.47 45.79 -11.66
CA LYS C 467 -11.67 44.52 -12.37
C LYS C 467 -13.09 44.43 -12.92
N ALA C 468 -14.08 44.81 -12.10
CA ALA C 468 -15.46 44.82 -12.57
C ALA C 468 -15.64 45.77 -13.75
N ALA C 469 -14.82 46.82 -13.83
CA ALA C 469 -14.93 47.83 -14.86
C ALA C 469 -14.22 47.44 -16.16
N GLY C 470 -13.69 46.22 -16.25
CA GLY C 470 -13.11 45.73 -17.48
C GLY C 470 -11.60 45.54 -17.47
N ASP C 471 -10.90 45.97 -16.42
CA ASP C 471 -9.45 45.84 -16.38
C ASP C 471 -9.11 44.50 -15.73
N ASP C 472 -8.62 43.57 -16.55
CA ASP C 472 -8.32 42.22 -16.08
C ASP C 472 -6.92 42.10 -15.49
N GLU C 473 -6.17 43.20 -15.45
CA GLU C 473 -4.90 43.24 -14.72
C GLU C 473 -5.08 43.69 -13.27
N ALA C 474 -6.27 44.14 -12.90
CA ALA C 474 -6.51 44.63 -11.56
C ALA C 474 -6.39 43.50 -10.54
N MET C 475 -6.06 43.86 -9.30
CA MET C 475 -5.82 42.87 -8.27
C MET C 475 -7.15 42.31 -7.74
N PHE C 476 -7.04 41.34 -6.83
CA PHE C 476 -8.18 40.81 -6.11
C PHE C 476 -8.20 41.38 -4.70
N TYR C 477 -9.23 41.01 -3.94
CA TYR C 477 -9.31 41.41 -2.54
C TYR C 477 -8.74 40.29 -1.69
N ASP C 478 -7.65 40.57 -0.97
CA ASP C 478 -7.01 39.60 -0.09
C ASP C 478 -7.38 39.95 1.35
N GLU C 479 -8.23 39.12 1.96
CA GLU C 479 -8.66 39.38 3.33
C GLU C 479 -7.60 38.98 4.34
N ASP C 480 -6.82 37.94 4.05
CA ASP C 480 -5.80 37.48 4.98
C ASP C 480 -4.70 38.52 5.16
N TYR C 481 -4.26 39.15 4.06
CA TYR C 481 -3.24 40.19 4.16
C TYR C 481 -3.74 41.37 4.97
N VAL C 482 -5.00 41.75 4.76
CA VAL C 482 -5.58 42.81 5.57
C VAL C 482 -5.56 42.41 7.04
N THR C 483 -5.87 41.14 7.33
CA THR C 483 -5.82 40.66 8.70
C THR C 483 -4.42 40.82 9.29
N ALA C 484 -3.39 40.47 8.51
CA ALA C 484 -2.03 40.65 8.99
C ALA C 484 -1.72 42.11 9.27
N LEU C 485 -2.17 43.00 8.38
CA LEU C 485 -1.96 44.42 8.63
C LEU C 485 -2.70 44.89 9.88
N GLU C 486 -3.79 44.21 10.24
CA GLU C 486 -4.48 44.54 11.48
C GLU C 486 -3.75 43.98 12.71
N TYR C 487 -3.01 42.88 12.56
CA TYR C 487 -2.06 42.50 13.60
C TYR C 487 -0.88 43.44 13.64
N GLY C 488 -0.72 44.25 12.59
CA GLY C 488 0.21 45.35 12.52
C GLY C 488 1.52 45.00 11.86
N LEU C 489 1.94 45.88 10.96
CA LEU C 489 3.15 45.74 10.19
C LEU C 489 4.02 46.94 10.51
N PRO C 490 5.21 46.76 11.06
CA PRO C 490 6.06 47.92 11.37
C PRO C 490 6.29 48.76 10.13
N PRO C 491 6.65 50.03 10.28
CA PRO C 491 6.98 50.82 9.08
C PRO C 491 8.10 50.12 8.32
N THR C 492 7.84 49.86 7.04
CA THR C 492 8.70 48.97 6.27
C THR C 492 8.90 49.57 4.88
N ALA C 493 10.11 49.42 4.36
CA ALA C 493 10.40 49.75 2.97
C ALA C 493 10.68 48.46 2.21
N GLY C 494 10.35 48.45 0.93
CA GLY C 494 10.50 47.24 0.13
C GLY C 494 10.82 47.55 -1.30
N LEU C 495 11.50 46.61 -1.94
CA LEU C 495 12.08 46.80 -3.26
C LEU C 495 11.93 45.51 -4.03
N GLY C 496 11.89 45.62 -5.34
CA GLY C 496 11.97 44.45 -6.19
C GLY C 496 12.63 44.82 -7.50
N ILE C 497 13.32 43.85 -8.08
CA ILE C 497 14.15 44.06 -9.25
C ILE C 497 13.95 42.87 -10.17
N GLY C 498 13.64 43.14 -11.44
CA GLY C 498 13.70 42.09 -12.44
C GLY C 498 15.15 41.68 -12.60
N ILE C 499 15.46 40.42 -12.30
CA ILE C 499 16.86 40.00 -12.36
C ILE C 499 17.32 39.88 -13.80
N ASP C 500 16.43 39.38 -14.67
CA ASP C 500 16.79 39.17 -16.07
C ASP C 500 17.20 40.49 -16.73
N ARG C 501 16.47 41.56 -16.46
CA ARG C 501 16.84 42.87 -17.00
C ARG C 501 18.23 43.28 -16.53
N MET C 502 18.51 43.08 -15.23
CA MET C 502 19.81 43.42 -14.69
C MET C 502 20.93 42.66 -15.40
N ILE C 503 20.76 41.34 -15.55
CA ILE C 503 21.78 40.55 -16.24
C ILE C 503 21.89 41.00 -17.69
N MET C 504 20.79 41.45 -18.29
CA MET C 504 20.87 42.08 -19.60
C MET C 504 21.85 43.23 -19.58
N LEU C 505 21.72 44.12 -18.59
CA LEU C 505 22.58 45.29 -18.54
C LEU C 505 24.03 44.90 -18.31
N PHE C 506 24.29 43.83 -17.56
CA PHE C 506 25.67 43.46 -17.28
C PHE C 506 26.32 42.56 -18.34
N THR C 507 25.53 41.91 -19.20
CA THR C 507 26.09 41.07 -20.26
C THR C 507 26.15 41.75 -21.62
N ASN C 508 25.76 43.02 -21.72
CA ASN C 508 25.60 43.72 -23.00
C ASN C 508 24.68 42.94 -23.94
N SER C 509 23.63 42.35 -23.38
CA SER C 509 22.58 41.70 -24.14
C SER C 509 21.42 42.68 -24.28
N HIS C 510 20.93 42.85 -25.51
CA HIS C 510 19.85 43.78 -25.76
C HIS C 510 18.48 43.12 -25.88
N THR C 511 18.42 41.80 -25.77
CA THR C 511 17.15 41.09 -25.65
C THR C 511 17.20 40.19 -24.43
N ILE C 512 16.02 39.97 -23.83
CA ILE C 512 15.97 39.09 -22.66
C ILE C 512 16.16 37.63 -23.06
N ARG C 513 15.91 37.29 -24.34
CA ARG C 513 16.12 35.92 -24.80
C ARG C 513 17.59 35.52 -24.71
N ASP C 514 18.51 36.47 -24.88
CA ASP C 514 19.93 36.15 -24.78
C ASP C 514 20.34 35.80 -23.37
N VAL C 515 19.63 36.32 -22.36
CA VAL C 515 20.02 36.16 -20.98
C VAL C 515 19.23 35.07 -20.24
N ILE C 516 18.24 34.45 -20.87
CA ILE C 516 17.43 33.40 -20.27
C ILE C 516 17.75 32.09 -20.98
N LEU C 517 18.05 31.05 -20.21
CA LEU C 517 18.52 29.80 -20.78
C LEU C 517 17.53 29.23 -21.78
N PHE C 518 16.29 28.96 -21.35
CA PHE C 518 15.26 28.44 -22.25
C PHE C 518 14.04 29.34 -22.20
N PRO C 519 14.05 30.43 -22.97
CA PRO C 519 12.89 31.32 -22.98
C PRO C 519 11.71 30.73 -23.73
N ALA C 520 10.58 31.44 -23.73
CA ALA C 520 9.38 30.97 -24.39
C ALA C 520 9.51 31.16 -25.90
N MET C 521 9.05 30.15 -26.65
CA MET C 521 9.11 30.18 -28.10
C MET C 521 7.71 30.16 -28.68
N ARG C 522 7.63 30.29 -30.00
CA ARG C 522 6.36 30.22 -30.72
C ARG C 522 6.32 28.95 -31.54
N PRO C 523 5.46 27.97 -31.19
CA PRO C 523 5.44 26.65 -31.85
C PRO C 523 5.01 26.74 -33.32
#